data_4WZ8
#
_entry.id   4WZ8
#
_cell.length_a   94.520
_cell.length_b   138.030
_cell.length_c   184.830
_cell.angle_alpha   90.000
_cell.angle_beta   90.000
_cell.angle_gamma   90.000
#
_symmetry.space_group_name_H-M   'P 21 21 21'
#
loop_
_entity.id
_entity.type
_entity.pdbx_description
1 polymer 'Acetyl-CoA carboxylase'
2 non-polymer "1'-(2H-indazol-5-ylcarbonyl)-1-(propan-2-yl)-1,4-dihydrospiro[indazole-5,4'-piperidin]-7(6H)-one"
3 water water
#
_entity_poly.entity_id   1
_entity_poly.type   'polypeptide(L)'
_entity_poly.pdbx_seq_one_letter_code
;MASGSMHLRPIATPYPVKEWLQPKRYKAHLMGTTYVYDFPELFRQASSSQWKNFSADVKLTDDFFISNELIEDENGELTE
VEREPGANAIGMVAFKITVKTPEYPRGRQFVVVANDITFKIGSFGPQEDEFFNKVTEYARKRGIPRIYLAANSGARIGMA
EEIVPLFQVAWNDAANPDKGFQYLYLTSEGMETLKKFDKENSVLTERTVINGEERFVIKTIIGSEDGLGVECLRGSGLIA
GATSRAYHDIFTITLVTCRSVGIGAYLVRLGQRAIQVEGQPIILTGASALNKVLGREVYTSNLQLGGTQIMYNNGVSHLT
AVDDLAGVEKIVEWMSYVPAKRNMPVPILETKDTWDRPVDFTPTNDETYDVRWMIEGRETESGFEYGLFDKGSFFETLSG
WAKGVVVGRARLGGIPLGVIGVETRTVENLIPADPANPNSAETLIQQAGQVWFPNSAFKTAQAINDFNNGEQLPMMILAN
WRGFSGGQRDMFNEVLKYGSFIVDALVDYKQPIIIYIPPTGELRGGSWVVVDPTINADQMEMYADVNARAGVLEPEGTVE
IKFRREKLLDTMNRLDDKYRELRSQLSNKSLAPEVHQQISKQLADRERELLPIYGQISLQFADLHDRSSRMVAKGVISKE
LEWTEARRFFFWRLRRRLNEEYLIKRLSHQVGEASRLEKIARIRSWYPASVDHEDDRQVATWIEENYKTLDDKLKGLKLE
SFAQDLAKKIRSDHDNAIDGLSEVIKMLSTDDKEKLLKTLKLEHHHHHH
;
_entity_poly.pdbx_strand_id   B,C
#
loop_
_chem_comp.id
_chem_comp.type
_chem_comp.name
_chem_comp.formula
3W7 non-polymer 1'-(2H-indazol-5-ylcarbonyl)-1-(propan-2-yl)-1,4-dihydrospiro[indazole-5,4'-piperidin]-7(6H)-one 'C22 H25 N5 O2'
#
# COMPACT_ATOMS: atom_id res chain seq x y z
N LEU A 8 42.79 -27.26 -18.55
CA LEU A 8 42.88 -25.84 -18.21
C LEU A 8 41.84 -24.98 -18.96
N ARG A 9 42.15 -24.55 -20.21
CA ARG A 9 41.30 -23.71 -21.08
C ARG A 9 41.04 -22.28 -20.53
N PRO A 10 41.71 -21.23 -21.04
CA PRO A 10 42.76 -21.25 -22.08
C PRO A 10 44.18 -21.44 -21.53
N ILE A 11 45.04 -22.03 -22.37
CA ILE A 11 46.45 -22.27 -22.07
C ILE A 11 47.19 -20.96 -22.32
N ALA A 12 48.32 -20.75 -21.63
CA ALA A 12 49.24 -19.64 -21.84
C ALA A 12 48.64 -18.24 -21.61
N THR A 13 47.91 -18.05 -20.49
CA THR A 13 47.40 -16.71 -20.14
C THR A 13 48.50 -16.05 -19.27
N PRO A 14 48.70 -14.71 -19.32
CA PRO A 14 49.71 -14.11 -18.42
C PRO A 14 49.48 -14.37 -16.93
N TYR A 15 48.19 -14.38 -16.50
CA TYR A 15 47.84 -14.59 -15.10
C TYR A 15 46.95 -15.82 -14.86
N PRO A 16 46.78 -16.32 -13.61
CA PRO A 16 45.95 -17.53 -13.41
C PRO A 16 44.53 -17.39 -13.95
N VAL A 17 44.02 -18.51 -14.53
CA VAL A 17 42.66 -18.57 -15.12
C VAL A 17 41.68 -18.75 -13.94
N LYS A 18 41.06 -17.65 -13.48
CA LYS A 18 40.13 -17.64 -12.34
C LYS A 18 38.91 -18.55 -12.53
N GLU A 19 38.42 -18.71 -13.77
CA GLU A 19 37.32 -19.59 -14.09
C GLU A 19 37.69 -21.06 -14.04
N TRP A 20 39.00 -21.37 -14.01
CA TRP A 20 39.56 -22.72 -13.93
C TRP A 20 39.87 -23.01 -12.47
N LEU A 21 40.49 -22.06 -11.77
CA LEU A 21 40.80 -22.18 -10.33
C LEU A 21 39.51 -22.40 -9.52
N GLN A 22 38.40 -21.72 -9.92
CA GLN A 22 37.08 -21.86 -9.33
C GLN A 22 36.07 -22.08 -10.45
N PRO A 23 35.84 -23.36 -10.86
CA PRO A 23 34.86 -23.64 -11.94
C PRO A 23 33.46 -23.03 -11.71
N LYS A 24 33.12 -22.78 -10.44
CA LYS A 24 31.86 -22.13 -10.05
C LYS A 24 31.74 -20.73 -10.65
N ARG A 25 32.86 -19.98 -10.78
CA ARG A 25 32.91 -18.66 -11.46
C ARG A 25 32.48 -18.75 -12.91
N TYR A 26 32.96 -19.76 -13.65
CA TYR A 26 32.60 -20.00 -15.05
C TYR A 26 31.11 -20.28 -15.20
N LYS A 27 30.57 -21.14 -14.32
CA LYS A 27 29.15 -21.53 -14.23
C LYS A 27 28.27 -20.27 -14.06
N ALA A 28 28.62 -19.36 -13.15
CA ALA A 28 27.90 -18.08 -12.99
C ALA A 28 27.91 -17.25 -14.29
N HIS A 29 29.08 -17.21 -14.98
CA HIS A 29 29.23 -16.46 -16.24
C HIS A 29 28.41 -17.07 -17.36
N LEU A 30 28.30 -18.37 -17.39
CA LEU A 30 27.52 -19.13 -18.36
C LEU A 30 26.03 -18.77 -18.17
N MET A 31 25.64 -18.39 -16.93
CA MET A 31 24.27 -17.98 -16.54
C MET A 31 24.00 -16.51 -16.80
N GLY A 32 25.00 -15.77 -17.25
CA GLY A 32 24.86 -14.36 -17.57
C GLY A 32 24.96 -13.46 -16.35
N THR A 33 25.74 -13.86 -15.33
CA THR A 33 25.85 -13.05 -14.12
C THR A 33 27.25 -13.09 -13.53
N THR A 34 27.55 -12.16 -12.61
CA THR A 34 28.79 -12.10 -11.87
C THR A 34 28.77 -13.22 -10.82
N TYR A 35 29.93 -13.88 -10.64
CA TYR A 35 30.11 -14.90 -9.62
C TYR A 35 29.95 -14.20 -8.26
N VAL A 36 29.14 -14.76 -7.30
CA VAL A 36 28.91 -14.08 -6.01
C VAL A 36 30.13 -13.53 -5.35
N TYR A 37 31.21 -14.32 -5.31
CA TYR A 37 32.45 -13.96 -4.61
C TYR A 37 33.23 -12.86 -5.31
N ASP A 38 32.78 -12.48 -6.54
CA ASP A 38 33.36 -11.38 -7.32
C ASP A 38 32.58 -10.08 -7.18
N PHE A 39 31.43 -10.11 -6.47
CA PHE A 39 30.63 -8.89 -6.25
C PHE A 39 31.34 -7.91 -5.31
N PRO A 40 32.04 -8.32 -4.23
CA PRO A 40 32.76 -7.33 -3.39
C PRO A 40 33.76 -6.49 -4.17
N GLU A 41 34.44 -7.09 -5.18
CA GLU A 41 35.35 -6.38 -6.07
C GLU A 41 34.58 -5.32 -6.89
N LEU A 42 33.36 -5.63 -7.33
CA LEU A 42 32.55 -4.65 -8.06
C LEU A 42 32.18 -3.47 -7.13
N PHE A 43 31.95 -3.74 -5.84
CA PHE A 43 31.67 -2.69 -4.85
C PHE A 43 32.91 -1.82 -4.64
N ARG A 44 34.10 -2.44 -4.57
CA ARG A 44 35.41 -1.77 -4.48
C ARG A 44 35.58 -0.82 -5.69
N GLN A 45 35.29 -1.30 -6.94
CA GLN A 45 35.39 -0.50 -8.17
C GLN A 45 34.42 0.67 -8.18
N ALA A 46 33.16 0.45 -7.78
CA ALA A 46 32.14 1.47 -7.70
C ALA A 46 32.50 2.53 -6.64
N SER A 47 33.02 2.10 -5.48
CA SER A 47 33.43 3.00 -4.38
C SER A 47 34.63 3.86 -4.80
N SER A 48 35.57 3.26 -5.56
CA SER A 48 36.74 3.94 -6.11
C SER A 48 36.29 5.01 -7.14
N SER A 49 35.36 4.65 -8.03
CA SER A 49 34.80 5.57 -9.03
C SER A 49 34.07 6.73 -8.39
N GLN A 50 33.43 6.48 -7.24
CA GLN A 50 32.70 7.46 -6.45
C GLN A 50 33.67 8.56 -5.98
N TRP A 51 34.88 8.17 -5.52
CA TRP A 51 35.93 9.10 -5.10
C TRP A 51 36.45 9.92 -6.28
N LYS A 52 36.73 9.25 -7.44
CA LYS A 52 37.20 9.88 -8.69
C LYS A 52 36.22 10.96 -9.16
N ASN A 53 34.93 10.68 -9.09
CA ASN A 53 33.88 11.64 -9.47
C ASN A 53 33.77 12.80 -8.48
N PHE A 54 34.01 12.54 -7.19
CA PHE A 54 33.94 13.58 -6.17
C PHE A 54 35.16 14.51 -6.21
N SER A 55 36.38 13.92 -6.17
CA SER A 55 37.65 14.62 -6.15
C SER A 55 38.69 13.79 -6.90
N ALA A 56 38.95 14.16 -8.18
CA ALA A 56 39.90 13.44 -9.06
C ALA A 56 41.30 13.24 -8.47
N ASP A 57 41.78 14.21 -7.66
CA ASP A 57 43.11 14.19 -7.05
C ASP A 57 43.25 13.31 -5.80
N VAL A 58 42.14 12.75 -5.27
CA VAL A 58 42.19 11.90 -4.07
C VAL A 58 42.94 10.57 -4.36
N LYS A 59 43.87 10.19 -3.47
CA LYS A 59 44.66 8.98 -3.64
C LYS A 59 44.19 7.90 -2.67
N LEU A 60 43.59 6.85 -3.22
CA LEU A 60 43.07 5.77 -2.38
C LEU A 60 44.05 4.63 -2.15
N THR A 61 44.08 4.16 -0.91
CA THR A 61 44.87 3.01 -0.48
C THR A 61 43.88 1.85 -0.31
N ASP A 62 44.38 0.59 -0.29
CA ASP A 62 43.56 -0.63 -0.16
C ASP A 62 42.65 -0.61 1.09
N ASP A 63 43.10 0.07 2.16
CA ASP A 63 42.38 0.19 3.44
C ASP A 63 41.07 0.98 3.35
N PHE A 64 40.82 1.68 2.21
CA PHE A 64 39.58 2.43 2.02
C PHE A 64 38.38 1.48 1.90
N PHE A 65 38.59 0.23 1.42
CA PHE A 65 37.52 -0.74 1.21
C PHE A 65 37.87 -2.08 1.83
N ILE A 66 36.96 -2.63 2.65
CA ILE A 66 37.14 -3.95 3.28
C ILE A 66 35.84 -4.76 3.14
N SER A 67 35.95 -5.98 2.66
CA SER A 67 34.81 -6.87 2.56
C SER A 67 35.18 -8.15 3.29
N ASN A 68 34.40 -8.49 4.33
CA ASN A 68 34.59 -9.73 5.10
C ASN A 68 33.34 -10.56 4.99
N GLU A 69 33.51 -11.81 4.57
CA GLU A 69 32.39 -12.72 4.45
C GLU A 69 31.82 -13.06 5.83
N LEU A 70 30.48 -13.11 5.91
CA LEU A 70 29.76 -13.49 7.10
C LEU A 70 29.31 -14.93 6.95
N ILE A 71 29.62 -15.77 7.95
CA ILE A 71 29.16 -17.15 8.02
C ILE A 71 28.67 -17.41 9.45
N GLU A 72 27.82 -18.42 9.63
CA GLU A 72 27.36 -18.80 10.98
C GLU A 72 28.39 -19.65 11.70
N ASP A 73 28.66 -19.33 12.97
CA ASP A 73 29.56 -20.11 13.82
C ASP A 73 28.83 -21.37 14.37
N GLU A 74 29.42 -22.04 15.37
CA GLU A 74 28.93 -23.26 16.05
C GLU A 74 27.54 -23.04 16.64
N ASN A 75 27.32 -21.83 17.21
CA ASN A 75 26.08 -21.40 17.86
C ASN A 75 25.04 -20.79 16.90
N GLY A 76 25.37 -20.77 15.61
CA GLY A 76 24.50 -20.24 14.59
C GLY A 76 24.54 -18.72 14.50
N GLU A 77 25.52 -18.10 15.17
CA GLU A 77 25.72 -16.66 15.19
C GLU A 77 26.65 -16.25 14.05
N LEU A 78 26.32 -15.15 13.37
CA LEU A 78 27.10 -14.63 12.24
C LEU A 78 28.43 -14.08 12.68
N THR A 79 29.46 -14.47 11.96
CA THR A 79 30.82 -14.05 12.25
C THR A 79 31.59 -13.76 10.95
N GLU A 80 32.50 -12.77 11.00
CA GLU A 80 33.36 -12.36 9.90
C GLU A 80 34.46 -13.39 9.73
N VAL A 81 34.71 -13.83 8.48
CA VAL A 81 35.72 -14.83 8.11
C VAL A 81 36.45 -14.48 6.81
N GLU A 82 37.67 -15.02 6.67
CA GLU A 82 38.48 -14.88 5.47
C GLU A 82 38.71 -16.28 5.00
N ARG A 83 38.00 -16.67 3.97
CA ARG A 83 38.11 -18.02 3.40
C ARG A 83 38.15 -17.96 1.87
N GLU A 84 38.48 -19.07 1.19
CA GLU A 84 38.57 -19.14 -0.28
C GLU A 84 37.18 -19.13 -0.93
N PRO A 85 37.02 -18.41 -2.08
CA PRO A 85 35.71 -18.39 -2.77
C PRO A 85 35.21 -19.77 -3.20
N GLY A 86 33.93 -20.03 -2.98
CA GLY A 86 33.31 -21.30 -3.36
C GLY A 86 33.28 -22.34 -2.26
N ALA A 87 33.64 -21.93 -1.03
CA ALA A 87 33.66 -22.79 0.15
C ALA A 87 32.25 -22.90 0.79
N ASN A 88 31.28 -22.12 0.28
CA ASN A 88 29.92 -22.04 0.85
C ASN A 88 29.19 -23.36 0.82
N ALA A 89 28.75 -23.84 1.98
CA ALA A 89 27.99 -25.10 2.09
C ALA A 89 26.48 -24.85 1.85
N ILE A 90 26.07 -23.56 1.65
CA ILE A 90 24.67 -23.19 1.37
C ILE A 90 24.64 -22.21 0.20
N GLY A 91 23.47 -22.09 -0.44
CA GLY A 91 23.27 -21.24 -1.61
C GLY A 91 22.97 -19.78 -1.37
N MET A 92 23.31 -19.31 -0.19
CA MET A 92 23.13 -17.91 0.21
C MET A 92 24.41 -17.51 0.90
N VAL A 93 25.01 -16.38 0.46
CA VAL A 93 26.26 -15.85 1.02
C VAL A 93 26.06 -14.37 1.45
N ALA A 94 26.91 -13.88 2.34
CA ALA A 94 26.84 -12.51 2.84
C ALA A 94 28.21 -11.94 3.12
N PHE A 95 28.32 -10.62 3.01
CA PHE A 95 29.53 -9.88 3.23
C PHE A 95 29.20 -8.66 4.05
N LYS A 96 30.12 -8.31 4.97
CA LYS A 96 30.05 -7.06 5.71
C LYS A 96 31.07 -6.16 5.02
N ILE A 97 30.60 -5.04 4.46
CA ILE A 97 31.47 -4.09 3.78
C ILE A 97 31.69 -2.85 4.64
N THR A 98 32.97 -2.43 4.78
CA THR A 98 33.38 -1.20 5.47
C THR A 98 34.14 -0.39 4.43
N VAL A 99 33.54 0.74 4.00
CA VAL A 99 34.10 1.61 2.98
C VAL A 99 34.23 3.00 3.46
N LYS A 100 35.30 3.69 3.00
CA LYS A 100 35.50 5.12 3.22
C LYS A 100 34.92 5.77 1.97
N THR A 101 33.92 6.64 2.14
CA THR A 101 33.25 7.25 0.99
C THR A 101 33.33 8.76 1.10
N PRO A 102 33.04 9.54 0.03
CA PRO A 102 33.06 11.01 0.17
C PRO A 102 32.19 11.57 1.31
N GLU A 103 31.00 10.95 1.54
CA GLU A 103 30.08 11.41 2.60
C GLU A 103 30.50 10.85 3.96
N TYR A 104 31.23 9.72 3.98
CA TYR A 104 31.77 9.10 5.20
C TYR A 104 33.27 8.75 5.02
N PRO A 105 34.16 9.79 5.04
CA PRO A 105 35.60 9.52 4.80
C PRO A 105 36.28 8.62 5.82
N ARG A 106 35.73 8.47 7.02
CA ARG A 106 36.28 7.57 8.04
C ARG A 106 35.62 6.18 8.00
N GLY A 107 34.64 6.00 7.11
CA GLY A 107 33.99 4.71 6.92
C GLY A 107 32.51 4.61 7.24
N ARG A 108 31.80 3.81 6.42
CA ARG A 108 30.39 3.45 6.59
C ARG A 108 30.30 1.94 6.37
N GLN A 109 29.32 1.31 6.97
CA GLN A 109 29.17 -0.14 6.81
C GLN A 109 27.81 -0.49 6.28
N PHE A 110 27.74 -1.64 5.63
CA PHE A 110 26.52 -2.22 5.10
C PHE A 110 26.77 -3.69 4.89
N VAL A 111 25.69 -4.43 4.73
CA VAL A 111 25.71 -5.86 4.51
C VAL A 111 25.23 -6.12 3.09
N VAL A 112 25.85 -7.08 2.43
CA VAL A 112 25.43 -7.56 1.12
C VAL A 112 25.01 -9.03 1.26
N VAL A 113 23.74 -9.38 0.94
CA VAL A 113 23.26 -10.78 0.95
C VAL A 113 23.09 -11.14 -0.49
N ALA A 114 23.39 -12.36 -0.85
CA ALA A 114 23.28 -12.76 -2.24
C ALA A 114 23.04 -14.24 -2.38
N ASN A 115 22.24 -14.65 -3.36
CA ASN A 115 22.10 -16.06 -3.65
C ASN A 115 23.34 -16.43 -4.43
N ASP A 116 23.75 -17.69 -4.31
CA ASP A 116 24.82 -18.21 -5.16
C ASP A 116 24.09 -19.02 -6.24
N ILE A 117 23.97 -18.45 -7.44
CA ILE A 117 23.30 -19.09 -8.60
C ILE A 117 23.94 -20.45 -8.99
N THR A 118 25.19 -20.70 -8.55
CA THR A 118 25.90 -21.95 -8.87
C THR A 118 25.54 -23.07 -7.89
N PHE A 119 24.93 -22.69 -6.74
CA PHE A 119 24.58 -23.64 -5.69
C PHE A 119 23.11 -23.98 -5.80
N LYS A 120 22.83 -25.19 -6.35
CA LYS A 120 21.49 -25.72 -6.59
C LYS A 120 20.61 -24.65 -7.24
N ILE A 121 21.13 -24.07 -8.35
CA ILE A 121 20.55 -23.02 -9.20
C ILE A 121 20.01 -21.80 -8.37
N GLY A 122 20.70 -21.50 -7.27
CA GLY A 122 20.34 -20.39 -6.37
C GLY A 122 18.94 -20.52 -5.79
N SER A 123 18.48 -21.77 -5.63
CA SER A 123 17.15 -22.05 -5.08
C SER A 123 17.16 -21.72 -3.58
N PHE A 124 15.98 -21.41 -3.03
CA PHE A 124 15.90 -21.12 -1.62
C PHE A 124 15.42 -22.35 -0.86
N GLY A 125 16.32 -22.98 -0.10
CA GLY A 125 15.97 -24.08 0.78
C GLY A 125 15.87 -23.56 2.20
N PRO A 126 15.42 -24.38 3.18
CA PRO A 126 15.33 -23.90 4.57
C PRO A 126 16.59 -23.24 5.15
N GLN A 127 17.79 -23.72 4.76
CA GLN A 127 19.08 -23.16 5.23
C GLN A 127 19.44 -21.81 4.63
N GLU A 128 19.14 -21.61 3.36
CA GLU A 128 19.36 -20.31 2.67
C GLU A 128 18.42 -19.27 3.26
N ASP A 129 17.18 -19.66 3.50
CA ASP A 129 16.13 -18.84 4.11
C ASP A 129 16.50 -18.45 5.53
N GLU A 130 16.98 -19.40 6.34
CA GLU A 130 17.32 -19.09 7.71
C GLU A 130 18.59 -18.20 7.77
N PHE A 131 19.53 -18.37 6.84
CA PHE A 131 20.73 -17.52 6.75
C PHE A 131 20.33 -16.10 6.31
N PHE A 132 19.46 -15.97 5.28
CA PHE A 132 18.94 -14.68 4.78
C PHE A 132 18.28 -13.89 5.93
N ASN A 133 17.47 -14.61 6.73
CA ASN A 133 16.78 -14.02 7.87
C ASN A 133 17.80 -13.55 8.94
N LYS A 134 18.82 -14.41 9.21
CA LYS A 134 19.87 -14.10 10.18
C LYS A 134 20.65 -12.83 9.78
N VAL A 135 20.94 -12.69 8.48
CA VAL A 135 21.66 -11.56 7.89
C VAL A 135 20.81 -10.28 7.97
N THR A 136 19.50 -10.39 7.67
CA THR A 136 18.53 -9.27 7.73
C THR A 136 18.49 -8.78 9.19
N GLU A 137 18.37 -9.70 10.15
CA GLU A 137 18.33 -9.35 11.58
C GLU A 137 19.63 -8.72 12.09
N TYR A 138 20.78 -9.18 11.56
CA TYR A 138 22.11 -8.69 11.87
C TYR A 138 22.22 -7.23 11.46
N ALA A 139 21.75 -6.90 10.24
CA ALA A 139 21.79 -5.52 9.71
C ALA A 139 20.81 -4.66 10.48
N ARG A 140 19.61 -5.21 10.75
CA ARG A 140 18.58 -4.51 11.53
C ARG A 140 19.10 -4.15 12.91
N LYS A 141 19.74 -5.09 13.62
CA LYS A 141 20.30 -4.84 14.96
C LYS A 141 21.34 -3.72 14.95
N ARG A 142 22.13 -3.64 13.90
CA ARG A 142 23.19 -2.63 13.78
C ARG A 142 22.72 -1.33 13.13
N GLY A 143 21.51 -1.33 12.59
CA GLY A 143 20.95 -0.17 11.90
C GLY A 143 21.58 0.05 10.54
N ILE A 144 22.34 -0.94 10.01
CA ILE A 144 23.05 -0.71 8.74
C ILE A 144 22.22 -1.18 7.53
N PRO A 145 22.51 -0.62 6.34
CA PRO A 145 21.76 -1.02 5.14
C PRO A 145 21.93 -2.48 4.77
N ARG A 146 20.90 -3.05 4.15
CA ARG A 146 20.93 -4.41 3.66
C ARG A 146 20.73 -4.37 2.14
N ILE A 147 21.78 -4.77 1.40
CA ILE A 147 21.78 -4.85 -0.06
C ILE A 147 21.55 -6.32 -0.38
N TYR A 148 20.57 -6.63 -1.22
CA TYR A 148 20.32 -7.99 -1.64
C TYR A 148 20.61 -8.15 -3.15
N LEU A 149 21.44 -9.11 -3.50
CA LEU A 149 21.76 -9.40 -4.91
C LEU A 149 21.00 -10.65 -5.28
N ALA A 150 19.94 -10.46 -6.08
CA ALA A 150 19.00 -11.52 -6.46
C ALA A 150 19.41 -12.25 -7.72
N ALA A 151 19.64 -13.58 -7.62
CA ALA A 151 20.07 -14.46 -8.73
C ALA A 151 19.62 -15.85 -8.29
N ASN A 152 18.38 -16.19 -8.63
CA ASN A 152 17.81 -17.40 -8.05
C ASN A 152 16.76 -18.11 -8.89
N SER A 153 16.26 -19.25 -8.39
CA SER A 153 15.22 -20.05 -9.03
C SER A 153 14.02 -20.30 -8.10
N GLY A 154 13.84 -19.42 -7.10
CA GLY A 154 12.75 -19.52 -6.15
C GLY A 154 12.93 -20.66 -5.18
N ALA A 155 11.84 -21.06 -4.51
CA ALA A 155 11.84 -22.13 -3.49
C ALA A 155 12.39 -23.43 -4.05
N ARG A 156 13.25 -24.11 -3.26
CA ARG A 156 13.84 -25.39 -3.67
C ARG A 156 12.78 -26.47 -3.82
N ILE A 157 12.83 -27.19 -4.93
CA ILE A 157 11.92 -28.28 -5.30
C ILE A 157 12.69 -29.61 -5.20
N GLY A 158 12.06 -30.60 -4.58
CA GLY A 158 12.66 -31.92 -4.44
C GLY A 158 11.65 -33.02 -4.30
N MET A 159 12.15 -34.26 -4.37
CA MET A 159 11.37 -35.47 -4.20
C MET A 159 12.14 -36.42 -3.31
N ALA A 160 11.46 -37.43 -2.74
CA ALA A 160 12.14 -38.38 -1.86
C ALA A 160 12.87 -39.35 -2.78
N GLU A 161 14.16 -39.09 -2.99
CA GLU A 161 15.02 -39.85 -3.89
C GLU A 161 15.23 -41.31 -3.46
N GLU A 162 15.15 -41.60 -2.15
CA GLU A 162 15.29 -42.95 -1.60
C GLU A 162 14.08 -43.84 -1.97
N ILE A 163 12.93 -43.22 -2.32
CA ILE A 163 11.68 -43.90 -2.71
C ILE A 163 11.62 -44.15 -4.23
N VAL A 164 12.30 -43.32 -5.04
CA VAL A 164 12.37 -43.46 -6.51
C VAL A 164 12.77 -44.93 -6.94
N PRO A 165 13.83 -45.59 -6.39
CA PRO A 165 14.13 -46.95 -6.86
C PRO A 165 13.40 -48.07 -6.13
N LEU A 166 12.46 -47.73 -5.24
CA LEU A 166 11.76 -48.74 -4.44
C LEU A 166 10.28 -48.92 -4.76
N PHE A 167 9.59 -47.85 -5.18
CA PHE A 167 8.14 -47.90 -5.38
C PHE A 167 7.68 -48.85 -6.47
N GLN A 168 6.60 -49.57 -6.17
CA GLN A 168 5.96 -50.51 -7.08
C GLN A 168 4.61 -49.93 -7.49
N VAL A 169 4.11 -50.37 -8.64
CA VAL A 169 2.86 -49.91 -9.23
C VAL A 169 1.81 -51.04 -9.23
N ALA A 170 0.63 -50.78 -8.63
CA ALA A 170 -0.47 -51.74 -8.62
C ALA A 170 -1.26 -51.55 -9.89
N TRP A 171 -0.85 -52.25 -10.98
CA TRP A 171 -1.47 -52.16 -12.31
C TRP A 171 -2.89 -52.73 -12.30
N ASN A 172 -3.77 -52.20 -13.18
CA ASN A 172 -5.12 -52.71 -13.34
C ASN A 172 -5.02 -54.08 -14.07
N ASP A 173 -4.03 -54.16 -14.97
CA ASP A 173 -3.66 -55.32 -15.77
C ASP A 173 -2.14 -55.20 -16.00
N ALA A 174 -1.36 -56.07 -15.33
CA ALA A 174 0.09 -56.10 -15.43
C ALA A 174 0.61 -56.33 -16.87
N ALA A 175 -0.23 -56.92 -17.76
CA ALA A 175 0.10 -57.17 -19.16
C ALA A 175 -0.11 -55.93 -20.05
N ASN A 176 -1.05 -55.03 -19.67
CA ASN A 176 -1.33 -53.78 -20.41
C ASN A 176 -1.21 -52.55 -19.47
N PRO A 177 0.01 -51.95 -19.37
CA PRO A 177 0.22 -50.78 -18.46
C PRO A 177 -0.71 -49.61 -18.70
N ASP A 178 -0.99 -49.33 -19.98
CA ASP A 178 -1.87 -48.27 -20.50
C ASP A 178 -3.30 -48.37 -19.97
N LYS A 179 -3.67 -49.51 -19.35
CA LYS A 179 -4.99 -49.74 -18.76
C LYS A 179 -5.12 -49.05 -17.37
N GLY A 180 -3.98 -48.55 -16.88
CA GLY A 180 -3.90 -47.80 -15.64
C GLY A 180 -3.34 -48.54 -14.44
N PHE A 181 -3.27 -47.81 -13.34
CA PHE A 181 -2.78 -48.28 -12.06
C PHE A 181 -3.72 -47.77 -10.98
N GLN A 182 -3.68 -48.42 -9.83
CA GLN A 182 -4.54 -48.15 -8.68
C GLN A 182 -3.87 -47.33 -7.61
N TYR A 183 -2.61 -47.67 -7.28
CA TYR A 183 -1.81 -47.01 -6.25
C TYR A 183 -0.35 -47.36 -6.42
N LEU A 184 0.50 -46.80 -5.53
CA LEU A 184 1.93 -47.08 -5.47
C LEU A 184 2.18 -47.79 -4.14
N TYR A 185 3.11 -48.74 -4.12
CA TYR A 185 3.35 -49.47 -2.89
C TYR A 185 4.78 -49.90 -2.72
N LEU A 186 5.12 -50.35 -1.52
CA LEU A 186 6.45 -50.92 -1.25
C LEU A 186 6.27 -52.40 -0.89
N THR A 187 7.27 -53.21 -1.22
CA THR A 187 7.30 -54.63 -0.86
C THR A 187 7.91 -54.68 0.52
N SER A 188 7.85 -55.85 1.20
CA SER A 188 8.46 -56.04 2.52
C SER A 188 9.98 -55.79 2.44
N GLU A 189 10.58 -56.08 1.27
CA GLU A 189 11.99 -55.85 0.96
C GLU A 189 12.27 -54.32 0.91
N GLY A 190 11.40 -53.56 0.23
CA GLY A 190 11.48 -52.11 0.13
C GLY A 190 11.44 -51.45 1.51
N MET A 191 10.52 -51.93 2.36
CA MET A 191 10.35 -51.49 3.75
C MET A 191 11.60 -51.81 4.56
N GLU A 192 12.23 -52.97 4.24
CA GLU A 192 13.46 -53.42 4.90
C GLU A 192 14.66 -52.59 4.48
N THR A 193 14.74 -52.19 3.19
CA THR A 193 15.80 -51.32 2.68
C THR A 193 15.80 -49.99 3.48
N LEU A 194 14.61 -49.41 3.68
CA LEU A 194 14.44 -48.17 4.44
C LEU A 194 14.81 -48.32 5.92
N LYS A 195 14.35 -49.43 6.55
CA LYS A 195 14.67 -49.74 7.95
C LYS A 195 16.19 -49.85 8.14
N LYS A 196 16.88 -50.53 7.20
CA LYS A 196 18.33 -50.74 7.18
C LYS A 196 19.11 -49.40 7.14
N PHE A 197 18.60 -48.43 6.35
CA PHE A 197 19.18 -47.11 6.13
C PHE A 197 18.71 -46.03 7.11
N ASP A 198 17.86 -46.41 8.10
CA ASP A 198 17.27 -45.53 9.13
C ASP A 198 16.37 -44.44 8.46
N LYS A 199 15.51 -44.90 7.54
CA LYS A 199 14.59 -44.08 6.73
C LYS A 199 13.15 -44.61 6.77
N GLU A 200 12.74 -45.26 7.88
CA GLU A 200 11.37 -45.80 8.07
C GLU A 200 10.30 -44.69 7.95
N ASN A 201 10.64 -43.48 8.44
CA ASN A 201 9.79 -42.28 8.48
C ASN A 201 9.67 -41.53 7.13
N SER A 202 10.30 -42.06 6.06
CA SER A 202 10.27 -41.48 4.72
C SER A 202 8.93 -41.60 4.06
N VAL A 203 8.14 -42.63 4.43
CA VAL A 203 6.82 -42.86 3.85
C VAL A 203 5.82 -43.21 4.92
N LEU A 204 4.54 -42.96 4.63
CA LEU A 204 3.42 -43.40 5.44
C LEU A 204 2.78 -44.47 4.60
N THR A 205 2.72 -45.69 5.12
CA THR A 205 2.14 -46.82 4.40
C THR A 205 0.98 -47.47 5.15
N GLU A 206 0.14 -48.18 4.40
CA GLU A 206 -0.98 -48.95 4.91
C GLU A 206 -0.78 -50.37 4.37
N ARG A 207 -0.69 -51.36 5.28
CA ARG A 207 -0.48 -52.77 4.92
C ARG A 207 -1.74 -53.41 4.34
N THR A 208 -1.57 -54.07 3.19
CA THR A 208 -2.59 -54.83 2.47
C THR A 208 -1.96 -56.16 1.95
N VAL A 209 -2.82 -57.15 1.64
CA VAL A 209 -2.40 -58.44 1.11
C VAL A 209 -3.17 -58.69 -0.20
N ILE A 210 -2.41 -58.87 -1.30
CA ILE A 210 -2.91 -59.14 -2.64
C ILE A 210 -2.05 -60.24 -3.25
N ASN A 211 -2.70 -61.36 -3.70
CA ASN A 211 -2.09 -62.57 -4.27
C ASN A 211 -1.16 -63.25 -3.25
N GLY A 212 -1.57 -63.21 -1.98
CA GLY A 212 -0.81 -63.78 -0.86
C GLY A 212 0.49 -63.06 -0.53
N GLU A 213 0.66 -61.84 -1.08
CA GLU A 213 1.85 -60.99 -0.86
C GLU A 213 1.51 -59.67 -0.19
N GLU A 214 2.36 -59.26 0.75
CA GLU A 214 2.25 -58.00 1.47
C GLU A 214 2.54 -56.84 0.51
N ARG A 215 1.66 -55.82 0.56
CA ARG A 215 1.81 -54.56 -0.17
C ARG A 215 1.62 -53.45 0.85
N PHE A 216 2.64 -52.61 0.98
CA PHE A 216 2.62 -51.45 1.87
C PHE A 216 2.23 -50.26 1.00
N VAL A 217 0.91 -50.06 0.85
CA VAL A 217 0.36 -49.00 0.01
C VAL A 217 0.88 -47.63 0.51
N ILE A 218 1.48 -46.84 -0.41
CA ILE A 218 2.02 -45.52 -0.07
C ILE A 218 0.87 -44.52 0.07
N LYS A 219 0.65 -44.04 1.30
CA LYS A 219 -0.40 -43.05 1.62
C LYS A 219 0.11 -41.61 1.52
N THR A 220 1.40 -41.41 1.86
CA THR A 220 2.07 -40.11 1.78
C THR A 220 3.57 -40.34 1.66
N ILE A 221 4.27 -39.51 0.87
CA ILE A 221 5.74 -39.51 0.79
C ILE A 221 6.27 -38.32 1.58
N ILE A 222 7.16 -38.57 2.53
CA ILE A 222 7.76 -37.53 3.36
C ILE A 222 9.19 -37.24 2.93
N GLY A 223 10.04 -38.25 2.94
CA GLY A 223 11.43 -38.12 2.59
C GLY A 223 12.28 -37.85 3.81
N SER A 224 13.50 -38.36 3.80
CA SER A 224 14.46 -38.15 4.88
C SER A 224 15.24 -36.87 4.62
N GLU A 225 15.35 -36.46 3.34
CA GLU A 225 16.08 -35.26 2.93
C GLU A 225 15.23 -34.01 3.14
N ASP A 226 15.84 -32.98 3.74
CA ASP A 226 15.19 -31.69 3.95
C ASP A 226 15.29 -30.83 2.70
N GLY A 227 14.28 -30.00 2.44
CA GLY A 227 14.28 -29.07 1.29
C GLY A 227 13.54 -29.51 0.04
N LEU A 228 12.46 -30.26 0.24
CA LEU A 228 11.67 -30.83 -0.85
C LEU A 228 10.44 -30.00 -1.25
N GLY A 229 9.76 -29.41 -0.25
CA GLY A 229 8.52 -28.69 -0.51
C GLY A 229 8.08 -27.67 0.49
N VAL A 230 7.04 -27.99 1.28
CA VAL A 230 6.38 -27.06 2.19
C VAL A 230 7.35 -26.42 3.19
N GLU A 231 8.45 -27.09 3.57
CA GLU A 231 9.45 -26.54 4.51
C GLU A 231 10.19 -25.37 3.85
N CYS A 232 10.35 -25.42 2.51
CA CYS A 232 10.94 -24.33 1.72
C CYS A 232 9.92 -23.19 1.69
N LEU A 233 8.63 -23.51 1.61
CA LEU A 233 7.56 -22.52 1.59
C LEU A 233 7.41 -21.78 2.94
N ARG A 234 7.60 -22.49 4.08
CA ARG A 234 7.62 -21.85 5.40
C ARG A 234 8.79 -20.82 5.42
N GLY A 235 9.96 -21.23 4.90
CA GLY A 235 11.15 -20.39 4.82
C GLY A 235 10.95 -19.16 3.95
N SER A 236 10.19 -19.31 2.87
CA SER A 236 9.81 -18.22 1.93
C SER A 236 9.01 -17.17 2.71
N GLY A 237 8.00 -17.62 3.46
CA GLY A 237 7.13 -16.77 4.27
C GLY A 237 7.92 -16.04 5.33
N LEU A 238 8.84 -16.75 5.99
CA LEU A 238 9.69 -16.15 7.01
C LEU A 238 10.49 -14.95 6.46
N ILE A 239 11.18 -15.13 5.33
CA ILE A 239 12.02 -14.06 4.77
C ILE A 239 11.17 -12.95 4.07
N ALA A 240 9.96 -13.30 3.59
CA ALA A 240 9.00 -12.31 3.05
C ALA A 240 8.64 -11.34 4.20
N GLY A 241 8.24 -11.89 5.35
CA GLY A 241 7.94 -11.11 6.56
C GLY A 241 9.13 -10.33 7.07
N ALA A 242 10.34 -10.95 7.10
CA ALA A 242 11.60 -10.32 7.55
C ALA A 242 11.95 -9.09 6.73
N THR A 243 11.72 -9.15 5.41
CA THR A 243 12.02 -8.08 4.46
C THR A 243 11.01 -6.94 4.59
N SER A 244 9.71 -7.28 4.73
CA SER A 244 8.63 -6.29 4.97
C SER A 244 8.99 -5.46 6.21
N ARG A 245 9.45 -6.12 7.30
CA ARG A 245 9.89 -5.48 8.56
C ARG A 245 11.15 -4.63 8.37
N ALA A 246 12.19 -5.20 7.71
CA ALA A 246 13.46 -4.51 7.46
C ALA A 246 13.28 -3.19 6.71
N TYR A 247 12.34 -3.13 5.74
CA TYR A 247 12.06 -1.93 4.97
C TYR A 247 11.67 -0.75 5.86
N HIS A 248 10.97 -1.00 6.98
CA HIS A 248 10.56 0.08 7.88
C HIS A 248 11.67 0.49 8.85
N ASP A 249 12.77 -0.26 8.86
CA ASP A 249 13.83 -0.16 9.82
C ASP A 249 15.22 0.28 9.31
N ILE A 250 15.63 -0.23 8.16
CA ILE A 250 16.98 0.02 7.63
C ILE A 250 16.82 0.29 6.16
N PHE A 251 17.86 0.87 5.54
CA PHE A 251 17.82 1.09 4.10
C PHE A 251 17.93 -0.28 3.42
N THR A 252 16.94 -0.61 2.60
CA THR A 252 16.91 -1.86 1.86
C THR A 252 16.94 -1.58 0.35
N ILE A 253 17.75 -2.34 -0.37
CA ILE A 253 17.83 -2.27 -1.83
C ILE A 253 18.14 -3.66 -2.42
N THR A 254 17.64 -3.91 -3.62
CA THR A 254 17.85 -5.16 -4.35
C THR A 254 18.40 -4.92 -5.74
N LEU A 255 19.41 -5.69 -6.13
CA LEU A 255 19.94 -5.70 -7.48
C LEU A 255 19.51 -7.03 -8.12
N VAL A 256 18.75 -6.99 -9.23
CA VAL A 256 18.31 -8.22 -9.93
C VAL A 256 19.41 -8.49 -10.96
N THR A 257 20.33 -9.41 -10.59
CA THR A 257 21.59 -9.67 -11.32
C THR A 257 21.54 -10.87 -12.24
N CYS A 258 20.56 -11.74 -12.04
CA CYS A 258 20.22 -12.89 -12.89
C CYS A 258 18.72 -12.99 -12.63
N ARG A 259 18.03 -13.95 -13.21
CA ARG A 259 16.60 -14.09 -12.92
C ARG A 259 16.29 -14.09 -11.38
N SER A 260 15.09 -13.64 -11.02
CA SER A 260 14.58 -13.69 -9.65
C SER A 260 13.18 -14.26 -9.76
N VAL A 261 12.96 -15.45 -9.17
CA VAL A 261 11.72 -16.26 -9.30
C VAL A 261 10.96 -16.49 -8.01
N GLY A 262 9.62 -16.39 -8.05
CA GLY A 262 8.73 -16.68 -6.93
C GLY A 262 9.00 -15.85 -5.70
N ILE A 263 9.45 -16.47 -4.59
CA ILE A 263 9.88 -15.73 -3.37
C ILE A 263 10.92 -14.67 -3.78
N GLY A 264 11.79 -14.99 -4.74
CA GLY A 264 12.79 -14.07 -5.26
C GLY A 264 12.17 -12.81 -5.85
N ALA A 265 11.07 -12.96 -6.59
CA ALA A 265 10.35 -11.84 -7.21
C ALA A 265 9.71 -11.01 -6.08
N TYR A 266 9.07 -11.70 -5.11
CA TYR A 266 8.48 -11.07 -3.93
C TYR A 266 9.51 -10.32 -3.08
N LEU A 267 10.74 -10.87 -2.91
CA LEU A 267 11.79 -10.18 -2.14
C LEU A 267 12.19 -8.85 -2.78
N VAL A 268 12.20 -8.77 -4.13
CA VAL A 268 12.52 -7.56 -4.90
C VAL A 268 11.54 -6.46 -4.51
N ARG A 269 10.24 -6.80 -4.48
CA ARG A 269 9.19 -5.86 -4.15
C ARG A 269 9.14 -5.54 -2.66
N LEU A 270 9.27 -6.56 -1.79
CA LEU A 270 9.24 -6.34 -0.33
C LEU A 270 10.34 -5.44 0.20
N GLY A 271 11.50 -5.43 -0.47
CA GLY A 271 12.61 -4.53 -0.11
C GLY A 271 12.42 -3.17 -0.74
N GLN A 272 11.38 -3.06 -1.59
CA GLN A 272 10.91 -1.85 -2.30
C GLN A 272 11.88 -1.32 -3.35
N ARG A 273 13.07 -0.86 -2.94
CA ARG A 273 14.06 -0.30 -3.86
C ARG A 273 14.73 -1.39 -4.64
N ALA A 274 14.61 -1.31 -5.96
CA ALA A 274 15.11 -2.35 -6.84
C ALA A 274 15.74 -1.78 -8.10
N ILE A 275 16.89 -2.36 -8.47
CA ILE A 275 17.65 -2.04 -9.70
C ILE A 275 17.69 -3.29 -10.51
N GLN A 276 17.19 -3.22 -11.73
CA GLN A 276 17.11 -4.41 -12.55
C GLN A 276 18.11 -4.34 -13.69
N VAL A 277 19.00 -5.33 -13.75
CA VAL A 277 19.94 -5.42 -14.84
C VAL A 277 19.14 -5.81 -16.08
N GLU A 278 19.35 -5.10 -17.19
CA GLU A 278 18.69 -5.40 -18.47
C GLU A 278 18.87 -6.88 -18.84
N GLY A 279 17.80 -7.55 -19.28
CA GLY A 279 17.83 -8.96 -19.66
C GLY A 279 17.74 -9.96 -18.52
N GLN A 280 17.58 -9.49 -17.26
CA GLN A 280 17.44 -10.35 -16.09
C GLN A 280 15.98 -10.28 -15.63
N PRO A 281 15.17 -11.35 -15.81
CA PRO A 281 13.74 -11.22 -15.49
C PRO A 281 13.35 -11.39 -14.03
N ILE A 282 12.25 -10.72 -13.65
CA ILE A 282 11.61 -10.83 -12.33
C ILE A 282 10.33 -11.61 -12.61
N ILE A 283 10.28 -12.89 -12.26
CA ILE A 283 9.09 -13.67 -12.66
C ILE A 283 8.45 -14.42 -11.51
N LEU A 284 7.16 -14.75 -11.69
CA LEU A 284 6.45 -15.59 -10.73
C LEU A 284 6.39 -17.03 -11.23
N THR A 285 5.81 -17.27 -12.41
CA THR A 285 5.73 -18.58 -13.11
C THR A 285 6.40 -18.34 -14.47
N GLY A 286 7.25 -19.27 -14.91
CA GLY A 286 7.94 -19.17 -16.20
C GLY A 286 6.99 -19.27 -17.37
N ALA A 287 7.37 -18.69 -18.52
CA ALA A 287 6.58 -18.68 -19.76
C ALA A 287 6.14 -20.07 -20.23
N SER A 288 7.05 -21.08 -20.17
CA SER A 288 6.75 -22.46 -20.59
C SER A 288 5.64 -23.08 -19.75
N ALA A 289 5.72 -22.92 -18.41
CA ALA A 289 4.74 -23.44 -17.47
C ALA A 289 3.39 -22.76 -17.71
N LEU A 290 3.38 -21.44 -17.95
CA LEU A 290 2.15 -20.70 -18.24
C LEU A 290 1.52 -21.20 -19.56
N ASN A 291 2.36 -21.55 -20.57
CA ASN A 291 1.93 -22.12 -21.86
C ASN A 291 1.27 -23.48 -21.64
N LYS A 292 1.85 -24.32 -20.76
CA LYS A 292 1.30 -25.64 -20.40
C LYS A 292 -0.07 -25.51 -19.73
N VAL A 293 -0.25 -24.53 -18.82
CA VAL A 293 -1.51 -24.30 -18.11
C VAL A 293 -2.55 -23.75 -19.09
N LEU A 294 -2.12 -22.86 -20.01
CA LEU A 294 -3.05 -22.25 -20.94
C LEU A 294 -3.43 -23.19 -22.10
N GLY A 295 -2.59 -24.21 -22.31
CA GLY A 295 -2.75 -25.22 -23.36
C GLY A 295 -2.52 -24.68 -24.75
N ARG A 296 -1.66 -23.64 -24.85
CA ARG A 296 -1.37 -22.90 -26.07
C ARG A 296 -0.02 -22.20 -25.95
N GLU A 297 0.69 -21.99 -27.08
CA GLU A 297 1.97 -21.27 -27.10
C GLU A 297 1.69 -19.75 -27.08
N VAL A 298 1.38 -19.23 -25.88
CA VAL A 298 1.06 -17.84 -25.64
C VAL A 298 2.32 -16.97 -25.46
N TYR A 299 3.25 -17.38 -24.60
CA TYR A 299 4.46 -16.62 -24.27
C TYR A 299 5.71 -17.23 -24.86
N THR A 300 6.62 -16.39 -25.34
CA THR A 300 7.87 -16.81 -26.02
C THR A 300 9.11 -16.79 -25.11
N SER A 301 9.07 -15.97 -24.02
CA SER A 301 10.20 -15.85 -23.08
C SER A 301 9.77 -15.35 -21.71
N ASN A 302 10.64 -15.53 -20.73
CA ASN A 302 10.48 -15.05 -19.36
C ASN A 302 10.61 -13.53 -19.33
N LEU A 303 11.44 -12.98 -20.23
CA LEU A 303 11.63 -11.52 -20.36
C LEU A 303 10.38 -10.79 -20.78
N GLN A 304 9.49 -11.47 -21.48
CA GLN A 304 8.21 -10.92 -21.91
C GLN A 304 7.28 -10.74 -20.68
N LEU A 305 7.50 -11.54 -19.63
CA LEU A 305 6.71 -11.49 -18.39
C LEU A 305 7.33 -10.57 -17.34
N GLY A 306 8.66 -10.58 -17.23
CA GLY A 306 9.30 -9.80 -16.18
C GLY A 306 10.57 -9.06 -16.52
N GLY A 307 10.72 -8.68 -17.80
CA GLY A 307 11.87 -7.88 -18.25
C GLY A 307 11.69 -6.44 -17.82
N THR A 308 12.69 -5.60 -18.07
CA THR A 308 12.65 -4.17 -17.70
C THR A 308 11.49 -3.43 -18.37
N GLN A 309 11.09 -3.83 -19.58
CA GLN A 309 9.96 -3.16 -20.27
C GLN A 309 8.63 -3.43 -19.54
N ILE A 310 8.64 -4.35 -18.57
CA ILE A 310 7.49 -4.65 -17.75
C ILE A 310 7.71 -3.96 -16.39
N MET A 311 8.80 -4.32 -15.70
CA MET A 311 9.07 -3.92 -14.31
C MET A 311 9.54 -2.51 -14.13
N TYR A 312 10.29 -1.97 -15.08
CA TYR A 312 10.74 -0.58 -14.96
C TYR A 312 9.56 0.33 -15.36
N ASN A 313 8.77 -0.06 -16.37
CA ASN A 313 7.61 0.70 -16.82
C ASN A 313 6.47 0.75 -15.79
N ASN A 314 6.42 -0.25 -14.87
CA ASN A 314 5.37 -0.33 -13.86
C ASN A 314 5.82 0.08 -12.42
N GLY A 315 7.08 0.48 -12.25
CA GLY A 315 7.61 0.95 -10.98
C GLY A 315 8.10 -0.11 -9.99
N VAL A 316 8.06 -1.40 -10.37
CA VAL A 316 8.59 -2.44 -9.48
C VAL A 316 10.13 -2.24 -9.44
N SER A 317 10.72 -1.96 -10.62
CA SER A 317 12.14 -1.65 -10.75
C SER A 317 12.25 -0.12 -10.81
N HIS A 318 12.93 0.46 -9.82
CA HIS A 318 13.13 1.89 -9.67
C HIS A 318 14.10 2.40 -10.71
N LEU A 319 15.06 1.54 -11.09
CA LEU A 319 16.12 1.84 -12.05
C LEU A 319 16.50 0.58 -12.82
N THR A 320 17.12 0.79 -14.00
CA THR A 320 17.67 -0.28 -14.83
C THR A 320 19.21 -0.09 -14.82
N ALA A 321 19.95 -1.15 -15.17
CA ALA A 321 21.40 -1.12 -15.29
C ALA A 321 21.80 -1.94 -16.50
N VAL A 322 22.76 -1.46 -17.29
CA VAL A 322 23.20 -2.18 -18.50
C VAL A 322 23.90 -3.49 -18.12
N ASP A 323 24.56 -3.53 -16.98
CA ASP A 323 25.26 -4.71 -16.48
C ASP A 323 25.37 -4.63 -14.96
N ASP A 324 25.96 -5.66 -14.33
CA ASP A 324 26.14 -5.76 -12.89
C ASP A 324 26.89 -4.63 -12.26
N LEU A 325 28.00 -4.16 -12.87
CA LEU A 325 28.79 -3.05 -12.33
C LEU A 325 27.97 -1.79 -12.35
N ALA A 326 27.27 -1.51 -13.46
CA ALA A 326 26.40 -0.33 -13.57
C ALA A 326 25.35 -0.35 -12.41
N GLY A 327 24.86 -1.55 -12.07
CA GLY A 327 23.90 -1.77 -10.98
C GLY A 327 24.51 -1.50 -9.63
N VAL A 328 25.74 -1.98 -9.42
CA VAL A 328 26.48 -1.76 -8.18
C VAL A 328 26.78 -0.23 -8.03
N GLU A 329 27.07 0.45 -9.16
CA GLU A 329 27.31 1.91 -9.17
C GLU A 329 26.09 2.68 -8.73
N LYS A 330 24.90 2.28 -9.21
CA LYS A 330 23.63 2.92 -8.87
C LYS A 330 23.26 2.68 -7.39
N ILE A 331 23.62 1.50 -6.81
CA ILE A 331 23.41 1.21 -5.39
C ILE A 331 24.24 2.18 -4.55
N VAL A 332 25.53 2.23 -4.83
CA VAL A 332 26.53 3.05 -4.14
C VAL A 332 26.16 4.56 -4.21
N GLU A 333 25.66 5.00 -5.37
CA GLU A 333 25.21 6.37 -5.61
C GLU A 333 23.93 6.65 -4.79
N TRP A 334 22.98 5.71 -4.78
CA TRP A 334 21.73 5.85 -4.02
C TRP A 334 22.07 5.95 -2.52
N MET A 335 22.99 5.10 -2.04
CA MET A 335 23.43 5.07 -0.64
C MET A 335 24.12 6.35 -0.20
N SER A 336 24.71 7.10 -1.14
CA SER A 336 25.43 8.34 -0.84
C SER A 336 24.54 9.41 -0.22
N TYR A 337 23.20 9.27 -0.38
CA TYR A 337 22.22 10.21 0.18
C TYR A 337 21.71 9.75 1.54
N VAL A 338 22.02 8.50 1.91
CA VAL A 338 21.50 7.78 3.06
C VAL A 338 22.45 7.79 4.29
N PRO A 339 21.93 7.99 5.53
CA PRO A 339 22.80 7.92 6.73
C PRO A 339 23.53 6.58 6.83
N ALA A 340 24.72 6.61 7.46
CA ALA A 340 25.58 5.42 7.63
C ALA A 340 24.87 4.29 8.35
N LYS A 341 24.00 4.65 9.28
CA LYS A 341 23.14 3.73 10.04
C LYS A 341 21.92 4.48 10.52
N ARG A 342 20.85 3.73 10.85
CA ARG A 342 19.58 4.27 11.36
C ARG A 342 19.79 5.33 12.45
N ASN A 343 19.12 6.47 12.31
CA ASN A 343 19.09 7.59 13.25
C ASN A 343 20.34 8.46 13.27
N MET A 344 21.33 8.19 12.43
CA MET A 344 22.48 9.07 12.31
C MET A 344 22.02 10.27 11.45
N PRO A 345 22.63 11.48 11.57
CA PRO A 345 22.17 12.60 10.73
C PRO A 345 22.34 12.29 9.25
N VAL A 346 21.51 12.94 8.40
CA VAL A 346 21.58 12.75 6.95
C VAL A 346 22.98 13.19 6.50
N PRO A 347 23.65 12.44 5.61
CA PRO A 347 25.05 12.78 5.30
C PRO A 347 25.27 14.01 4.44
N ILE A 348 25.86 15.06 5.02
CA ILE A 348 26.17 16.28 4.29
C ILE A 348 27.35 16.03 3.34
N LEU A 349 27.20 16.45 2.09
CA LEU A 349 28.24 16.41 1.08
C LEU A 349 28.20 17.66 0.20
N GLU A 350 28.90 18.68 0.67
CA GLU A 350 29.03 19.94 -0.04
C GLU A 350 29.96 19.74 -1.22
N THR A 351 29.56 20.28 -2.38
CA THR A 351 30.33 20.24 -3.61
C THR A 351 30.71 21.69 -3.97
N LYS A 352 31.27 21.93 -5.18
CA LYS A 352 31.65 23.30 -5.56
C LYS A 352 30.42 24.22 -5.75
N ASP A 353 29.22 23.64 -5.99
CA ASP A 353 27.99 24.43 -6.07
C ASP A 353 27.47 24.68 -4.64
N THR A 354 27.91 25.79 -4.05
CA THR A 354 27.54 26.13 -2.67
C THR A 354 26.21 26.84 -2.60
N TRP A 355 25.66 26.93 -1.38
CA TRP A 355 24.35 27.49 -1.10
C TRP A 355 24.12 28.94 -1.52
N ASP A 356 25.19 29.77 -1.45
CA ASP A 356 25.10 31.21 -1.61
C ASP A 356 25.14 31.67 -3.02
N ARG A 357 24.00 31.51 -3.68
CA ARG A 357 23.80 31.94 -5.05
C ARG A 357 22.31 32.04 -5.32
N PRO A 358 21.89 32.90 -6.27
CA PRO A 358 20.48 32.88 -6.66
C PRO A 358 20.18 31.63 -7.54
N VAL A 359 18.89 31.38 -7.83
CA VAL A 359 18.52 30.30 -8.73
C VAL A 359 18.46 30.98 -10.10
N ASP A 360 19.06 30.38 -11.15
CA ASP A 360 19.07 30.97 -12.49
C ASP A 360 17.86 30.60 -13.32
N PHE A 361 17.59 29.29 -13.50
CA PHE A 361 16.44 28.89 -14.31
C PHE A 361 15.14 29.29 -13.62
N THR A 362 14.30 30.04 -14.33
CA THR A 362 13.00 30.51 -13.86
C THR A 362 11.94 30.19 -14.89
N PRO A 363 10.87 29.46 -14.54
CA PRO A 363 9.83 29.20 -15.54
C PRO A 363 8.95 30.45 -15.75
N THR A 364 8.38 30.59 -16.94
CA THR A 364 7.45 31.68 -17.24
C THR A 364 6.05 31.07 -17.44
N ASN A 365 4.99 31.88 -17.29
CA ASN A 365 3.61 31.44 -17.44
C ASN A 365 3.23 31.05 -18.87
N ASP A 366 3.89 31.64 -19.87
CA ASP A 366 3.56 31.43 -21.28
C ASP A 366 4.54 30.53 -22.05
N GLU A 367 5.45 29.84 -21.36
CA GLU A 367 6.44 28.98 -22.01
C GLU A 367 6.62 27.63 -21.29
N THR A 368 6.72 26.55 -22.10
CA THR A 368 6.95 25.17 -21.71
C THR A 368 8.34 24.96 -21.09
N TYR A 369 8.38 24.20 -19.99
CA TYR A 369 9.62 23.85 -19.31
C TYR A 369 9.62 22.36 -18.84
N ASP A 370 10.81 21.82 -18.63
CA ASP A 370 11.06 20.53 -18.01
C ASP A 370 11.34 20.90 -16.54
N VAL A 371 10.58 20.37 -15.57
CA VAL A 371 10.75 20.63 -14.13
C VAL A 371 12.17 20.25 -13.63
N ARG A 372 12.85 19.33 -14.35
CA ARG A 372 14.24 18.97 -14.05
C ARG A 372 15.18 20.18 -14.13
N TRP A 373 14.87 21.18 -14.98
CA TRP A 373 15.66 22.43 -15.09
C TRP A 373 15.55 23.23 -13.80
N MET A 374 14.34 23.28 -13.20
CA MET A 374 14.08 23.95 -11.93
C MET A 374 14.81 23.23 -10.79
N ILE A 375 14.85 21.89 -10.86
CA ILE A 375 15.50 21.06 -9.84
C ILE A 375 17.04 21.12 -9.89
N GLU A 376 17.64 20.72 -11.01
CA GLU A 376 19.07 20.56 -11.14
C GLU A 376 19.78 21.58 -12.05
N GLY A 377 19.01 22.40 -12.73
CA GLY A 377 19.60 23.35 -13.67
C GLY A 377 19.53 22.88 -15.11
N ARG A 378 19.94 23.76 -16.01
CA ARG A 378 19.86 23.57 -17.46
C ARG A 378 21.15 24.06 -18.15
N GLU A 379 21.72 23.22 -19.02
CA GLU A 379 22.88 23.57 -19.82
C GLU A 379 22.34 24.40 -21.01
N THR A 380 22.85 25.63 -21.17
CA THR A 380 22.43 26.58 -22.24
C THR A 380 23.63 26.89 -23.17
N GLU A 381 23.36 27.50 -24.34
CA GLU A 381 24.38 27.91 -25.30
C GLU A 381 25.32 28.96 -24.68
N SER A 382 24.76 29.84 -23.82
CA SER A 382 25.50 30.88 -23.10
C SER A 382 26.00 30.43 -21.71
N GLY A 383 26.01 29.11 -21.45
CA GLY A 383 26.45 28.55 -20.18
C GLY A 383 25.37 27.89 -19.33
N PHE A 384 25.78 27.36 -18.17
CA PHE A 384 24.88 26.64 -17.26
C PHE A 384 23.97 27.56 -16.42
N GLU A 385 22.65 27.31 -16.49
CA GLU A 385 21.62 27.99 -15.70
C GLU A 385 21.35 27.09 -14.49
N TYR A 386 21.87 27.48 -13.32
CA TYR A 386 21.70 26.74 -12.08
C TYR A 386 20.25 26.64 -11.61
N GLY A 387 19.89 25.50 -11.04
CA GLY A 387 18.55 25.25 -10.51
C GLY A 387 18.54 25.43 -9.02
N LEU A 388 17.45 24.98 -8.35
CA LEU A 388 17.30 25.10 -6.90
C LEU A 388 18.33 24.25 -6.15
N PHE A 389 18.62 23.04 -6.67
CA PHE A 389 19.51 22.11 -6.01
C PHE A 389 20.91 22.11 -6.60
N ASP A 390 21.87 21.51 -5.86
CA ASP A 390 23.27 21.39 -6.24
C ASP A 390 23.43 20.77 -7.62
N LYS A 391 24.25 21.40 -8.46
CA LYS A 391 24.52 20.95 -9.82
C LYS A 391 25.06 19.51 -9.76
N GLY A 392 24.49 18.64 -10.60
CA GLY A 392 24.87 17.24 -10.68
C GLY A 392 24.38 16.34 -9.55
N SER A 393 23.58 16.86 -8.59
CA SER A 393 23.14 16.14 -7.40
C SER A 393 21.80 15.44 -7.53
N PHE A 394 21.04 15.68 -8.63
CA PHE A 394 19.75 15.05 -8.78
C PHE A 394 19.89 13.61 -9.25
N PHE A 395 19.39 12.68 -8.41
CA PHE A 395 19.40 11.25 -8.69
C PHE A 395 17.96 10.81 -8.84
N GLU A 396 17.47 10.79 -10.08
CA GLU A 396 16.09 10.42 -10.34
C GLU A 396 15.86 8.93 -10.15
N THR A 397 14.72 8.55 -9.55
CA THR A 397 14.34 7.13 -9.36
C THR A 397 12.91 6.96 -9.84
N LEU A 398 12.49 5.71 -10.08
CA LEU A 398 11.15 5.36 -10.61
C LEU A 398 10.91 6.12 -11.92
N SER A 399 11.99 6.33 -12.68
CA SER A 399 11.97 7.14 -13.90
C SER A 399 11.30 6.47 -15.09
N GLY A 400 11.03 5.17 -14.99
CA GLY A 400 10.38 4.46 -16.09
C GLY A 400 8.87 4.42 -15.95
N TRP A 401 8.38 4.84 -14.79
CA TRP A 401 6.97 4.74 -14.39
C TRP A 401 6.31 6.05 -14.06
N ALA A 402 5.03 6.20 -14.44
CA ALA A 402 4.17 7.31 -14.07
C ALA A 402 4.93 8.67 -14.10
N LYS A 403 5.46 8.99 -15.27
CA LYS A 403 6.32 10.13 -15.57
C LYS A 403 5.69 11.52 -15.35
N GLY A 404 4.41 11.58 -15.02
CA GLY A 404 3.72 12.82 -14.65
C GLY A 404 4.28 13.44 -13.37
N VAL A 405 4.95 12.63 -12.56
CA VAL A 405 5.63 13.09 -11.34
C VAL A 405 7.10 12.71 -11.45
N VAL A 406 7.99 13.58 -10.96
CA VAL A 406 9.43 13.42 -11.03
C VAL A 406 9.93 13.24 -9.61
N VAL A 407 10.57 12.12 -9.35
CA VAL A 407 10.99 11.71 -8.02
C VAL A 407 12.51 11.49 -7.96
N GLY A 408 13.16 11.96 -6.92
CA GLY A 408 14.56 11.69 -6.79
C GLY A 408 15.18 12.21 -5.53
N ARG A 409 16.48 11.94 -5.39
CA ARG A 409 17.28 12.45 -4.27
C ARG A 409 18.06 13.62 -4.86
N ALA A 410 18.34 14.63 -4.06
CA ALA A 410 19.12 15.79 -4.47
C ALA A 410 19.87 16.30 -3.25
N ARG A 411 20.70 17.33 -3.44
CA ARG A 411 21.39 17.96 -2.34
C ARG A 411 21.13 19.45 -2.43
N LEU A 412 20.99 20.09 -1.27
CA LEU A 412 20.74 21.52 -1.17
C LEU A 412 21.87 22.05 -0.31
N GLY A 413 22.84 22.68 -0.96
CA GLY A 413 24.07 23.15 -0.31
C GLY A 413 24.79 22.04 0.43
N GLY A 414 24.67 20.81 -0.07
CA GLY A 414 25.26 19.64 0.57
C GLY A 414 24.30 18.78 1.36
N ILE A 415 23.12 19.34 1.73
CA ILE A 415 22.11 18.60 2.50
C ILE A 415 21.32 17.62 1.60
N PRO A 416 21.32 16.29 1.88
CA PRO A 416 20.53 15.38 1.03
C PRO A 416 19.04 15.45 1.41
N LEU A 417 18.18 15.24 0.41
CA LEU A 417 16.75 15.24 0.63
C LEU A 417 16.06 14.55 -0.53
N GLY A 418 14.82 14.12 -0.27
CA GLY A 418 13.97 13.60 -1.31
C GLY A 418 13.23 14.76 -1.96
N VAL A 419 13.07 14.72 -3.27
CA VAL A 419 12.42 15.76 -4.06
C VAL A 419 11.32 15.18 -4.90
N ILE A 420 10.15 15.80 -4.86
CA ILE A 420 9.02 15.44 -5.72
C ILE A 420 8.67 16.69 -6.53
N GLY A 421 8.72 16.57 -7.85
CA GLY A 421 8.36 17.62 -8.80
C GLY A 421 7.29 17.16 -9.74
N VAL A 422 6.65 18.13 -10.42
CA VAL A 422 5.54 17.85 -11.34
C VAL A 422 5.94 18.10 -12.79
N GLU A 423 5.75 17.07 -13.62
CA GLU A 423 6.01 17.15 -15.03
C GLU A 423 4.81 17.88 -15.64
N THR A 424 5.05 19.09 -16.18
CA THR A 424 4.02 19.94 -16.80
C THR A 424 3.63 19.47 -18.20
N ARG A 425 4.48 18.70 -18.85
CA ARG A 425 4.19 18.24 -20.21
C ARG A 425 3.31 17.00 -20.17
N THR A 426 2.50 16.81 -21.21
CA THR A 426 1.64 15.64 -21.38
C THR A 426 2.52 14.40 -21.39
N VAL A 427 2.12 13.39 -20.62
CA VAL A 427 2.89 12.15 -20.57
C VAL A 427 2.10 11.06 -21.26
N GLU A 428 2.78 10.21 -22.00
CA GLU A 428 2.13 9.09 -22.65
C GLU A 428 2.83 7.78 -22.34
N ASN A 429 2.08 6.72 -22.11
CA ASN A 429 2.65 5.42 -21.84
C ASN A 429 1.93 4.36 -22.64
N LEU A 430 2.68 3.38 -23.10
CA LEU A 430 2.20 2.31 -23.95
C LEU A 430 1.86 1.10 -23.12
N ILE A 431 0.60 0.70 -23.14
CA ILE A 431 0.15 -0.48 -22.45
C ILE A 431 0.31 -1.60 -23.48
N PRO A 432 1.13 -2.63 -23.18
CA PRO A 432 1.34 -3.69 -24.19
C PRO A 432 0.10 -4.53 -24.49
N ALA A 433 0.09 -5.11 -25.70
CA ALA A 433 -0.97 -6.01 -26.13
C ALA A 433 -0.82 -7.28 -25.27
N ASP A 434 -1.94 -7.76 -24.75
CA ASP A 434 -2.01 -8.98 -23.94
C ASP A 434 -1.83 -10.20 -24.87
N PRO A 435 -0.69 -10.94 -24.82
CA PRO A 435 -0.51 -12.11 -25.72
C PRO A 435 -1.51 -13.25 -25.53
N ALA A 436 -2.21 -13.30 -24.37
CA ALA A 436 -3.21 -14.31 -24.02
C ALA A 436 -4.58 -13.97 -24.61
N ASN A 437 -4.75 -12.73 -25.07
CA ASN A 437 -5.99 -12.25 -25.67
C ASN A 437 -5.73 -11.92 -27.13
N PRO A 438 -6.28 -12.72 -28.08
CA PRO A 438 -6.03 -12.42 -29.51
C PRO A 438 -6.72 -11.12 -29.97
N ASN A 439 -7.76 -10.70 -29.23
CA ASN A 439 -8.53 -9.48 -29.47
C ASN A 439 -7.87 -8.24 -28.81
N SER A 440 -6.64 -8.41 -28.24
CA SER A 440 -5.91 -7.34 -27.57
C SER A 440 -4.88 -6.68 -28.48
N ALA A 441 -4.80 -5.35 -28.37
CA ALA A 441 -3.84 -4.54 -29.11
C ALA A 441 -3.19 -3.57 -28.12
N GLU A 442 -1.97 -3.06 -28.45
CA GLU A 442 -1.30 -2.09 -27.60
C GLU A 442 -2.08 -0.77 -27.57
N THR A 443 -2.09 -0.09 -26.42
CA THR A 443 -2.83 1.14 -26.22
C THR A 443 -1.93 2.25 -25.74
N LEU A 444 -2.05 3.43 -26.33
CA LEU A 444 -1.28 4.58 -25.89
C LEU A 444 -2.17 5.46 -24.99
N ILE A 445 -1.78 5.63 -23.72
CA ILE A 445 -2.53 6.46 -22.79
C ILE A 445 -1.79 7.76 -22.66
N GLN A 446 -2.54 8.87 -22.70
CA GLN A 446 -2.03 10.23 -22.56
C GLN A 446 -2.61 10.82 -21.32
N GLN A 447 -1.77 11.43 -20.51
CA GLN A 447 -2.20 12.06 -19.27
C GLN A 447 -1.68 13.48 -19.24
N ALA A 448 -2.60 14.43 -19.05
CA ALA A 448 -2.32 15.86 -18.99
C ALA A 448 -1.38 16.15 -17.82
N GLY A 449 -0.49 17.12 -18.02
CA GLY A 449 0.45 17.58 -17.00
C GLY A 449 -0.27 18.27 -15.87
N GLN A 450 0.36 18.33 -14.69
CA GLN A 450 -0.16 18.97 -13.47
C GLN A 450 -1.48 18.39 -13.00
N VAL A 451 -1.71 17.10 -13.27
CA VAL A 451 -2.89 16.38 -12.83
C VAL A 451 -2.42 15.07 -12.21
N TRP A 452 -2.96 14.72 -11.06
CA TRP A 452 -2.65 13.44 -10.41
C TRP A 452 -3.57 12.38 -10.95
N PHE A 453 -3.01 11.35 -11.56
CA PHE A 453 -3.80 10.24 -12.09
C PHE A 453 -3.55 9.04 -11.15
N PRO A 454 -4.25 7.89 -11.30
CA PRO A 454 -3.94 6.75 -10.41
C PRO A 454 -2.44 6.42 -10.34
N ASN A 455 -1.73 6.33 -11.50
CA ASN A 455 -0.30 5.94 -11.49
C ASN A 455 0.63 7.00 -10.85
N SER A 456 0.42 8.30 -11.13
CA SER A 456 1.26 9.35 -10.55
C SER A 456 0.95 9.63 -9.08
N ALA A 457 -0.29 9.37 -8.64
CA ALA A 457 -0.68 9.50 -7.23
C ALA A 457 -0.02 8.36 -6.43
N PHE A 458 0.00 7.13 -7.04
CA PHE A 458 0.64 5.96 -6.45
C PHE A 458 2.16 6.22 -6.34
N LYS A 459 2.78 6.76 -7.41
CA LYS A 459 4.21 7.10 -7.41
C LYS A 459 4.59 8.10 -6.35
N THR A 460 3.78 9.14 -6.18
CA THR A 460 3.96 10.17 -5.16
C THR A 460 3.96 9.56 -3.78
N ALA A 461 2.92 8.76 -3.44
CA ALA A 461 2.83 8.08 -2.12
C ALA A 461 4.01 7.12 -1.92
N GLN A 462 4.39 6.40 -2.98
CA GLN A 462 5.51 5.45 -2.92
C GLN A 462 6.81 6.20 -2.59
N ALA A 463 7.05 7.34 -3.29
CA ALA A 463 8.23 8.18 -3.07
C ALA A 463 8.27 8.69 -1.65
N ILE A 464 7.14 9.19 -1.11
CA ILE A 464 7.09 9.69 0.28
C ILE A 464 7.53 8.55 1.23
N ASN A 465 6.96 7.36 1.04
CA ASN A 465 7.30 6.18 1.87
C ASN A 465 8.75 5.79 1.80
N ASP A 466 9.32 5.75 0.58
CA ASP A 466 10.70 5.35 0.34
C ASP A 466 11.71 6.38 0.86
N PHE A 467 11.36 7.67 0.90
CA PHE A 467 12.28 8.68 1.48
C PHE A 467 12.27 8.56 3.01
N ASN A 468 11.09 8.25 3.56
CA ASN A 468 10.85 8.15 5.00
C ASN A 468 11.49 6.93 5.64
N ASN A 469 11.12 5.75 5.17
CA ASN A 469 11.63 4.48 5.72
C ASN A 469 13.03 4.20 5.23
N GLY A 470 13.93 3.86 6.14
CA GLY A 470 15.31 3.50 5.82
C GLY A 470 16.17 4.67 5.42
N GLU A 471 15.77 5.41 4.37
CA GLU A 471 16.53 6.58 3.91
C GLU A 471 16.52 7.69 4.97
N GLN A 472 15.39 7.83 5.73
CA GLN A 472 15.15 8.83 6.78
C GLN A 472 15.53 10.24 6.32
N LEU A 473 15.15 10.55 5.11
CA LEU A 473 15.47 11.83 4.52
C LEU A 473 14.41 12.88 4.77
N PRO A 474 14.78 14.18 4.84
CA PRO A 474 13.75 15.22 4.79
C PRO A 474 13.22 15.26 3.34
N MET A 475 12.16 16.02 3.08
CA MET A 475 11.61 16.05 1.74
C MET A 475 11.13 17.42 1.32
N MET A 476 11.25 17.72 0.02
CA MET A 476 10.64 18.90 -0.56
C MET A 476 9.74 18.47 -1.68
N ILE A 477 8.49 18.95 -1.64
CA ILE A 477 7.55 18.69 -2.71
C ILE A 477 7.31 20.04 -3.38
N LEU A 478 7.62 20.13 -4.70
CA LEU A 478 7.41 21.31 -5.52
C LEU A 478 5.99 21.14 -6.06
N ALA A 479 5.03 21.40 -5.17
CA ALA A 479 3.60 21.21 -5.38
C ALA A 479 3.07 22.00 -6.53
N ASN A 480 2.60 21.30 -7.57
CA ASN A 480 2.11 21.94 -8.77
C ASN A 480 1.06 21.07 -9.45
N TRP A 481 -0.04 20.84 -8.76
CA TRP A 481 -1.16 20.06 -9.30
C TRP A 481 -2.44 20.85 -9.31
N ARG A 482 -3.15 20.81 -10.45
CA ARG A 482 -4.47 21.43 -10.62
C ARG A 482 -5.51 20.65 -9.79
N GLY A 483 -5.24 19.35 -9.62
CA GLY A 483 -6.11 18.45 -8.87
C GLY A 483 -5.89 17.01 -9.26
N PHE A 484 -6.89 16.17 -9.02
CA PHE A 484 -6.89 14.76 -9.38
C PHE A 484 -7.72 14.58 -10.63
N SER A 485 -7.44 13.54 -11.44
CA SER A 485 -8.26 13.28 -12.62
C SER A 485 -9.63 12.76 -12.17
N GLY A 486 -10.66 13.57 -12.37
CA GLY A 486 -12.02 13.27 -11.92
C GLY A 486 -12.95 12.65 -12.95
N GLY A 487 -12.43 12.39 -14.15
CA GLY A 487 -13.16 11.75 -15.24
C GLY A 487 -13.50 10.31 -14.95
N GLN A 488 -14.43 9.75 -15.73
CA GLN A 488 -14.94 8.40 -15.52
C GLN A 488 -13.88 7.30 -15.44
N ARG A 489 -12.97 7.21 -16.41
CA ARG A 489 -11.92 6.17 -16.50
C ARG A 489 -11.03 6.12 -15.26
N ASP A 490 -10.55 7.29 -14.85
CA ASP A 490 -9.65 7.44 -13.71
C ASP A 490 -10.34 7.24 -12.39
N MET A 491 -11.64 7.61 -12.30
CA MET A 491 -12.44 7.41 -11.09
C MET A 491 -12.71 5.93 -10.96
N PHE A 492 -13.03 5.26 -12.09
CA PHE A 492 -13.24 3.83 -12.13
C PHE A 492 -11.91 3.12 -11.76
N ASN A 493 -10.77 3.67 -12.22
CA ASN A 493 -9.43 3.11 -11.94
C ASN A 493 -8.89 3.50 -10.57
N GLU A 494 -9.79 3.91 -9.67
CA GLU A 494 -9.58 4.15 -8.25
C GLU A 494 -8.57 5.23 -7.89
N VAL A 495 -8.62 6.38 -8.60
CA VAL A 495 -7.76 7.54 -8.28
C VAL A 495 -7.87 7.97 -6.77
N LEU A 496 -9.06 7.83 -6.19
CA LEU A 496 -9.37 8.18 -4.79
C LEU A 496 -8.53 7.35 -3.81
N LYS A 497 -8.31 6.07 -4.13
CA LYS A 497 -7.52 5.16 -3.31
C LYS A 497 -6.06 5.57 -3.28
N TYR A 498 -5.51 5.88 -4.46
CA TYR A 498 -4.12 6.28 -4.62
C TYR A 498 -3.83 7.63 -4.04
N GLY A 499 -4.80 8.54 -4.15
CA GLY A 499 -4.70 9.86 -3.56
C GLY A 499 -4.70 9.76 -2.05
N SER A 500 -5.51 8.85 -1.49
CA SER A 500 -5.57 8.64 -0.03
C SER A 500 -4.27 8.07 0.52
N PHE A 501 -3.52 7.27 -0.28
CA PHE A 501 -2.19 6.75 0.11
C PHE A 501 -1.25 7.91 0.44
N ILE A 502 -1.38 9.03 -0.30
CA ILE A 502 -0.54 10.24 -0.10
C ILE A 502 -0.72 10.78 1.29
N VAL A 503 -1.96 10.91 1.75
CA VAL A 503 -2.29 11.39 3.09
C VAL A 503 -1.62 10.48 4.13
N ASP A 504 -1.85 9.14 4.00
CA ASP A 504 -1.27 8.14 4.90
C ASP A 504 0.25 8.22 4.96
N ALA A 505 0.88 8.35 3.79
CA ALA A 505 2.34 8.43 3.68
C ALA A 505 2.86 9.69 4.43
N LEU A 506 2.11 10.82 4.34
CA LEU A 506 2.48 12.07 5.02
C LEU A 506 2.29 11.98 6.54
N VAL A 507 1.20 11.35 7.01
CA VAL A 507 0.93 11.14 8.44
C VAL A 507 2.13 10.38 9.09
N ASP A 508 2.69 9.39 8.34
CA ASP A 508 3.76 8.55 8.83
C ASP A 508 5.16 9.16 8.78
N TYR A 509 5.32 10.31 8.10
CA TYR A 509 6.61 10.93 7.85
C TYR A 509 7.29 11.45 9.12
N LYS A 510 8.59 11.14 9.29
CA LYS A 510 9.32 11.43 10.53
C LYS A 510 10.46 12.45 10.42
N GLN A 511 10.63 13.06 9.23
CA GLN A 511 11.66 14.08 8.99
C GLN A 511 11.01 15.35 8.46
N PRO A 512 11.71 16.50 8.48
CA PRO A 512 11.11 17.75 7.96
C PRO A 512 10.61 17.67 6.55
N ILE A 513 9.44 18.27 6.31
CA ILE A 513 8.83 18.34 4.98
C ILE A 513 8.63 19.79 4.64
N ILE A 514 8.95 20.14 3.39
CA ILE A 514 8.70 21.45 2.84
C ILE A 514 7.78 21.26 1.65
N ILE A 515 6.62 21.90 1.69
CA ILE A 515 5.69 21.95 0.56
C ILE A 515 5.89 23.35 -0.02
N TYR A 516 6.32 23.44 -1.28
CA TYR A 516 6.58 24.73 -1.89
C TYR A 516 5.88 24.81 -3.21
N ILE A 517 4.91 25.71 -3.32
CA ILE A 517 4.22 25.95 -4.59
C ILE A 517 5.18 26.89 -5.35
N PRO A 518 5.82 26.39 -6.41
CA PRO A 518 6.84 27.21 -7.09
C PRO A 518 6.28 28.28 -8.03
N PRO A 519 7.12 29.15 -8.65
CA PRO A 519 6.58 30.14 -9.62
C PRO A 519 5.89 29.41 -10.76
N THR A 520 4.74 29.95 -11.21
CA THR A 520 3.84 29.35 -12.23
C THR A 520 3.07 28.13 -11.65
N GLY A 521 3.40 27.73 -10.42
CA GLY A 521 2.76 26.57 -9.81
C GLY A 521 1.42 26.87 -9.19
N GLU A 522 0.67 25.82 -8.85
CA GLU A 522 -0.63 25.95 -8.21
C GLU A 522 -1.01 24.73 -7.39
N LEU A 523 -2.05 24.91 -6.60
CA LEU A 523 -2.70 23.88 -5.82
C LEU A 523 -4.17 24.31 -5.82
N ARG A 524 -5.10 23.36 -5.99
CA ARG A 524 -6.52 23.70 -5.97
C ARG A 524 -7.21 22.83 -4.94
N GLY A 525 -8.54 22.91 -4.89
CA GLY A 525 -9.35 22.16 -3.92
C GLY A 525 -9.01 20.70 -3.72
N GLY A 526 -8.85 19.99 -4.83
CA GLY A 526 -8.54 18.56 -4.85
C GLY A 526 -7.11 18.20 -4.52
N SER A 527 -6.16 19.02 -4.94
CA SER A 527 -4.76 18.75 -4.71
C SER A 527 -4.25 19.27 -3.37
N TRP A 528 -4.75 20.44 -2.91
CA TRP A 528 -4.34 21.00 -1.61
C TRP A 528 -4.70 20.03 -0.45
N VAL A 529 -5.87 19.35 -0.54
CA VAL A 529 -6.36 18.42 0.50
C VAL A 529 -5.28 17.37 0.90
N VAL A 530 -4.46 16.87 -0.04
CA VAL A 530 -3.52 15.81 0.31
C VAL A 530 -2.09 16.30 0.66
N VAL A 531 -1.81 17.62 0.61
CA VAL A 531 -0.47 18.14 0.98
C VAL A 531 -0.52 19.25 2.07
N ASP A 532 -1.71 19.58 2.61
CA ASP A 532 -1.76 20.63 3.63
C ASP A 532 -0.89 20.28 4.85
N PRO A 533 -0.07 21.22 5.41
CA PRO A 533 0.75 20.89 6.58
C PRO A 533 0.01 20.43 7.85
N THR A 534 -1.34 20.61 7.95
CA THR A 534 -2.10 20.10 9.13
C THR A 534 -2.25 18.57 9.09
N ILE A 535 -1.89 17.94 7.94
CA ILE A 535 -1.87 16.46 7.82
C ILE A 535 -0.81 15.94 8.80
N ASN A 536 0.32 16.64 8.90
CA ASN A 536 1.41 16.25 9.81
C ASN A 536 2.12 17.52 10.32
N ALA A 537 1.49 18.18 11.28
CA ALA A 537 1.96 19.44 11.86
C ALA A 537 3.34 19.35 12.52
N ASP A 538 3.75 18.17 12.96
CA ASP A 538 5.05 17.97 13.56
C ASP A 538 6.17 18.11 12.54
N GLN A 539 5.92 17.81 11.26
CA GLN A 539 7.00 17.82 10.24
C GLN A 539 6.83 18.76 9.07
N MET A 540 5.57 19.07 8.74
CA MET A 540 5.27 19.81 7.55
C MET A 540 5.16 21.31 7.75
N GLU A 541 5.54 22.02 6.69
CA GLU A 541 5.37 23.46 6.54
C GLU A 541 5.23 23.77 5.08
N MET A 542 4.38 24.73 4.78
CA MET A 542 4.12 25.10 3.40
C MET A 542 4.57 26.55 3.11
N TYR A 543 5.01 26.76 1.86
CA TYR A 543 5.46 28.03 1.32
C TYR A 543 4.86 28.13 -0.05
N ALA A 544 4.61 29.36 -0.49
CA ALA A 544 4.12 29.60 -1.85
C ALA A 544 4.97 30.70 -2.46
N ASP A 545 5.29 30.53 -3.73
CA ASP A 545 6.03 31.55 -4.43
C ASP A 545 5.15 32.78 -4.66
N VAL A 546 5.78 34.00 -4.72
CA VAL A 546 5.06 35.22 -5.06
C VAL A 546 4.31 35.03 -6.41
N ASN A 547 4.82 34.15 -7.33
CA ASN A 547 4.13 33.85 -8.59
C ASN A 547 3.38 32.46 -8.59
N ALA A 548 2.93 32.00 -7.40
CA ALA A 548 2.14 30.77 -7.29
C ALA A 548 0.67 31.17 -7.25
N ARG A 549 -0.24 30.20 -7.36
CA ARG A 549 -1.69 30.41 -7.27
C ARG A 549 -2.30 29.28 -6.44
N ALA A 550 -3.37 29.59 -5.69
CA ALA A 550 -4.16 28.60 -4.98
C ALA A 550 -5.51 29.18 -4.61
N GLY A 551 -6.52 28.33 -4.79
CA GLY A 551 -7.90 28.59 -4.44
C GLY A 551 -8.67 27.30 -4.66
N VAL A 552 -9.95 27.24 -4.26
CA VAL A 552 -10.76 26.03 -4.42
C VAL A 552 -10.82 25.64 -5.89
N LEU A 553 -11.31 26.54 -6.73
CA LEU A 553 -11.40 26.28 -8.17
C LEU A 553 -10.44 27.20 -8.93
N GLU A 554 -10.16 26.83 -10.16
CA GLU A 554 -9.38 27.65 -11.05
C GLU A 554 -10.23 28.96 -11.36
N PRO A 555 -9.62 30.11 -11.75
CA PRO A 555 -10.40 31.34 -11.99
C PRO A 555 -11.68 31.18 -12.81
N GLU A 556 -11.64 30.40 -13.89
CA GLU A 556 -12.79 30.10 -14.75
C GLU A 556 -13.91 29.46 -13.95
N GLY A 557 -13.56 28.61 -12.98
CA GLY A 557 -14.52 27.94 -12.11
C GLY A 557 -15.15 28.88 -11.10
N THR A 558 -14.33 29.76 -10.47
CA THR A 558 -14.77 30.74 -9.48
C THR A 558 -15.72 31.79 -10.10
N VAL A 559 -15.40 32.29 -11.32
CA VAL A 559 -16.24 33.30 -11.99
C VAL A 559 -17.58 32.69 -12.42
N GLU A 560 -17.55 31.42 -12.88
CA GLU A 560 -18.71 30.65 -13.35
C GLU A 560 -19.82 30.53 -12.30
N ILE A 561 -19.50 30.72 -11.01
CA ILE A 561 -20.49 30.63 -9.95
C ILE A 561 -20.58 31.91 -9.10
N LYS A 562 -19.47 32.67 -8.97
CA LYS A 562 -19.47 33.86 -8.13
C LYS A 562 -19.39 35.19 -8.90
N PHE A 563 -19.26 35.17 -10.24
CA PHE A 563 -19.20 36.37 -11.08
C PHE A 563 -19.99 36.11 -12.35
N ARG A 564 -21.32 35.89 -12.17
CA ARG A 564 -22.27 35.58 -13.24
C ARG A 564 -22.67 36.83 -14.07
N ARG A 565 -23.41 36.61 -15.19
CA ARG A 565 -23.92 37.57 -16.17
C ARG A 565 -25.02 38.49 -15.60
N GLU A 566 -24.74 39.14 -14.46
CA GLU A 566 -25.62 40.04 -13.71
C GLU A 566 -24.70 40.87 -12.81
N LYS A 567 -23.67 40.21 -12.25
CA LYS A 567 -22.65 40.88 -11.46
C LYS A 567 -21.75 41.61 -12.48
N LEU A 568 -21.55 40.97 -13.66
CA LEU A 568 -20.78 41.48 -14.77
C LEU A 568 -21.45 42.73 -15.35
N LEU A 569 -22.80 42.68 -15.51
CA LEU A 569 -23.60 43.79 -16.04
C LEU A 569 -23.62 44.95 -15.06
N ASP A 570 -23.60 44.65 -13.75
CA ASP A 570 -23.51 45.67 -12.70
C ASP A 570 -22.15 46.36 -12.75
N THR A 571 -21.12 45.62 -13.22
CA THR A 571 -19.75 46.09 -13.40
C THR A 571 -19.68 46.96 -14.67
N MET A 572 -20.37 46.54 -15.74
CA MET A 572 -20.46 47.30 -16.99
C MET A 572 -21.17 48.63 -16.71
N ASN A 573 -22.27 48.58 -15.91
CA ASN A 573 -23.03 49.77 -15.51
C ASN A 573 -22.18 50.73 -14.70
N ARG A 574 -21.26 50.21 -13.86
CA ARG A 574 -20.42 51.07 -13.03
C ARG A 574 -19.26 51.69 -13.78
N LEU A 575 -18.67 50.92 -14.72
CA LEU A 575 -17.39 51.23 -15.36
C LEU A 575 -17.44 51.68 -16.81
N ASP A 576 -18.50 51.33 -17.54
CA ASP A 576 -18.61 51.73 -18.93
C ASP A 576 -19.61 52.89 -19.06
N ASP A 577 -19.11 54.11 -19.43
CA ASP A 577 -19.89 55.35 -19.64
C ASP A 577 -21.05 55.12 -20.61
N LYS A 578 -20.79 54.39 -21.72
CA LYS A 578 -21.76 54.03 -22.75
C LYS A 578 -22.88 53.14 -22.18
N TYR A 579 -22.51 52.03 -21.45
CA TYR A 579 -23.45 51.09 -20.83
C TYR A 579 -24.27 51.78 -19.74
N ARG A 580 -23.61 52.59 -18.88
CA ARG A 580 -24.23 53.32 -17.77
C ARG A 580 -25.38 54.21 -18.26
N GLU A 581 -25.12 54.99 -19.33
CA GLU A 581 -26.05 55.94 -19.97
C GLU A 581 -27.30 55.25 -20.51
N LEU A 582 -27.15 54.11 -21.22
CA LEU A 582 -28.32 53.37 -21.73
C LEU A 582 -29.18 52.80 -20.56
N ARG A 583 -28.53 52.38 -19.43
CA ARG A 583 -29.24 51.86 -18.24
C ARG A 583 -29.95 52.97 -17.45
N SER A 584 -29.36 54.17 -17.45
CA SER A 584 -29.89 55.38 -16.82
C SER A 584 -31.16 55.82 -17.58
N GLN A 585 -31.15 55.67 -18.93
CA GLN A 585 -32.23 55.97 -19.88
C GLN A 585 -33.44 55.06 -19.64
N LEU A 586 -33.20 53.74 -19.56
CA LEU A 586 -34.24 52.73 -19.34
C LEU A 586 -34.90 52.83 -17.96
N SER A 587 -34.21 53.48 -17.00
CA SER A 587 -34.68 53.71 -15.63
C SER A 587 -35.92 54.64 -15.57
N ASN A 588 -36.15 55.46 -16.63
CA ASN A 588 -37.27 56.39 -16.75
C ASN A 588 -38.63 55.66 -16.83
N LYS A 601 -32.42 45.89 -25.95
CA LYS A 601 -32.26 45.67 -27.38
C LYS A 601 -31.18 46.59 -27.94
N GLN A 602 -30.91 47.68 -27.22
CA GLN A 602 -29.88 48.70 -27.53
C GLN A 602 -28.75 48.60 -26.49
N LEU A 603 -29.13 48.34 -25.21
CA LEU A 603 -28.25 48.12 -24.06
C LEU A 603 -27.70 46.69 -24.18
N ALA A 604 -28.49 45.80 -24.82
CA ALA A 604 -28.18 44.40 -25.10
C ALA A 604 -27.40 44.27 -26.41
N ASP A 605 -26.44 45.18 -26.62
CA ASP A 605 -25.53 45.27 -27.77
C ASP A 605 -24.20 45.84 -27.29
N ARG A 606 -24.26 46.64 -26.21
CA ARG A 606 -23.07 47.17 -25.55
C ARG A 606 -22.45 46.02 -24.75
N GLU A 607 -23.31 45.10 -24.21
CA GLU A 607 -22.94 43.87 -23.48
C GLU A 607 -22.08 43.00 -24.39
N ARG A 608 -22.57 42.75 -25.64
CA ARG A 608 -21.92 41.95 -26.68
C ARG A 608 -20.51 42.42 -26.99
N GLU A 609 -20.31 43.74 -27.03
CA GLU A 609 -19.03 44.39 -27.31
C GLU A 609 -18.09 44.24 -26.11
N LEU A 610 -18.58 44.53 -24.89
CA LEU A 610 -17.81 44.53 -23.63
C LEU A 610 -17.56 43.15 -23.04
N LEU A 611 -18.36 42.14 -23.41
CA LEU A 611 -18.30 40.77 -22.91
C LEU A 611 -16.87 40.14 -22.89
N PRO A 612 -16.08 40.10 -24.00
CA PRO A 612 -14.75 39.50 -23.94
C PRO A 612 -13.78 40.12 -22.93
N ILE A 613 -13.71 41.47 -22.86
CA ILE A 613 -12.79 42.15 -21.95
C ILE A 613 -13.33 42.18 -20.52
N TYR A 614 -14.67 42.20 -20.33
CA TYR A 614 -15.20 42.21 -18.96
C TYR A 614 -15.07 40.82 -18.32
N GLY A 615 -15.07 39.78 -19.16
CA GLY A 615 -14.82 38.39 -18.78
C GLY A 615 -13.36 38.22 -18.38
N GLN A 616 -12.44 38.93 -19.05
CA GLN A 616 -11.01 38.91 -18.72
C GLN A 616 -10.82 39.64 -17.39
N ILE A 617 -11.62 40.73 -17.15
CA ILE A 617 -11.58 41.51 -15.92
C ILE A 617 -12.11 40.67 -14.74
N SER A 618 -13.26 39.97 -14.92
CA SER A 618 -13.85 39.11 -13.86
C SER A 618 -12.86 38.00 -13.51
N LEU A 619 -12.22 37.38 -14.54
CA LEU A 619 -11.17 36.35 -14.39
C LEU A 619 -9.98 36.86 -13.58
N GLN A 620 -9.58 38.14 -13.79
CA GLN A 620 -8.48 38.76 -13.06
C GLN A 620 -8.93 39.08 -11.66
N PHE A 621 -10.21 39.48 -11.51
CA PHE A 621 -10.77 39.75 -10.19
C PHE A 621 -10.64 38.47 -9.34
N ALA A 622 -11.03 37.32 -9.89
CA ALA A 622 -10.95 36.01 -9.23
C ALA A 622 -9.47 35.62 -8.96
N ASP A 623 -8.60 35.73 -9.98
CA ASP A 623 -7.17 35.45 -9.89
C ASP A 623 -6.44 36.25 -8.80
N LEU A 624 -6.92 37.47 -8.49
CA LEU A 624 -6.34 38.34 -7.47
C LEU A 624 -6.56 37.84 -6.04
N HIS A 625 -7.50 36.90 -5.86
CA HIS A 625 -7.78 36.25 -4.56
C HIS A 625 -6.82 35.06 -4.37
N ASP A 626 -6.35 34.48 -5.46
CA ASP A 626 -5.54 33.26 -5.50
C ASP A 626 -4.05 33.45 -5.26
N ARG A 627 -3.66 34.55 -4.65
CA ARG A 627 -2.26 34.89 -4.49
C ARG A 627 -1.65 34.48 -3.18
N SER A 628 -0.30 34.32 -3.18
CA SER A 628 0.47 33.99 -1.99
C SER A 628 0.25 34.97 -0.82
N SER A 629 -0.07 36.25 -1.13
CA SER A 629 -0.36 37.28 -0.12
C SER A 629 -1.65 36.95 0.63
N ARG A 630 -2.67 36.40 -0.05
CA ARG A 630 -3.90 35.98 0.62
C ARG A 630 -3.57 34.76 1.51
N MET A 631 -2.72 33.83 1.01
CA MET A 631 -2.30 32.64 1.77
C MET A 631 -1.61 33.04 3.07
N VAL A 632 -0.72 34.05 3.01
CA VAL A 632 0.00 34.59 4.18
C VAL A 632 -1.02 35.22 5.13
N ALA A 633 -1.90 36.10 4.61
CA ALA A 633 -2.93 36.78 5.42
C ALA A 633 -3.84 35.80 6.16
N LYS A 634 -4.19 34.67 5.50
CA LYS A 634 -5.04 33.63 6.06
C LYS A 634 -4.33 32.66 7.04
N GLY A 635 -2.99 32.67 7.07
CA GLY A 635 -2.19 31.85 7.96
C GLY A 635 -2.07 30.39 7.54
N VAL A 636 -2.20 30.12 6.23
CA VAL A 636 -2.13 28.76 5.67
C VAL A 636 -0.72 28.38 5.15
N ILE A 637 0.20 29.38 4.97
CA ILE A 637 1.59 29.16 4.54
C ILE A 637 2.47 29.88 5.57
N SER A 638 3.72 29.40 5.76
CA SER A 638 4.67 30.02 6.70
C SER A 638 5.18 31.37 6.13
N LYS A 639 5.51 31.41 4.82
CA LYS A 639 6.02 32.60 4.13
C LYS A 639 5.73 32.51 2.66
N GLU A 640 5.68 33.68 1.98
CA GLU A 640 5.65 33.76 0.54
C GLU A 640 7.09 33.97 0.12
N LEU A 641 7.52 33.39 -0.99
CA LEU A 641 8.93 33.49 -1.34
C LEU A 641 9.15 33.89 -2.76
N GLU A 642 10.37 34.38 -3.05
CA GLU A 642 10.81 34.69 -4.40
C GLU A 642 11.71 33.55 -4.80
N TRP A 643 11.38 32.91 -5.93
CA TRP A 643 12.09 31.77 -6.52
C TRP A 643 13.60 31.92 -6.59
N THR A 644 14.11 33.05 -7.14
CA THR A 644 15.57 33.28 -7.27
C THR A 644 16.28 33.21 -5.91
N GLU A 645 15.60 33.60 -4.83
CA GLU A 645 16.16 33.56 -3.48
C GLU A 645 15.83 32.27 -2.69
N ALA A 646 15.05 31.33 -3.29
CA ALA A 646 14.57 30.07 -2.63
C ALA A 646 15.67 29.12 -2.18
N ARG A 647 16.79 29.02 -2.93
CA ARG A 647 17.91 28.16 -2.56
C ARG A 647 18.53 28.64 -1.26
N ARG A 648 18.78 29.97 -1.15
CA ARG A 648 19.36 30.56 0.04
C ARG A 648 18.45 30.40 1.21
N PHE A 649 17.14 30.69 1.02
CA PHE A 649 16.14 30.56 2.07
C PHE A 649 16.02 29.10 2.55
N PHE A 650 15.75 28.15 1.62
CA PHE A 650 15.56 26.73 1.96
C PHE A 650 16.76 26.05 2.54
N PHE A 651 17.98 26.43 2.12
CA PHE A 651 19.19 25.83 2.70
C PHE A 651 19.26 26.09 4.19
N TRP A 652 19.07 27.35 4.60
CA TRP A 652 19.16 27.69 6.01
C TRP A 652 17.96 27.24 6.79
N ARG A 653 16.75 27.29 6.18
CA ARG A 653 15.54 26.78 6.82
C ARG A 653 15.68 25.27 7.09
N LEU A 654 16.12 24.49 6.09
CA LEU A 654 16.31 23.04 6.26
C LEU A 654 17.44 22.74 7.23
N ARG A 655 18.55 23.48 7.15
CA ARG A 655 19.66 23.32 8.08
C ARG A 655 19.20 23.56 9.53
N ARG A 656 18.41 24.62 9.75
CA ARG A 656 17.86 25.03 11.06
C ARG A 656 16.89 23.96 11.59
N ARG A 657 15.97 23.49 10.74
CA ARG A 657 15.02 22.44 11.11
C ARG A 657 15.68 21.14 11.49
N LEU A 658 16.69 20.72 10.71
CA LEU A 658 17.43 19.49 11.02
C LEU A 658 18.12 19.59 12.36
N ASN A 659 18.67 20.77 12.68
CA ASN A 659 19.32 21.01 13.96
C ASN A 659 18.33 20.97 15.08
N GLU A 660 17.16 21.64 14.92
CA GLU A 660 16.10 21.67 15.92
C GLU A 660 15.52 20.25 16.15
N GLU A 661 15.34 19.45 15.07
CA GLU A 661 14.86 18.07 15.14
C GLU A 661 15.82 17.20 15.91
N TYR A 662 17.11 17.46 15.76
CA TYR A 662 18.16 16.70 16.42
C TYR A 662 18.11 16.99 17.93
N LEU A 663 17.85 18.28 18.31
CA LEU A 663 17.72 18.68 19.71
C LEU A 663 16.44 18.13 20.32
N ILE A 664 15.31 18.10 19.57
CA ILE A 664 14.04 17.51 20.02
C ILE A 664 14.28 16.05 20.41
N LYS A 665 14.96 15.28 19.54
CA LYS A 665 15.30 13.86 19.77
C LYS A 665 16.25 13.69 20.96
N ARG A 666 17.16 14.67 21.19
CA ARG A 666 18.10 14.64 22.31
C ARG A 666 17.40 14.88 23.64
N LEU A 667 16.33 15.69 23.61
CA LEU A 667 15.50 16.05 24.75
C LEU A 667 14.54 14.88 25.09
N SER A 668 14.41 13.88 24.19
CA SER A 668 13.62 12.66 24.40
C SER A 668 14.39 11.70 25.30
N HIS A 669 15.73 11.88 25.36
CA HIS A 669 16.65 11.11 26.20
C HIS A 669 16.72 11.72 27.62
N GLN A 670 15.78 12.62 27.96
CA GLN A 670 15.72 13.34 29.23
C GLN A 670 14.36 13.20 29.90
N VAL A 671 14.28 13.58 31.22
CA VAL A 671 13.11 13.67 32.13
C VAL A 671 11.79 12.98 31.63
N GLY A 672 11.89 11.69 31.29
CA GLY A 672 10.77 10.88 30.80
C GLY A 672 10.07 11.43 29.56
N GLU A 673 8.73 11.43 29.58
CA GLU A 673 7.88 11.88 28.47
C GLU A 673 7.38 13.33 28.62
N ALA A 674 7.42 14.07 27.48
CA ALA A 674 6.99 15.45 27.28
C ALA A 674 6.61 15.63 25.80
N SER A 675 5.62 16.49 25.53
CA SER A 675 5.13 16.68 24.17
C SER A 675 6.16 17.40 23.28
N ARG A 676 6.05 17.21 21.96
CA ARG A 676 6.92 17.85 20.97
C ARG A 676 6.87 19.37 21.13
N LEU A 677 5.64 19.93 21.25
CA LEU A 677 5.42 21.37 21.43
C LEU A 677 6.19 21.89 22.65
N GLU A 678 6.17 21.11 23.76
CA GLU A 678 6.89 21.42 24.98
C GLU A 678 8.41 21.38 24.73
N LYS A 679 8.88 20.35 23.99
CA LYS A 679 10.30 20.16 23.63
C LYS A 679 10.89 21.32 22.81
N ILE A 680 10.25 21.74 21.69
CA ILE A 680 10.78 22.88 20.92
C ILE A 680 10.70 24.18 21.71
N ALA A 681 9.63 24.38 22.51
CA ALA A 681 9.48 25.59 23.32
C ALA A 681 10.63 25.69 24.35
N ARG A 682 11.05 24.53 24.94
CA ARG A 682 12.16 24.42 25.88
C ARG A 682 13.48 24.75 25.17
N ILE A 683 13.73 24.12 24.00
CA ILE A 683 14.91 24.32 23.19
C ILE A 683 15.04 25.79 22.78
N ARG A 684 13.95 26.38 22.26
CA ARG A 684 13.94 27.76 21.80
C ARG A 684 14.07 28.80 22.94
N SER A 685 13.81 28.36 24.20
CA SER A 685 13.98 29.19 25.38
C SER A 685 15.49 29.32 25.70
N TRP A 686 16.33 28.38 25.20
CA TRP A 686 17.77 28.38 25.41
C TRP A 686 18.51 29.35 24.48
N TYR A 687 17.85 29.80 23.40
CA TYR A 687 18.51 30.70 22.43
C TYR A 687 18.73 32.08 23.10
N PRO A 688 19.89 32.76 22.89
CA PRO A 688 20.12 34.07 23.54
C PRO A 688 19.34 35.22 22.91
N ALA A 689 19.42 36.42 23.53
CA ALA A 689 18.76 37.66 23.07
C ALA A 689 19.24 38.13 21.69
N SER A 690 20.51 37.82 21.34
CA SER A 690 21.10 38.19 20.05
C SER A 690 20.57 37.34 18.88
N VAL A 691 20.09 36.11 19.19
CA VAL A 691 19.56 35.15 18.22
C VAL A 691 18.05 35.33 18.02
N ASP A 692 17.66 36.00 16.91
CA ASP A 692 16.30 36.20 16.42
C ASP A 692 15.82 34.81 15.97
N HIS A 693 14.83 34.25 16.69
CA HIS A 693 14.21 32.94 16.45
C HIS A 693 13.82 32.74 14.99
N GLU A 694 13.35 33.82 14.34
CA GLU A 694 12.90 33.80 12.95
C GLU A 694 14.04 33.79 11.92
N ASP A 695 15.28 34.05 12.38
CA ASP A 695 16.46 34.04 11.52
C ASP A 695 17.04 32.61 11.54
N ASP A 696 16.80 31.85 10.44
CA ASP A 696 17.23 30.45 10.29
C ASP A 696 18.73 30.25 10.36
N ARG A 697 19.51 31.11 9.67
CA ARG A 697 20.97 31.03 9.67
C ARG A 697 21.52 31.22 11.05
N GLN A 698 21.03 32.24 11.75
CA GLN A 698 21.49 32.55 13.09
C GLN A 698 21.20 31.40 14.06
N VAL A 699 19.99 30.82 13.98
CA VAL A 699 19.59 29.68 14.83
C VAL A 699 20.44 28.43 14.54
N ALA A 700 20.56 28.03 13.26
CA ALA A 700 21.39 26.88 12.86
C ALA A 700 22.84 27.05 13.31
N THR A 701 23.42 28.27 13.09
CA THR A 701 24.79 28.60 13.50
C THR A 701 24.99 28.48 15.02
N TRP A 702 24.07 29.07 15.80
CA TRP A 702 24.18 29.03 17.26
C TRP A 702 24.08 27.60 17.79
N ILE A 703 23.15 26.78 17.24
CA ILE A 703 22.99 25.37 17.67
C ILE A 703 24.27 24.59 17.42
N GLU A 704 24.83 24.73 16.21
CA GLU A 704 26.04 24.04 15.80
C GLU A 704 27.26 24.43 16.63
N GLU A 705 27.35 25.71 17.02
CA GLU A 705 28.44 26.20 17.87
C GLU A 705 28.27 25.72 19.32
N ASN A 706 27.02 25.55 19.81
CA ASN A 706 26.74 25.15 21.18
C ASN A 706 26.26 23.69 21.37
N TYR A 707 26.36 22.83 20.33
CA TYR A 707 25.86 21.46 20.41
C TYR A 707 26.55 20.60 21.50
N LYS A 708 27.89 20.76 21.68
CA LYS A 708 28.68 20.07 22.71
C LYS A 708 28.31 20.59 24.09
N THR A 709 28.18 21.93 24.22
CA THR A 709 27.81 22.60 25.47
C THR A 709 26.40 22.15 25.89
N LEU A 710 25.45 22.09 24.91
CA LEU A 710 24.09 21.61 25.13
C LEU A 710 24.08 20.15 25.51
N ASP A 711 24.91 19.32 24.84
CA ASP A 711 25.06 17.89 25.11
C ASP A 711 25.49 17.66 26.57
N ASP A 712 26.47 18.45 27.05
CA ASP A 712 27.01 18.42 28.42
C ASP A 712 25.93 18.88 29.42
N LYS A 713 25.41 20.11 29.23
CA LYS A 713 24.37 20.76 30.04
C LYS A 713 23.12 19.90 30.19
N LEU A 714 22.79 19.08 29.17
CA LEU A 714 21.62 18.21 29.21
C LEU A 714 21.80 17.05 30.16
N LYS A 715 22.99 16.45 30.23
CA LYS A 715 23.26 15.34 31.14
C LYS A 715 24.05 15.81 32.39
N GLY A 716 23.41 16.03 33.54
CA GLY A 716 21.98 15.85 33.80
C GLY A 716 21.24 17.15 34.04
N LEU A 717 19.97 17.21 33.58
CA LEU A 717 19.10 18.40 33.69
C LEU A 717 17.60 18.05 33.53
N GLN B 22 -41.64 21.63 7.87
CA GLN B 22 -40.49 22.53 7.85
C GLN B 22 -39.87 22.71 6.46
N PRO B 23 -39.43 23.97 6.14
CA PRO B 23 -38.80 24.21 4.82
C PRO B 23 -37.43 23.54 4.66
N LYS B 24 -36.63 23.45 5.76
CA LYS B 24 -35.31 22.79 5.75
C LYS B 24 -35.44 21.30 5.41
N ARG B 25 -36.47 20.64 5.99
CA ARG B 25 -36.76 19.22 5.76
C ARG B 25 -37.07 18.98 4.28
N TYR B 26 -37.92 19.85 3.68
CA TYR B 26 -38.33 19.71 2.28
C TYR B 26 -37.16 20.03 1.33
N LYS B 27 -36.27 20.95 1.75
CA LYS B 27 -35.05 21.34 1.01
C LYS B 27 -34.11 20.11 0.92
N ALA B 28 -33.94 19.38 2.06
CA ALA B 28 -33.14 18.16 2.12
C ALA B 28 -33.75 17.11 1.21
N HIS B 29 -35.09 16.88 1.30
CA HIS B 29 -35.82 15.89 0.50
C HIS B 29 -35.70 16.16 -1.00
N LEU B 30 -35.68 17.46 -1.37
CA LEU B 30 -35.53 17.95 -2.74
C LEU B 30 -34.15 17.56 -3.28
N MET B 31 -33.13 17.55 -2.40
CA MET B 31 -31.74 17.17 -2.71
C MET B 31 -31.56 15.64 -2.77
N GLY B 32 -32.58 14.90 -2.35
CA GLY B 32 -32.62 13.44 -2.36
C GLY B 32 -32.04 12.81 -1.12
N THR B 33 -32.09 13.53 0.02
CA THR B 33 -31.52 13.03 1.27
C THR B 33 -32.43 13.34 2.47
N THR B 34 -32.15 12.71 3.60
CA THR B 34 -32.83 12.88 4.88
C THR B 34 -32.27 14.16 5.54
N TYR B 35 -33.12 14.96 6.17
CA TYR B 35 -32.69 16.16 6.90
C TYR B 35 -31.87 15.65 8.11
N VAL B 36 -30.69 16.25 8.36
CA VAL B 36 -29.74 15.79 9.39
C VAL B 36 -30.33 15.45 10.73
N TYR B 37 -31.20 16.34 11.25
CA TYR B 37 -31.82 16.15 12.55
C TYR B 37 -32.84 15.00 12.57
N ASP B 38 -33.15 14.39 11.40
CA ASP B 38 -34.02 13.22 11.30
C ASP B 38 -33.25 11.90 11.22
N PHE B 39 -31.92 11.97 11.13
CA PHE B 39 -31.09 10.76 11.06
C PHE B 39 -31.08 9.99 12.38
N PRO B 40 -31.05 10.62 13.59
CA PRO B 40 -31.10 9.83 14.83
C PRO B 40 -32.33 8.91 14.92
N GLU B 41 -33.48 9.38 14.40
CA GLU B 41 -34.71 8.58 14.34
C GLU B 41 -34.50 7.36 13.43
N LEU B 42 -33.74 7.52 12.33
CA LEU B 42 -33.47 6.36 11.45
C LEU B 42 -32.61 5.33 12.19
N PHE B 43 -31.68 5.79 13.04
CA PHE B 43 -30.84 4.91 13.86
C PHE B 43 -31.69 4.18 14.89
N ARG B 44 -32.65 4.89 15.51
CA ARG B 44 -33.64 4.33 16.46
C ARG B 44 -34.42 3.20 15.78
N GLN B 45 -34.92 3.43 14.54
CA GLN B 45 -35.67 2.43 13.76
C GLN B 45 -34.85 1.21 13.39
N ALA B 46 -33.59 1.43 12.95
CA ALA B 46 -32.66 0.34 12.59
C ALA B 46 -32.31 -0.49 13.86
N SER B 47 -32.09 0.17 15.01
CA SER B 47 -31.74 -0.49 16.27
C SER B 47 -32.92 -1.32 16.78
N SER B 48 -34.15 -0.81 16.61
CA SER B 48 -35.41 -1.49 16.97
C SER B 48 -35.57 -2.75 16.08
N SER B 49 -35.35 -2.62 14.77
CA SER B 49 -35.44 -3.73 13.82
C SER B 49 -34.42 -4.82 14.10
N GLN B 50 -33.24 -4.41 14.62
CA GLN B 50 -32.14 -5.29 15.01
C GLN B 50 -32.62 -6.24 16.15
N TRP B 51 -33.36 -5.69 17.13
CA TRP B 51 -33.93 -6.46 18.23
C TRP B 51 -35.00 -7.41 17.74
N LYS B 52 -35.92 -6.94 16.86
CA LYS B 52 -37.00 -7.75 16.26
C LYS B 52 -36.43 -8.96 15.52
N ASN B 53 -35.32 -8.76 14.78
CA ASN B 53 -34.65 -9.84 14.04
C ASN B 53 -33.96 -10.83 14.97
N PHE B 54 -33.41 -10.34 16.09
CA PHE B 54 -32.71 -11.19 17.05
C PHE B 54 -33.69 -12.02 17.90
N SER B 55 -34.68 -11.34 18.53
CA SER B 55 -35.68 -11.93 19.42
C SER B 55 -37.01 -11.18 19.25
N ALA B 56 -37.93 -11.74 18.44
CA ALA B 56 -39.24 -11.13 18.14
C ALA B 56 -40.06 -10.73 19.38
N ASP B 57 -39.95 -11.49 20.48
CA ASP B 57 -40.69 -11.27 21.72
C ASP B 57 -40.13 -10.17 22.62
N VAL B 58 -38.95 -9.60 22.31
CA VAL B 58 -38.34 -8.54 23.13
C VAL B 58 -39.18 -7.24 23.07
N LYS B 59 -39.48 -6.66 24.23
CA LYS B 59 -40.29 -5.44 24.34
C LYS B 59 -39.40 -4.27 24.69
N LEU B 60 -39.22 -3.35 23.75
CA LEU B 60 -38.34 -2.21 23.95
C LEU B 60 -39.04 -1.00 24.54
N THR B 61 -38.34 -0.34 25.46
CA THR B 61 -38.76 0.91 26.07
C THR B 61 -37.92 2.02 25.44
N ASP B 62 -38.37 3.28 25.56
CA ASP B 62 -37.70 4.44 24.97
C ASP B 62 -36.23 4.59 25.41
N ASP B 63 -35.91 4.12 26.63
CA ASP B 63 -34.58 4.16 27.23
C ASP B 63 -33.54 3.29 26.51
N PHE B 64 -33.97 2.41 25.58
CA PHE B 64 -33.08 1.55 24.82
C PHE B 64 -32.23 2.39 23.85
N PHE B 65 -32.74 3.55 23.39
CA PHE B 65 -32.05 4.41 22.42
C PHE B 65 -32.05 5.85 22.89
N ILE B 66 -30.85 6.47 22.93
CA ILE B 66 -30.71 7.88 23.31
C ILE B 66 -29.77 8.57 22.31
N SER B 67 -30.19 9.70 21.76
CA SER B 67 -29.37 10.49 20.87
C SER B 67 -29.28 11.88 21.45
N ASN B 68 -28.07 12.32 21.80
CA ASN B 68 -27.82 13.65 22.35
C ASN B 68 -26.89 14.37 21.41
N GLU B 69 -27.29 15.57 21.01
CA GLU B 69 -26.46 16.39 20.13
C GLU B 69 -25.20 16.84 20.83
N LEU B 70 -24.10 16.85 20.06
CA LEU B 70 -22.81 17.34 20.52
C LEU B 70 -22.60 18.74 19.97
N ILE B 71 -22.27 19.67 20.87
CA ILE B 71 -21.93 21.04 20.50
C ILE B 71 -20.74 21.46 21.35
N GLU B 72 -19.99 22.45 20.90
CA GLU B 72 -18.85 22.98 21.66
C GLU B 72 -19.33 23.92 22.77
N ASP B 73 -18.78 23.74 23.99
CA ASP B 73 -19.05 24.59 25.14
C ASP B 73 -18.24 25.92 25.04
N GLU B 74 -18.18 26.67 26.16
CA GLU B 74 -17.48 27.96 26.36
C GLU B 74 -15.99 27.81 26.03
N ASN B 75 -15.39 26.67 26.44
CA ASN B 75 -13.99 26.33 26.24
C ASN B 75 -13.68 25.65 24.90
N GLY B 76 -14.69 25.52 24.03
CA GLY B 76 -14.56 24.88 22.72
C GLY B 76 -14.54 23.36 22.78
N GLU B 77 -14.87 22.81 23.96
CA GLU B 77 -14.91 21.37 24.23
C GLU B 77 -16.28 20.82 23.91
N LEU B 78 -16.32 19.71 23.22
CA LEU B 78 -17.56 19.08 22.80
C LEU B 78 -18.32 18.50 24.00
N THR B 79 -19.62 18.78 24.05
CA THR B 79 -20.50 18.38 25.16
C THR B 79 -21.90 18.02 24.64
N GLU B 80 -22.55 17.08 25.35
CA GLU B 80 -23.92 16.62 25.06
C GLU B 80 -24.91 17.67 25.51
N VAL B 81 -25.86 17.99 24.63
CA VAL B 81 -26.91 18.98 24.86
C VAL B 81 -28.25 18.54 24.33
N GLU B 82 -29.30 19.08 24.96
CA GLU B 82 -30.66 18.90 24.53
C GLU B 82 -31.12 20.28 24.10
N ARG B 83 -31.13 20.50 22.78
CA ARG B 83 -31.58 21.76 22.21
C ARG B 83 -32.56 21.45 21.11
N GLU B 84 -33.31 22.45 20.69
CA GLU B 84 -34.26 22.18 19.62
C GLU B 84 -33.46 21.85 18.35
N PRO B 85 -33.95 20.93 17.49
CA PRO B 85 -33.22 20.67 16.24
C PRO B 85 -33.18 21.90 15.33
N GLY B 86 -32.29 21.90 14.34
CA GLY B 86 -32.14 22.96 13.37
C GLY B 86 -31.54 24.25 13.88
N ALA B 87 -30.97 24.24 15.10
CA ALA B 87 -30.37 25.43 15.75
C ALA B 87 -28.85 25.51 15.53
N ASN B 88 -28.36 24.78 14.53
CA ASN B 88 -26.94 24.76 14.18
C ASN B 88 -26.53 26.06 13.45
N ALA B 89 -25.52 26.71 14.00
CA ALA B 89 -24.96 27.93 13.41
C ALA B 89 -23.85 27.60 12.39
N ILE B 90 -23.55 26.29 12.19
CA ILE B 90 -22.55 25.79 11.22
C ILE B 90 -23.15 24.62 10.44
N GLY B 91 -22.56 24.32 9.28
CA GLY B 91 -23.02 23.27 8.36
C GLY B 91 -22.58 21.86 8.65
N MET B 92 -22.15 21.61 9.88
CA MET B 92 -21.71 20.31 10.35
C MET B 92 -22.36 20.09 11.72
N VAL B 93 -23.04 18.94 11.91
CA VAL B 93 -23.71 18.58 13.17
C VAL B 93 -23.21 17.19 13.66
N ALA B 94 -23.37 16.91 14.96
CA ALA B 94 -22.95 15.63 15.53
C ALA B 94 -23.87 15.20 16.67
N PHE B 95 -23.97 13.88 16.84
CA PHE B 95 -24.80 13.23 17.87
C PHE B 95 -24.01 12.13 18.53
N LYS B 96 -24.21 11.97 19.85
CA LYS B 96 -23.68 10.87 20.60
C LYS B 96 -24.85 9.94 20.81
N ILE B 97 -24.76 8.73 20.28
CA ILE B 97 -25.82 7.74 20.42
C ILE B 97 -25.43 6.69 21.46
N THR B 98 -26.37 6.38 22.37
CA THR B 98 -26.27 5.33 23.39
C THR B 98 -27.44 4.39 23.12
N VAL B 99 -27.14 3.18 22.64
CA VAL B 99 -28.13 2.17 22.28
C VAL B 99 -27.89 0.89 22.98
N LYS B 100 -28.98 0.20 23.34
CA LYS B 100 -28.94 -1.15 23.89
C LYS B 100 -29.16 -2.03 22.66
N THR B 101 -28.21 -2.93 22.39
CA THR B 101 -28.30 -3.79 21.22
C THR B 101 -28.25 -5.25 21.63
N PRO B 102 -28.60 -6.22 20.76
CA PRO B 102 -28.45 -7.65 21.15
C PRO B 102 -27.05 -8.05 21.66
N GLU B 103 -25.96 -7.49 21.09
CA GLU B 103 -24.60 -7.82 21.55
C GLU B 103 -24.20 -6.97 22.72
N TYR B 104 -24.82 -5.80 22.89
CA TYR B 104 -24.59 -4.94 24.06
C TYR B 104 -25.94 -4.55 24.71
N PRO B 105 -26.60 -5.50 25.42
CA PRO B 105 -27.92 -5.20 26.02
C PRO B 105 -27.92 -4.09 27.07
N ARG B 106 -26.78 -3.79 27.68
CA ARG B 106 -26.66 -2.69 28.64
C ARG B 106 -26.25 -1.37 27.98
N GLY B 107 -25.97 -1.39 26.67
CA GLY B 107 -25.63 -0.19 25.92
C GLY B 107 -24.24 -0.12 25.29
N ARG B 108 -24.18 0.47 24.09
CA ARG B 108 -22.94 0.77 23.37
C ARG B 108 -23.07 2.21 22.87
N GLN B 109 -21.96 2.88 22.68
CA GLN B 109 -21.99 4.26 22.21
C GLN B 109 -21.19 4.44 20.95
N PHE B 110 -21.58 5.44 20.18
CA PHE B 110 -20.91 5.86 18.96
C PHE B 110 -21.30 7.28 18.66
N VAL B 111 -20.55 7.93 17.81
CA VAL B 111 -20.75 9.31 17.39
C VAL B 111 -21.19 9.29 15.92
N VAL B 112 -22.11 10.18 15.57
CA VAL B 112 -22.57 10.38 14.20
C VAL B 112 -22.24 11.83 13.82
N VAL B 113 -21.39 12.05 12.77
CA VAL B 113 -21.06 13.39 12.25
C VAL B 113 -21.77 13.49 10.93
N ALA B 114 -22.29 14.66 10.61
CA ALA B 114 -23.00 14.81 9.35
C ALA B 114 -22.94 16.23 8.86
N ASN B 115 -22.87 16.39 7.54
CA ASN B 115 -22.96 17.73 6.97
C ASN B 115 -24.44 18.06 6.98
N ASP B 116 -24.77 19.34 7.08
CA ASP B 116 -26.14 19.77 6.93
C ASP B 116 -26.22 20.33 5.50
N ILE B 117 -26.77 19.54 4.56
CA ILE B 117 -26.93 19.93 3.15
C ILE B 117 -27.75 21.26 2.95
N THR B 118 -28.57 21.66 3.95
CA THR B 118 -29.40 22.87 3.88
C THR B 118 -28.64 24.11 4.37
N PHE B 119 -27.41 23.91 4.92
CA PHE B 119 -26.59 25.01 5.42
C PHE B 119 -25.43 25.24 4.43
N LYS B 120 -25.57 26.30 3.62
CA LYS B 120 -24.64 26.71 2.57
C LYS B 120 -24.23 25.51 1.73
N ILE B 121 -25.25 24.77 1.25
CA ILE B 121 -25.21 23.56 0.40
C ILE B 121 -24.23 22.46 0.98
N GLY B 122 -24.15 22.38 2.30
CA GLY B 122 -23.30 21.44 3.02
C GLY B 122 -21.83 21.59 2.67
N SER B 123 -21.41 22.81 2.30
CA SER B 123 -20.03 23.10 1.93
C SER B 123 -19.16 23.04 3.18
N PHE B 124 -17.86 22.77 3.00
CA PHE B 124 -16.98 22.72 4.16
C PHE B 124 -16.22 24.03 4.28
N GLY B 125 -16.55 24.83 5.28
CA GLY B 125 -15.82 26.04 5.60
C GLY B 125 -14.90 25.77 6.79
N PRO B 126 -14.03 26.73 7.17
CA PRO B 126 -13.15 26.51 8.33
C PRO B 126 -13.81 26.02 9.63
N GLN B 127 -15.03 26.49 9.93
CA GLN B 127 -15.80 26.14 11.12
C GLN B 127 -16.36 24.71 11.09
N GLU B 128 -16.83 24.26 9.92
CA GLU B 128 -17.35 22.89 9.74
C GLU B 128 -16.20 21.90 9.89
N ASP B 129 -15.04 22.23 9.31
CA ASP B 129 -13.84 21.41 9.39
C ASP B 129 -13.30 21.34 10.80
N GLU B 130 -13.27 22.48 11.54
CA GLU B 130 -12.76 22.46 12.91
C GLU B 130 -13.72 21.66 13.85
N PHE B 131 -15.03 21.72 13.57
CA PHE B 131 -16.03 20.94 14.33
C PHE B 131 -15.88 19.44 14.00
N PHE B 132 -15.76 19.08 12.71
CA PHE B 132 -15.55 17.69 12.22
C PHE B 132 -14.32 17.07 12.89
N ASN B 133 -13.24 17.86 12.96
CA ASN B 133 -12.00 17.42 13.58
C ASN B 133 -12.18 17.20 15.08
N LYS B 134 -12.89 18.15 15.75
CA LYS B 134 -13.17 18.08 17.19
C LYS B 134 -13.98 16.80 17.52
N VAL B 135 -14.97 16.46 16.66
CA VAL B 135 -15.84 15.29 16.79
C VAL B 135 -15.05 13.99 16.59
N THR B 136 -14.16 13.96 15.57
CA THR B 136 -13.28 12.82 15.27
C THR B 136 -12.39 12.57 16.50
N GLU B 137 -11.77 13.64 17.04
CA GLU B 137 -10.89 13.53 18.21
C GLU B 137 -11.62 13.07 19.47
N TYR B 138 -12.89 13.50 19.63
CA TYR B 138 -13.77 13.16 20.74
C TYR B 138 -14.05 11.64 20.72
N ALA B 139 -14.46 11.10 19.56
CA ALA B 139 -14.70 9.65 19.36
C ALA B 139 -13.36 8.86 19.57
N ARG B 140 -12.24 9.38 19.01
CA ARG B 140 -10.92 8.76 19.16
C ARG B 140 -10.53 8.66 20.62
N LYS B 141 -10.64 9.76 21.39
CA LYS B 141 -10.31 9.77 22.81
C LYS B 141 -11.10 8.73 23.62
N ARG B 142 -12.37 8.53 23.24
CA ARG B 142 -13.23 7.58 23.96
C ARG B 142 -13.18 6.15 23.41
N GLY B 143 -12.51 5.99 22.27
CA GLY B 143 -12.39 4.72 21.60
C GLY B 143 -13.67 4.29 20.91
N ILE B 144 -14.63 5.21 20.74
CA ILE B 144 -15.94 4.82 20.17
C ILE B 144 -15.98 5.01 18.66
N PRO B 145 -16.86 4.25 17.95
CA PRO B 145 -16.96 4.40 16.50
C PRO B 145 -17.38 5.79 16.04
N ARG B 146 -16.95 6.15 14.84
CA ARG B 146 -17.31 7.43 14.23
C ARG B 146 -18.01 7.13 12.91
N ILE B 147 -19.30 7.45 12.85
CA ILE B 147 -20.14 7.26 11.65
C ILE B 147 -20.22 8.65 11.01
N TYR B 148 -19.93 8.74 9.71
CA TYR B 148 -20.02 9.99 8.99
C TYR B 148 -21.10 9.90 7.93
N LEU B 149 -22.04 10.85 7.95
CA LEU B 149 -23.11 10.91 6.95
C LEU B 149 -22.75 12.03 5.99
N ALA B 150 -22.31 11.64 4.78
CA ALA B 150 -21.81 12.55 3.76
C ALA B 150 -22.91 13.09 2.86
N ALA B 151 -23.10 14.43 2.84
CA ALA B 151 -24.13 15.14 2.02
C ALA B 151 -23.57 16.56 1.87
N ASN B 152 -22.77 16.77 0.82
CA ASN B 152 -22.03 18.03 0.76
C ASN B 152 -21.68 18.51 -0.65
N SER B 153 -21.05 19.70 -0.72
CA SER B 153 -20.59 20.30 -1.96
C SER B 153 -19.08 20.64 -1.94
N GLY B 154 -18.33 19.96 -1.08
CA GLY B 154 -16.89 20.16 -0.97
C GLY B 154 -16.54 21.46 -0.30
N ALA B 155 -15.28 21.91 -0.43
CA ALA B 155 -14.75 23.14 0.17
C ALA B 155 -15.59 24.35 -0.22
N ARG B 156 -15.88 25.22 0.77
CA ARG B 156 -16.67 26.45 0.55
C ARG B 156 -15.92 27.42 -0.39
N ILE B 157 -16.63 27.93 -1.39
CA ILE B 157 -16.12 28.88 -2.41
C ILE B 157 -16.72 30.28 -2.17
N GLY B 158 -15.86 31.29 -2.24
CA GLY B 158 -16.30 32.67 -2.08
C GLY B 158 -15.40 33.70 -2.75
N MET B 159 -15.87 34.95 -2.81
CA MET B 159 -15.10 36.10 -3.32
C MET B 159 -15.31 37.25 -2.36
N ALA B 160 -14.43 38.27 -2.43
CA ALA B 160 -14.56 39.46 -1.60
C ALA B 160 -15.64 40.35 -2.24
N GLU B 161 -16.87 40.18 -1.75
CA GLU B 161 -18.05 40.87 -2.26
C GLU B 161 -18.02 42.38 -2.04
N GLU B 162 -17.33 42.85 -0.98
CA GLU B 162 -17.17 44.27 -0.66
C GLU B 162 -16.30 45.01 -1.69
N ILE B 163 -15.48 44.26 -2.47
CA ILE B 163 -14.58 44.79 -3.50
C ILE B 163 -15.26 44.83 -4.89
N VAL B 164 -16.25 43.94 -5.11
CA VAL B 164 -17.02 43.89 -6.37
C VAL B 164 -17.59 45.32 -6.79
N PRO B 165 -18.25 46.12 -5.90
CA PRO B 165 -18.75 47.44 -6.37
C PRO B 165 -17.74 48.59 -6.25
N LEU B 166 -16.49 48.31 -5.87
CA LEU B 166 -15.49 49.35 -5.67
C LEU B 166 -14.36 49.38 -6.68
N PHE B 167 -13.96 48.23 -7.24
CA PHE B 167 -12.82 48.14 -8.13
C PHE B 167 -12.96 48.92 -9.45
N GLN B 168 -11.87 49.58 -9.83
CA GLN B 168 -11.76 50.33 -11.06
C GLN B 168 -10.77 49.61 -11.99
N VAL B 169 -10.87 49.87 -13.30
CA VAL B 169 -10.04 49.25 -14.34
C VAL B 169 -9.08 50.27 -15.00
N ALA B 170 -7.77 49.99 -15.00
CA ALA B 170 -6.78 50.84 -15.66
C ALA B 170 -6.66 50.40 -17.10
N TRP B 171 -7.49 50.99 -17.96
CA TRP B 171 -7.57 50.71 -19.40
C TRP B 171 -6.29 51.15 -20.12
N ASN B 172 -5.95 50.46 -21.23
CA ASN B 172 -4.83 50.84 -22.07
C ASN B 172 -5.23 52.13 -22.86
N ASP B 173 -6.53 52.23 -23.19
CA ASP B 173 -7.20 53.35 -23.84
C ASP B 173 -8.64 53.41 -23.30
N ALA B 174 -8.92 54.34 -22.37
CA ALA B 174 -10.25 54.52 -21.77
C ALA B 174 -11.38 54.71 -22.81
N ALA B 175 -11.04 55.11 -24.06
CA ALA B 175 -11.98 55.28 -25.16
C ALA B 175 -12.28 53.94 -25.86
N ASN B 176 -11.30 53.01 -25.85
CA ASN B 176 -11.43 51.67 -26.46
C ASN B 176 -11.17 50.58 -25.39
N PRO B 177 -12.23 50.05 -24.71
CA PRO B 177 -12.00 49.03 -23.67
C PRO B 177 -11.36 47.73 -24.19
N ASP B 178 -11.69 47.35 -25.44
CA ASP B 178 -11.21 46.15 -26.12
C ASP B 178 -9.71 46.16 -26.42
N LYS B 179 -9.01 47.27 -26.09
CA LYS B 179 -7.55 47.39 -26.27
C LYS B 179 -6.82 46.84 -25.04
N GLY B 180 -7.59 46.42 -24.04
CA GLY B 180 -7.09 45.81 -22.81
C GLY B 180 -6.99 46.71 -21.61
N PHE B 181 -6.58 46.11 -20.49
CA PHE B 181 -6.38 46.78 -19.22
C PHE B 181 -5.03 46.31 -18.66
N GLN B 182 -4.51 47.03 -17.68
CA GLN B 182 -3.21 46.80 -17.07
C GLN B 182 -3.34 46.25 -15.67
N TYR B 183 -4.28 46.81 -14.88
CA TYR B 183 -4.49 46.40 -13.50
C TYR B 183 -5.86 46.85 -13.03
N LEU B 184 -6.22 46.48 -11.79
CA LEU B 184 -7.44 46.89 -11.10
C LEU B 184 -7.03 47.76 -9.94
N TYR B 185 -7.84 48.78 -9.62
CA TYR B 185 -7.44 49.67 -8.53
C TYR B 185 -8.62 50.21 -7.76
N LEU B 186 -8.32 50.85 -6.62
CA LEU B 186 -9.34 51.54 -5.83
C LEU B 186 -9.03 53.02 -5.82
N THR B 187 -10.08 53.86 -5.75
CA THR B 187 -9.94 55.32 -5.63
C THR B 187 -9.78 55.60 -4.15
N SER B 188 -9.42 56.84 -3.78
CA SER B 188 -9.31 57.25 -2.37
C SER B 188 -10.67 57.11 -1.68
N GLU B 189 -11.77 57.29 -2.44
CA GLU B 189 -13.14 57.11 -2.00
C GLU B 189 -13.41 55.61 -1.66
N GLY B 190 -12.95 54.70 -2.54
CA GLY B 190 -13.06 53.25 -2.36
C GLY B 190 -12.35 52.81 -1.10
N MET B 191 -11.12 53.33 -0.90
CA MET B 191 -10.31 53.06 0.28
C MET B 191 -10.98 53.59 1.53
N GLU B 192 -11.68 54.74 1.39
CA GLU B 192 -12.41 55.38 2.49
C GLU B 192 -13.66 54.59 2.86
N THR B 193 -14.39 54.03 1.87
CA THR B 193 -15.56 53.17 2.09
C THR B 193 -15.15 51.97 2.98
N LEU B 194 -14.00 51.33 2.65
CA LEU B 194 -13.47 50.20 3.39
C LEU B 194 -13.04 50.59 4.80
N LYS B 195 -12.34 51.73 4.96
CA LYS B 195 -11.90 52.24 6.26
C LYS B 195 -13.11 52.48 7.17
N LYS B 196 -14.19 53.08 6.61
CA LYS B 196 -15.46 53.39 7.28
C LYS B 196 -16.13 52.12 7.85
N PHE B 197 -16.11 51.03 7.05
CA PHE B 197 -16.72 49.73 7.34
C PHE B 197 -15.80 48.75 8.11
N ASP B 198 -14.58 49.19 8.47
CA ASP B 198 -13.55 48.41 9.19
C ASP B 198 -13.11 47.19 8.32
N LYS B 199 -12.83 47.47 7.03
CA LYS B 199 -12.44 46.48 6.02
C LYS B 199 -11.16 46.92 5.26
N GLU B 200 -10.25 47.68 5.91
CA GLU B 200 -8.98 48.14 5.31
C GLU B 200 -8.09 46.96 4.84
N ASN B 201 -8.12 45.86 5.62
CA ASN B 201 -7.37 44.61 5.42
C ASN B 201 -7.93 43.70 4.32
N SER B 202 -9.02 44.12 3.63
CA SER B 202 -9.67 43.36 2.56
C SER B 202 -8.83 43.28 1.29
N VAL B 203 -7.95 44.27 1.09
CA VAL B 203 -7.10 44.32 -0.11
C VAL B 203 -5.69 44.72 0.26
N LEU B 204 -4.73 44.32 -0.57
CA LEU B 204 -3.36 44.77 -0.48
C LEU B 204 -3.21 45.69 -1.68
N THR B 205 -2.88 46.95 -1.42
CA THR B 205 -2.75 47.94 -2.49
C THR B 205 -1.38 48.58 -2.53
N GLU B 206 -1.04 49.15 -3.67
CA GLU B 206 0.19 49.90 -3.92
C GLU B 206 -0.27 51.26 -4.49
N ARG B 207 0.10 52.36 -3.82
CA ARG B 207 -0.28 53.71 -4.22
C ARG B 207 0.50 54.22 -5.44
N THR B 208 -0.24 54.76 -6.41
CA THR B 208 0.26 55.42 -7.63
C THR B 208 -0.59 56.70 -7.94
N VAL B 209 -0.08 57.63 -8.76
CA VAL B 209 -0.80 58.84 -9.18
C VAL B 209 -0.80 58.88 -10.71
N ILE B 210 -1.99 58.93 -11.31
CA ILE B 210 -2.23 59.00 -12.75
C ILE B 210 -3.38 59.97 -12.98
N ASN B 211 -3.16 60.99 -13.85
CA ASN B 211 -4.10 62.07 -14.20
C ASN B 211 -4.44 62.92 -12.97
N GLY B 212 -3.45 63.11 -12.09
CA GLY B 212 -3.59 63.87 -10.86
C GLY B 212 -4.47 63.22 -9.82
N GLU B 213 -4.78 61.91 -10.01
CA GLU B 213 -5.63 61.15 -9.09
C GLU B 213 -4.88 59.95 -8.52
N GLU B 214 -5.09 59.71 -7.21
CA GLU B 214 -4.55 58.57 -6.50
C GLU B 214 -5.21 57.31 -7.04
N ARG B 215 -4.40 56.28 -7.30
CA ARG B 215 -4.84 54.94 -7.70
C ARG B 215 -4.14 53.97 -6.75
N PHE B 216 -4.95 53.22 -6.01
CA PHE B 216 -4.48 52.21 -5.08
C PHE B 216 -4.56 50.89 -5.85
N VAL B 217 -3.48 50.58 -6.61
CA VAL B 217 -3.42 49.39 -7.44
C VAL B 217 -3.63 48.12 -6.56
N ILE B 218 -4.58 47.27 -6.96
CA ILE B 218 -4.88 46.06 -6.20
C ILE B 218 -3.81 44.98 -6.50
N LYS B 219 -2.99 44.68 -5.49
CA LYS B 219 -1.93 43.68 -5.59
C LYS B 219 -2.45 42.27 -5.23
N THR B 220 -3.40 42.19 -4.28
CA THR B 220 -4.05 40.94 -3.83
C THR B 220 -5.40 41.30 -3.20
N ILE B 221 -6.42 40.44 -3.43
CA ILE B 221 -7.71 40.55 -2.77
C ILE B 221 -7.79 39.51 -1.64
N ILE B 222 -8.06 39.95 -0.42
CA ILE B 222 -8.16 39.08 0.75
C ILE B 222 -9.62 38.86 1.14
N GLY B 223 -10.35 39.93 1.41
CA GLY B 223 -11.73 39.84 1.85
C GLY B 223 -11.84 39.83 3.36
N SER B 224 -12.90 40.45 3.87
CA SER B 224 -13.18 40.51 5.30
C SER B 224 -13.92 39.27 5.74
N GLU B 225 -14.67 38.63 4.81
CA GLU B 225 -15.43 37.42 5.09
C GLU B 225 -14.52 36.17 5.08
N ASP B 226 -14.64 35.32 6.11
CA ASP B 226 -13.86 34.08 6.19
C ASP B 226 -14.60 32.98 5.40
N GLY B 227 -13.84 32.06 4.80
CA GLY B 227 -14.40 30.93 4.05
C GLY B 227 -14.48 31.11 2.55
N LEU B 228 -13.51 31.80 1.97
CA LEU B 228 -13.48 32.11 0.54
C LEU B 228 -12.63 31.13 -0.29
N GLY B 229 -11.49 30.70 0.26
CA GLY B 229 -10.55 29.87 -0.48
C GLY B 229 -9.60 29.01 0.31
N VAL B 230 -8.32 29.40 0.32
CA VAL B 230 -7.22 28.61 0.90
C VAL B 230 -7.45 28.22 2.36
N GLU B 231 -8.21 29.03 3.16
CA GLU B 231 -8.50 28.72 4.57
C GLU B 231 -9.40 27.49 4.65
N CYS B 232 -10.30 27.33 3.65
CA CYS B 232 -11.18 26.16 3.50
C CYS B 232 -10.28 24.96 3.16
N LEU B 233 -9.26 25.17 2.31
CA LEU B 233 -8.35 24.13 1.88
C LEU B 233 -7.47 23.62 3.04
N ARG B 234 -7.02 24.51 3.95
CA ARG B 234 -6.27 24.11 5.14
C ARG B 234 -7.18 23.18 5.99
N GLY B 235 -8.46 23.56 6.14
CA GLY B 235 -9.45 22.79 6.87
C GLY B 235 -9.73 21.42 6.26
N SER B 236 -9.71 21.34 4.93
CA SER B 236 -9.86 20.09 4.16
C SER B 236 -8.69 19.13 4.53
N GLY B 237 -7.46 19.65 4.51
CA GLY B 237 -6.24 18.89 4.82
C GLY B 237 -6.27 18.41 6.25
N LEU B 238 -6.70 19.29 7.19
CA LEU B 238 -6.83 18.93 8.58
C LEU B 238 -7.71 17.70 8.80
N ILE B 239 -8.92 17.71 8.24
CA ILE B 239 -9.87 16.62 8.43
C ILE B 239 -9.49 15.35 7.60
N ALA B 240 -8.76 15.52 6.47
CA ALA B 240 -8.24 14.40 5.67
C ALA B 240 -7.24 13.63 6.58
N GLY B 241 -6.30 14.36 7.20
CA GLY B 241 -5.34 13.81 8.15
C GLY B 241 -5.99 13.18 9.37
N ALA B 242 -7.02 13.85 9.94
CA ALA B 242 -7.77 13.38 11.11
C ALA B 242 -8.46 12.05 10.85
N THR B 243 -9.02 11.87 9.64
CA THR B 243 -9.75 10.67 9.24
C THR B 243 -8.78 9.52 8.97
N SER B 244 -7.63 9.79 8.31
CA SER B 244 -6.57 8.82 8.07
C SER B 244 -6.12 8.23 9.42
N ARG B 245 -5.92 9.11 10.45
CA ARG B 245 -5.54 8.71 11.81
C ARG B 245 -6.64 7.93 12.50
N ALA B 246 -7.90 8.39 12.42
CA ALA B 246 -9.06 7.75 13.06
C ALA B 246 -9.25 6.32 12.59
N TYR B 247 -9.03 6.04 11.29
CA TYR B 247 -9.16 4.71 10.73
C TYR B 247 -8.26 3.67 11.43
N HIS B 248 -7.08 4.08 11.90
CA HIS B 248 -6.16 3.16 12.60
C HIS B 248 -6.51 2.99 14.06
N ASP B 249 -7.44 3.80 14.54
CA ASP B 249 -7.78 3.94 15.94
C ASP B 249 -9.17 3.50 16.39
N ILE B 250 -10.19 3.79 15.60
CA ILE B 250 -11.58 3.52 15.98
C ILE B 250 -12.27 2.98 14.76
N PHE B 251 -13.45 2.39 14.93
CA PHE B 251 -14.22 1.89 13.79
C PHE B 251 -14.76 3.12 13.07
N THR B 252 -14.44 3.26 11.80
CA THR B 252 -14.91 4.37 10.98
C THR B 252 -15.76 3.83 9.84
N ILE B 253 -16.88 4.50 9.57
CA ILE B 253 -17.76 4.16 8.46
C ILE B 253 -18.42 5.46 7.91
N THR B 254 -18.71 5.45 6.62
CA THR B 254 -19.35 6.58 5.95
C THR B 254 -20.58 6.09 5.19
N LEU B 255 -21.68 6.85 5.32
CA LEU B 255 -22.89 6.65 4.54
C LEU B 255 -22.96 7.83 3.54
N VAL B 256 -22.95 7.55 2.22
CA VAL B 256 -23.04 8.60 1.20
C VAL B 256 -24.53 8.77 0.95
N THR B 257 -25.13 9.80 1.61
CA THR B 257 -26.57 10.01 1.68
C THR B 257 -27.10 11.04 0.68
N CYS B 258 -26.22 11.88 0.14
CA CYS B 258 -26.46 12.84 -0.93
C CYS B 258 -25.08 12.88 -1.61
N ARG B 259 -24.88 13.70 -2.63
CA ARG B 259 -23.56 13.82 -3.25
C ARG B 259 -22.45 14.10 -2.20
N SER B 260 -21.23 13.63 -2.50
CA SER B 260 -20.06 13.88 -1.68
C SER B 260 -18.99 14.35 -2.65
N VAL B 261 -18.55 15.61 -2.51
CA VAL B 261 -17.65 16.29 -3.46
C VAL B 261 -16.30 16.70 -2.88
N GLY B 262 -15.22 16.50 -3.65
CA GLY B 262 -13.85 16.94 -3.31
C GLY B 262 -13.33 16.35 -2.01
N ILE B 263 -13.14 17.19 -0.97
CA ILE B 263 -12.78 16.71 0.37
C ILE B 263 -13.80 15.65 0.83
N GLY B 264 -15.07 15.86 0.48
CA GLY B 264 -16.14 14.92 0.79
C GLY B 264 -15.90 13.55 0.20
N ALA B 265 -15.40 13.49 -1.06
CA ALA B 265 -15.09 12.23 -1.75
C ALA B 265 -13.89 11.58 -1.06
N TYR B 266 -12.86 12.39 -0.74
CA TYR B 266 -11.68 11.93 -0.03
C TYR B 266 -12.02 11.39 1.37
N LEU B 267 -12.96 12.03 2.10
CA LEU B 267 -13.38 11.56 3.43
C LEU B 267 -14.02 10.18 3.37
N VAL B 268 -14.76 9.88 2.28
CA VAL B 268 -15.37 8.56 2.19
C VAL B 268 -14.29 7.50 2.06
N ARG B 269 -13.24 7.75 1.26
CA ARG B 269 -12.16 6.79 1.11
C ARG B 269 -11.28 6.74 2.35
N LEU B 270 -10.93 7.90 2.94
CA LEU B 270 -10.07 7.95 4.13
C LEU B 270 -10.64 7.20 5.35
N GLY B 271 -11.97 7.14 5.46
CA GLY B 271 -12.65 6.39 6.51
C GLY B 271 -12.75 4.91 6.14
N GLN B 272 -12.38 4.60 4.89
CA GLN B 272 -12.34 3.27 4.26
C GLN B 272 -13.69 2.62 4.06
N ARG B 273 -14.41 2.30 5.15
CA ARG B 273 -15.70 1.58 5.13
C ARG B 273 -16.78 2.57 4.65
N ALA B 274 -17.39 2.28 3.51
CA ALA B 274 -18.36 3.19 2.90
C ALA B 274 -19.57 2.44 2.35
N ILE B 275 -20.76 3.00 2.62
CA ILE B 275 -22.07 2.50 2.11
C ILE B 275 -22.61 3.61 1.25
N GLN B 276 -22.88 3.30 -0.02
CA GLN B 276 -23.34 4.33 -0.93
C GLN B 276 -24.80 4.15 -1.28
N VAL B 277 -25.61 5.17 -0.97
CA VAL B 277 -27.03 5.13 -1.32
C VAL B 277 -27.07 5.27 -2.84
N GLU B 278 -27.83 4.38 -3.51
CA GLU B 278 -28.00 4.41 -4.97
C GLU B 278 -28.43 5.82 -5.43
N GLY B 279 -27.81 6.32 -6.50
CA GLY B 279 -28.09 7.63 -7.06
C GLY B 279 -27.43 8.81 -6.37
N GLN B 280 -26.58 8.56 -5.35
CA GLN B 280 -25.84 9.60 -4.63
C GLN B 280 -24.37 9.52 -5.07
N PRO B 281 -23.85 10.50 -5.86
CA PRO B 281 -22.49 10.34 -6.40
C PRO B 281 -21.37 10.75 -5.48
N ILE B 282 -20.20 10.10 -5.66
CA ILE B 282 -18.96 10.40 -4.96
C ILE B 282 -18.09 11.03 -6.05
N ILE B 283 -17.91 12.35 -6.03
CA ILE B 283 -17.19 12.97 -7.17
C ILE B 283 -16.05 13.89 -6.74
N LEU B 284 -15.09 14.07 -7.66
CA LEU B 284 -14.01 15.01 -7.42
C LEU B 284 -14.31 16.37 -8.08
N THR B 285 -14.51 16.39 -9.40
CA THR B 285 -14.91 17.55 -10.20
C THR B 285 -16.21 17.11 -10.90
N GLY B 286 -17.22 17.99 -10.93
CA GLY B 286 -18.50 17.73 -11.57
C GLY B 286 -18.37 17.54 -13.07
N ALA B 287 -19.32 16.82 -13.67
CA ALA B 287 -19.35 16.54 -15.11
C ALA B 287 -19.28 17.82 -15.99
N SER B 288 -20.04 18.88 -15.61
CA SER B 288 -20.07 20.16 -16.34
C SER B 288 -18.71 20.84 -16.39
N ALA B 289 -18.02 20.90 -15.24
CA ALA B 289 -16.69 21.50 -15.13
C ALA B 289 -15.67 20.71 -15.96
N LEU B 290 -15.79 19.38 -15.96
CA LEU B 290 -14.94 18.50 -16.75
C LEU B 290 -15.17 18.79 -18.24
N ASN B 291 -16.43 18.98 -18.66
CA ASN B 291 -16.83 19.32 -20.03
C ASN B 291 -16.21 20.66 -20.47
N LYS B 292 -16.20 21.65 -19.56
CA LYS B 292 -15.58 22.96 -19.81
C LYS B 292 -14.08 22.85 -20.03
N VAL B 293 -13.39 22.02 -19.25
CA VAL B 293 -11.94 21.84 -19.39
C VAL B 293 -11.61 21.06 -20.66
N LEU B 294 -12.46 20.08 -21.01
CA LEU B 294 -12.24 19.26 -22.20
C LEU B 294 -12.66 19.96 -23.49
N GLY B 295 -13.47 21.01 -23.35
CA GLY B 295 -13.96 21.83 -24.46
C GLY B 295 -14.98 21.15 -25.33
N ARG B 296 -15.68 20.15 -24.80
CA ARG B 296 -16.74 19.38 -25.47
C ARG B 296 -17.62 18.67 -24.46
N GLU B 297 -18.82 18.27 -24.89
CA GLU B 297 -19.82 17.60 -24.07
C GLU B 297 -19.51 16.11 -23.96
N VAL B 298 -18.55 15.78 -23.09
CA VAL B 298 -18.06 14.42 -22.83
C VAL B 298 -18.94 13.66 -21.83
N TYR B 299 -19.24 14.26 -20.67
CA TYR B 299 -20.00 13.63 -19.60
C TYR B 299 -21.40 14.21 -19.49
N THR B 300 -22.39 13.34 -19.25
CA THR B 300 -23.83 13.70 -19.16
C THR B 300 -24.34 13.91 -17.73
N SER B 301 -23.66 13.30 -16.73
CA SER B 301 -24.06 13.38 -15.32
C SER B 301 -22.93 13.10 -14.36
N ASN B 302 -23.12 13.51 -13.11
CA ASN B 302 -22.19 13.26 -12.02
C ASN B 302 -22.20 11.77 -11.64
N LEU B 303 -23.35 11.11 -11.82
CA LEU B 303 -23.52 9.68 -11.56
C LEU B 303 -22.67 8.81 -12.47
N GLN B 304 -22.37 9.31 -13.67
CA GLN B 304 -21.54 8.64 -14.65
C GLN B 304 -20.06 8.59 -14.13
N LEU B 305 -19.70 9.58 -13.29
CA LEU B 305 -18.36 9.72 -12.73
C LEU B 305 -18.20 9.01 -11.38
N GLY B 306 -19.22 9.10 -10.53
CA GLY B 306 -19.14 8.57 -9.18
C GLY B 306 -20.34 7.85 -8.63
N GLY B 307 -21.16 7.28 -9.49
CA GLY B 307 -22.32 6.49 -9.08
C GLY B 307 -21.87 5.12 -8.58
N THR B 308 -22.82 4.31 -8.07
CA THR B 308 -22.51 2.97 -7.55
C THR B 308 -21.89 2.07 -8.60
N GLN B 309 -22.25 2.23 -9.88
CA GLN B 309 -21.68 1.39 -10.95
C GLN B 309 -20.19 1.68 -11.18
N ILE B 310 -19.69 2.77 -10.55
CA ILE B 310 -18.29 3.12 -10.57
C ILE B 310 -17.66 2.65 -9.25
N MET B 311 -18.15 3.19 -8.11
CA MET B 311 -17.58 3.06 -6.79
C MET B 311 -17.84 1.74 -6.08
N TYR B 312 -18.98 1.10 -6.36
CA TYR B 312 -19.22 -0.22 -5.80
C TYR B 312 -18.43 -1.24 -6.62
N ASN B 313 -18.33 -1.01 -7.95
CA ASN B 313 -17.56 -1.88 -8.84
C ASN B 313 -16.05 -1.80 -8.61
N ASN B 314 -15.55 -0.69 -8.09
CA ASN B 314 -14.11 -0.56 -7.87
C ASN B 314 -13.70 -0.66 -6.36
N GLY B 315 -14.65 -0.94 -5.48
CA GLY B 315 -14.37 -1.18 -4.08
C GLY B 315 -14.17 0.03 -3.19
N VAL B 316 -14.48 1.24 -3.71
CA VAL B 316 -14.47 2.45 -2.90
C VAL B 316 -15.70 2.32 -1.98
N SER B 317 -16.83 1.87 -2.54
CA SER B 317 -18.07 1.61 -1.80
C SER B 317 -18.13 0.12 -1.51
N HIS B 318 -18.11 -0.23 -0.23
CA HIS B 318 -18.12 -1.62 0.24
C HIS B 318 -19.47 -2.24 0.04
N LEU B 319 -20.54 -1.40 0.14
CA LEU B 319 -21.94 -1.81 0.00
C LEU B 319 -22.75 -0.68 -0.61
N THR B 320 -23.91 -1.05 -1.19
CA THR B 320 -24.91 -0.09 -1.72
C THR B 320 -26.16 -0.16 -0.81
N ALA B 321 -27.03 0.86 -0.84
CA ALA B 321 -28.29 0.91 -0.09
C ALA B 321 -29.35 1.55 -0.98
N VAL B 322 -30.57 1.01 -0.98
CA VAL B 322 -31.66 1.58 -1.82
C VAL B 322 -32.06 2.97 -1.36
N ASP B 323 -31.94 3.25 -0.06
CA ASP B 323 -32.27 4.54 0.54
C ASP B 323 -31.51 4.70 1.84
N ASP B 324 -31.70 5.85 2.51
CA ASP B 324 -31.04 6.22 3.76
C ASP B 324 -31.24 5.25 4.89
N LEU B 325 -32.48 4.76 5.10
CA LEU B 325 -32.78 3.81 6.18
C LEU B 325 -32.07 2.51 5.92
N ALA B 326 -32.12 2.00 4.66
CA ALA B 326 -31.41 0.75 4.29
C ALA B 326 -29.90 0.90 4.61
N GLY B 327 -29.33 2.10 4.39
CA GLY B 327 -27.95 2.42 4.67
C GLY B 327 -27.66 2.43 6.16
N VAL B 328 -28.57 3.01 6.96
CA VAL B 328 -28.46 3.05 8.41
C VAL B 328 -28.55 1.61 8.97
N GLU B 329 -29.40 0.75 8.33
CA GLU B 329 -29.55 -0.66 8.72
C GLU B 329 -28.24 -1.46 8.50
N LYS B 330 -27.56 -1.21 7.38
CA LYS B 330 -26.29 -1.84 7.03
C LYS B 330 -25.16 -1.38 7.96
N ILE B 331 -25.18 -0.11 8.42
CA ILE B 331 -24.21 0.42 9.40
C ILE B 331 -24.36 -0.35 10.72
N VAL B 332 -25.58 -0.38 11.23
CA VAL B 332 -25.96 -0.99 12.50
C VAL B 332 -25.64 -2.53 12.49
N GLU B 333 -25.89 -3.18 11.37
CA GLU B 333 -25.56 -4.60 11.15
C GLU B 333 -24.02 -4.81 11.13
N TRP B 334 -23.28 -3.94 10.43
CA TRP B 334 -21.81 -4.02 10.35
C TRP B 334 -21.24 -3.84 11.77
N MET B 335 -21.77 -2.86 12.54
CA MET B 335 -21.36 -2.54 13.91
C MET B 335 -21.61 -3.69 14.88
N SER B 336 -22.56 -4.58 14.58
CA SER B 336 -22.92 -5.70 15.46
C SER B 336 -21.78 -6.71 15.63
N TYR B 337 -20.77 -6.67 14.71
CA TYR B 337 -19.59 -7.54 14.78
C TYR B 337 -18.43 -6.88 15.50
N VAL B 338 -18.54 -5.58 15.76
CA VAL B 338 -17.51 -4.68 16.26
C VAL B 338 -17.58 -4.42 17.78
N PRO B 339 -16.41 -4.41 18.50
CA PRO B 339 -16.43 -4.06 19.94
C PRO B 339 -17.05 -2.69 20.22
N ALA B 340 -17.65 -2.53 21.41
CA ALA B 340 -18.32 -1.29 21.82
C ALA B 340 -17.39 -0.09 21.79
N LYS B 341 -16.11 -0.33 22.11
CA LYS B 341 -15.06 0.66 22.07
C LYS B 341 -13.73 -0.04 21.87
N ARG B 342 -12.69 0.71 21.41
CA ARG B 342 -11.34 0.21 21.18
C ARG B 342 -10.85 -0.64 22.37
N ASN B 343 -10.30 -1.82 22.06
CA ASN B 343 -9.67 -2.77 23.00
C ASN B 343 -10.64 -3.55 23.88
N MET B 344 -11.95 -3.38 23.71
CA MET B 344 -12.90 -4.21 24.43
C MET B 344 -12.96 -5.55 23.69
N PRO B 345 -13.29 -6.70 24.32
CA PRO B 345 -13.34 -7.96 23.56
C PRO B 345 -14.36 -7.90 22.43
N VAL B 346 -14.15 -8.72 21.40
CA VAL B 346 -15.07 -8.80 20.27
C VAL B 346 -16.44 -9.26 20.81
N PRO B 347 -17.56 -8.68 20.35
CA PRO B 347 -18.85 -8.99 20.98
C PRO B 347 -19.43 -10.37 20.63
N ILE B 348 -19.45 -11.28 21.61
CA ILE B 348 -20.05 -12.61 21.44
C ILE B 348 -21.58 -12.49 21.33
N LEU B 349 -22.17 -13.14 20.31
CA LEU B 349 -23.60 -13.21 20.11
C LEU B 349 -23.99 -14.57 19.59
N GLU B 350 -24.24 -15.46 20.54
CA GLU B 350 -24.67 -16.81 20.27
C GLU B 350 -26.12 -16.79 19.79
N THR B 351 -26.41 -17.56 18.75
CA THR B 351 -27.73 -17.70 18.16
C THR B 351 -28.14 -19.18 18.27
N LYS B 352 -29.24 -19.59 17.64
CA LYS B 352 -29.72 -20.97 17.79
C LYS B 352 -28.77 -21.97 17.11
N ASP B 353 -27.94 -21.52 16.14
CA ASP B 353 -26.93 -22.38 15.52
C ASP B 353 -25.70 -22.41 16.44
N THR B 354 -25.67 -23.40 17.35
CA THR B 354 -24.57 -23.52 18.31
C THR B 354 -23.39 -24.28 17.75
N TRP B 355 -22.25 -24.19 18.45
CA TRP B 355 -20.98 -24.77 18.03
C TRP B 355 -20.95 -26.27 17.81
N ASP B 356 -21.73 -27.02 18.60
CA ASP B 356 -21.65 -28.48 18.64
C ASP B 356 -22.47 -29.17 17.60
N ARG B 357 -21.93 -29.17 16.40
CA ARG B 357 -22.50 -29.84 15.24
C ARG B 357 -21.42 -30.05 14.20
N PRO B 358 -21.57 -31.08 13.33
CA PRO B 358 -20.61 -31.20 12.21
C PRO B 358 -20.93 -30.15 11.13
N VAL B 359 -20.03 -30.01 10.13
CA VAL B 359 -20.29 -29.11 8.99
C VAL B 359 -20.96 -30.03 7.96
N ASP B 360 -22.07 -29.58 7.35
CA ASP B 360 -22.81 -30.40 6.36
C ASP B 360 -22.32 -30.20 4.95
N PHE B 361 -22.27 -28.95 4.44
CA PHE B 361 -21.80 -28.73 3.06
C PHE B 361 -20.34 -29.05 2.93
N THR B 362 -20.01 -29.96 2.00
CA THR B 362 -18.66 -30.42 1.73
C THR B 362 -18.38 -30.28 0.23
N PRO B 363 -17.36 -29.47 -0.16
CA PRO B 363 -17.01 -29.38 -1.59
C PRO B 363 -16.31 -30.64 -2.08
N THR B 364 -16.39 -30.89 -3.39
CA THR B 364 -15.69 -32.00 -4.08
C THR B 364 -14.98 -31.42 -5.30
N ASN B 365 -13.91 -32.10 -5.75
CA ASN B 365 -13.11 -31.68 -6.90
C ASN B 365 -13.89 -31.85 -8.23
N ASP B 366 -14.95 -32.70 -8.26
CA ASP B 366 -15.71 -33.00 -9.48
C ASP B 366 -17.07 -32.29 -9.60
N GLU B 367 -17.35 -31.33 -8.74
CA GLU B 367 -18.59 -30.56 -8.78
C GLU B 367 -18.33 -29.09 -8.40
N THR B 368 -18.89 -28.17 -9.18
CA THR B 368 -18.76 -26.72 -8.98
C THR B 368 -19.48 -26.28 -7.70
N TYR B 369 -18.82 -25.38 -6.91
CA TYR B 369 -19.42 -24.86 -5.70
C TYR B 369 -19.21 -23.36 -5.57
N ASP B 370 -20.11 -22.73 -4.81
CA ASP B 370 -20.03 -21.34 -4.39
C ASP B 370 -19.38 -21.44 -2.98
N VAL B 371 -18.24 -20.72 -2.75
CA VAL B 371 -17.56 -20.74 -1.43
C VAL B 371 -18.50 -20.39 -0.30
N ARG B 372 -19.47 -19.49 -0.58
CA ARG B 372 -20.48 -19.03 0.38
C ARG B 372 -21.19 -20.20 1.05
N TRP B 373 -21.36 -21.33 0.35
CA TRP B 373 -22.00 -22.54 0.92
C TRP B 373 -21.13 -23.13 2.03
N MET B 374 -19.80 -23.13 1.83
CA MET B 374 -18.83 -23.61 2.84
C MET B 374 -18.84 -22.68 4.04
N ILE B 375 -19.00 -21.38 3.80
CA ILE B 375 -19.01 -20.36 4.85
C ILE B 375 -20.30 -20.37 5.70
N GLU B 376 -21.44 -20.12 5.06
CA GLU B 376 -22.72 -19.92 5.74
C GLU B 376 -23.75 -21.05 5.56
N GLY B 377 -23.43 -22.02 4.73
CA GLY B 377 -24.38 -23.10 4.46
C GLY B 377 -25.18 -22.88 3.19
N ARG B 378 -25.97 -23.90 2.84
CA ARG B 378 -26.74 -23.94 1.62
C ARG B 378 -28.17 -24.50 1.87
N GLU B 379 -29.18 -23.79 1.36
CA GLU B 379 -30.57 -24.25 1.43
C GLU B 379 -30.75 -25.28 0.30
N THR B 380 -31.15 -26.52 0.64
CA THR B 380 -31.34 -27.64 -0.31
C THR B 380 -32.82 -28.07 -0.32
N GLU B 381 -33.22 -28.90 -1.32
CA GLU B 381 -34.57 -29.46 -1.46
C GLU B 381 -34.89 -30.35 -0.26
N SER B 382 -33.88 -31.07 0.27
CA SER B 382 -34.00 -31.95 1.44
C SER B 382 -33.66 -31.24 2.78
N GLY B 383 -33.64 -29.90 2.77
CA GLY B 383 -33.33 -29.11 3.95
C GLY B 383 -32.03 -28.34 3.93
N PHE B 384 -31.74 -27.60 5.02
CA PHE B 384 -30.55 -26.76 5.12
C PHE B 384 -29.26 -27.54 5.44
N GLU B 385 -28.24 -27.36 4.58
CA GLU B 385 -26.90 -27.92 4.74
C GLU B 385 -26.05 -26.84 5.43
N TYR B 386 -25.80 -27.00 6.73
CA TYR B 386 -25.02 -26.06 7.52
C TYR B 386 -23.56 -25.95 7.04
N GLY B 387 -23.01 -24.73 7.10
CA GLY B 387 -21.63 -24.45 6.74
C GLY B 387 -20.77 -24.38 7.96
N LEU B 388 -19.52 -23.85 7.82
CA LEU B 388 -18.57 -23.73 8.93
C LEU B 388 -19.05 -22.73 9.98
N PHE B 389 -19.66 -21.63 9.52
CA PHE B 389 -20.07 -20.54 10.39
C PHE B 389 -21.56 -20.58 10.72
N ASP B 390 -21.96 -19.79 11.73
CA ASP B 390 -23.34 -19.67 12.19
C ASP B 390 -24.29 -19.31 11.04
N LYS B 391 -25.41 -20.03 10.94
CA LYS B 391 -26.44 -19.83 9.94
C LYS B 391 -26.93 -18.39 10.03
N GLY B 392 -26.99 -17.72 8.88
CA GLY B 392 -27.43 -16.33 8.78
C GLY B 392 -26.47 -15.26 9.27
N SER B 393 -25.24 -15.63 9.69
CA SER B 393 -24.25 -14.71 10.28
C SER B 393 -23.28 -14.10 9.29
N PHE B 394 -23.27 -14.57 8.02
CA PHE B 394 -22.33 -14.04 7.05
C PHE B 394 -22.79 -12.70 6.50
N PHE B 395 -21.95 -11.66 6.71
CA PHE B 395 -22.19 -10.30 6.25
C PHE B 395 -21.11 -9.97 5.24
N GLU B 396 -21.38 -10.20 3.97
CA GLU B 396 -20.43 -9.96 2.91
C GLU B 396 -20.23 -8.45 2.65
N THR B 397 -18.98 -8.04 2.41
CA THR B 397 -18.66 -6.63 2.08
C THR B 397 -17.73 -6.63 0.86
N LEU B 398 -17.59 -5.46 0.19
CA LEU B 398 -16.80 -5.29 -1.03
C LEU B 398 -17.28 -6.30 -2.09
N SER B 399 -18.58 -6.59 -2.06
CA SER B 399 -19.21 -7.59 -2.93
C SER B 399 -19.35 -7.15 -4.40
N GLY B 400 -19.15 -5.86 -4.69
CA GLY B 400 -19.24 -5.38 -6.06
C GLY B 400 -17.92 -5.39 -6.79
N TRP B 401 -16.82 -5.63 -6.05
CA TRP B 401 -15.44 -5.55 -6.54
C TRP B 401 -14.63 -6.81 -6.39
N ALA B 402 -13.78 -7.11 -7.39
CA ALA B 402 -12.78 -8.21 -7.39
C ALA B 402 -13.35 -9.48 -6.76
N LYS B 403 -14.43 -9.97 -7.35
CA LYS B 403 -15.25 -11.09 -6.91
C LYS B 403 -14.54 -12.44 -6.83
N GLY B 404 -13.29 -12.53 -7.26
CA GLY B 404 -12.45 -13.72 -7.15
C GLY B 404 -12.16 -14.08 -5.70
N VAL B 405 -12.32 -13.11 -4.78
CA VAL B 405 -12.17 -13.29 -3.34
C VAL B 405 -13.44 -12.87 -2.67
N VAL B 406 -13.86 -13.60 -1.63
CA VAL B 406 -15.11 -13.38 -0.89
C VAL B 406 -14.73 -12.96 0.51
N VAL B 407 -15.14 -11.75 0.88
CA VAL B 407 -14.78 -11.19 2.20
C VAL B 407 -16.03 -10.82 2.96
N GLY B 408 -16.01 -11.05 4.25
CA GLY B 408 -17.11 -10.67 5.12
C GLY B 408 -16.87 -10.94 6.57
N ARG B 409 -17.87 -10.60 7.38
CA ARG B 409 -17.88 -10.84 8.81
C ARG B 409 -18.78 -12.06 8.97
N ALA B 410 -18.50 -12.90 9.96
CA ALA B 410 -19.31 -14.07 10.28
C ALA B 410 -19.20 -14.30 11.78
N ARG B 411 -19.92 -15.31 12.29
CA ARG B 411 -19.83 -15.71 13.68
C ARG B 411 -19.57 -17.20 13.72
N LEU B 412 -18.76 -17.63 14.67
CA LEU B 412 -18.40 -19.03 14.88
C LEU B 412 -18.82 -19.36 16.32
N GLY B 413 -19.95 -20.04 16.46
CA GLY B 413 -20.56 -20.32 17.76
C GLY B 413 -20.79 -19.05 18.56
N GLY B 414 -21.06 -17.93 17.87
CA GLY B 414 -21.27 -16.64 18.50
C GLY B 414 -20.08 -15.69 18.43
N ILE B 415 -18.88 -16.24 18.16
CA ILE B 415 -17.65 -15.40 18.08
C ILE B 415 -17.58 -14.66 16.74
N PRO B 416 -17.52 -13.30 16.72
CA PRO B 416 -17.40 -12.59 15.44
C PRO B 416 -15.97 -12.67 14.90
N LEU B 417 -15.83 -12.69 13.58
CA LEU B 417 -14.53 -12.73 12.94
C LEU B 417 -14.64 -12.31 11.49
N GLY B 418 -13.50 -11.93 10.94
CA GLY B 418 -13.41 -11.64 9.52
C GLY B 418 -13.10 -12.93 8.79
N VAL B 419 -13.72 -13.12 7.63
CA VAL B 419 -13.55 -14.32 6.82
C VAL B 419 -13.14 -13.95 5.41
N ILE B 420 -12.10 -14.63 4.89
CA ILE B 420 -11.67 -14.50 3.50
C ILE B 420 -11.76 -15.90 2.87
N GLY B 421 -12.57 -16.00 1.82
CA GLY B 421 -12.73 -17.22 1.03
C GLY B 421 -12.41 -16.98 -0.44
N VAL B 422 -12.21 -18.06 -1.17
CA VAL B 422 -11.81 -18.01 -2.59
C VAL B 422 -12.95 -18.47 -3.51
N GLU B 423 -13.33 -17.60 -4.44
CA GLU B 423 -14.32 -17.91 -5.44
C GLU B 423 -13.62 -18.80 -6.49
N THR B 424 -14.07 -20.05 -6.59
CA THR B 424 -13.52 -21.05 -7.51
C THR B 424 -14.03 -20.85 -8.95
N ARG B 425 -15.15 -20.15 -9.11
CA ARG B 425 -15.70 -19.93 -10.45
C ARG B 425 -15.01 -18.76 -11.13
N THR B 426 -14.92 -18.81 -12.47
CA THR B 426 -14.34 -17.77 -13.29
C THR B 426 -15.13 -16.48 -13.04
N VAL B 427 -14.42 -15.39 -12.79
CA VAL B 427 -15.08 -14.12 -12.53
C VAL B 427 -14.88 -13.20 -13.74
N GLU B 428 -15.89 -12.44 -14.09
CA GLU B 428 -15.77 -11.49 -15.18
C GLU B 428 -16.25 -10.11 -14.77
N ASN B 429 -15.52 -9.07 -15.17
CA ASN B 429 -15.91 -7.71 -14.86
C ASN B 429 -15.82 -6.84 -16.09
N LEU B 430 -16.76 -5.91 -16.21
CA LEU B 430 -16.89 -5.03 -17.35
C LEU B 430 -16.22 -3.70 -17.08
N ILE B 431 -15.20 -3.39 -17.87
CA ILE B 431 -14.52 -2.11 -17.76
C ILE B 431 -15.29 -1.18 -18.71
N PRO B 432 -15.88 -0.08 -18.19
CA PRO B 432 -16.67 0.78 -19.08
C PRO B 432 -15.87 1.49 -20.17
N ALA B 433 -16.57 1.86 -21.25
CA ALA B 433 -16.00 2.61 -22.36
C ALA B 433 -15.72 4.00 -21.82
N ASP B 434 -14.52 4.52 -22.08
CA ASP B 434 -14.08 5.84 -21.68
C ASP B 434 -14.81 6.90 -22.55
N PRO B 435 -15.76 7.70 -21.98
CA PRO B 435 -16.47 8.70 -22.81
C PRO B 435 -15.61 9.81 -23.42
N ALA B 436 -14.39 10.01 -22.88
CA ALA B 436 -13.42 11.02 -23.33
C ALA B 436 -12.61 10.51 -24.52
N ASN B 437 -12.65 9.20 -24.79
CA ASN B 437 -11.94 8.56 -25.88
C ASN B 437 -12.98 8.01 -26.86
N PRO B 438 -13.11 8.60 -28.07
CA PRO B 438 -14.10 8.08 -29.04
C PRO B 438 -13.73 6.69 -29.57
N ASN B 439 -12.42 6.35 -29.50
CA ASN B 439 -11.87 5.05 -29.92
C ASN B 439 -11.98 3.99 -28.81
N SER B 440 -12.67 4.31 -27.68
CA SER B 440 -12.83 3.40 -26.55
C SER B 440 -14.15 2.65 -26.58
N ALA B 441 -14.08 1.36 -26.22
CA ALA B 441 -15.24 0.48 -26.11
C ALA B 441 -15.14 -0.26 -24.77
N GLU B 442 -16.27 -0.76 -24.26
CA GLU B 442 -16.29 -1.53 -23.03
C GLU B 442 -15.54 -2.86 -23.21
N THR B 443 -14.86 -3.31 -22.16
CA THR B 443 -14.05 -4.54 -22.20
C THR B 443 -14.47 -5.49 -21.10
N LEU B 444 -14.62 -6.76 -21.45
CA LEU B 444 -14.95 -7.78 -20.47
C LEU B 444 -13.68 -8.55 -20.09
N ILE B 445 -13.28 -8.45 -18.80
CA ILE B 445 -12.10 -9.18 -18.33
C ILE B 445 -12.58 -10.41 -17.59
N GLN B 446 -11.94 -11.54 -17.86
CA GLN B 446 -12.22 -12.83 -17.23
C GLN B 446 -11.01 -13.26 -16.44
N GLN B 447 -11.23 -13.66 -15.21
CA GLN B 447 -10.16 -14.11 -14.32
C GLN B 447 -10.49 -15.49 -13.77
N ALA B 448 -9.59 -16.45 -13.99
CA ALA B 448 -9.71 -17.83 -13.53
C ALA B 448 -9.80 -17.87 -12.00
N GLY B 449 -10.60 -18.81 -11.50
CA GLY B 449 -10.78 -19.05 -10.07
C GLY B 449 -9.51 -19.58 -9.45
N GLN B 450 -9.37 -19.38 -8.11
CA GLN B 450 -8.21 -19.86 -7.33
C GLN B 450 -6.86 -19.27 -7.78
N VAL B 451 -6.91 -18.07 -8.33
CA VAL B 451 -5.72 -17.35 -8.75
C VAL B 451 -5.85 -15.92 -8.22
N TRP B 452 -4.78 -15.39 -7.63
CA TRP B 452 -4.77 -14.01 -7.15
C TRP B 452 -4.36 -13.11 -8.30
N PHE B 453 -5.23 -12.16 -8.65
CA PHE B 453 -4.92 -11.19 -9.70
C PHE B 453 -4.65 -9.86 -9.02
N PRO B 454 -4.24 -8.77 -9.73
CA PRO B 454 -4.05 -7.48 -9.04
C PRO B 454 -5.28 -7.05 -8.22
N ASN B 455 -6.51 -7.14 -8.78
CA ASN B 455 -7.70 -6.67 -8.04
C ASN B 455 -8.05 -7.54 -6.81
N SER B 456 -7.97 -8.87 -6.92
CA SER B 456 -8.31 -9.76 -5.80
C SER B 456 -7.19 -9.80 -4.74
N ALA B 457 -5.94 -9.52 -5.13
CA ALA B 457 -4.83 -9.43 -4.17
C ALA B 457 -5.00 -8.12 -3.36
N PHE B 458 -5.40 -7.02 -4.05
CA PHE B 458 -5.69 -5.73 -3.43
C PHE B 458 -6.88 -5.89 -2.45
N LYS B 459 -7.95 -6.57 -2.88
CA LYS B 459 -9.12 -6.83 -2.05
C LYS B 459 -8.78 -7.61 -0.78
N THR B 460 -7.95 -8.64 -0.91
CA THR B 460 -7.49 -9.47 0.20
C THR B 460 -6.75 -8.59 1.22
N ALA B 461 -5.75 -7.81 0.77
CA ALA B 461 -4.97 -6.93 1.67
C ALA B 461 -5.90 -5.89 2.31
N GLN B 462 -6.83 -5.33 1.53
CA GLN B 462 -7.80 -4.34 2.03
C GLN B 462 -8.64 -4.95 3.14
N ALA B 463 -9.15 -6.17 2.92
CA ALA B 463 -9.97 -6.90 3.89
C ALA B 463 -9.17 -7.14 5.18
N ILE B 464 -7.91 -7.62 5.07
CA ILE B 464 -7.07 -7.84 6.26
C ILE B 464 -6.98 -6.54 7.06
N ASN B 465 -6.67 -5.41 6.40
CA ASN B 465 -6.54 -4.10 7.03
C ASN B 465 -7.81 -3.65 7.71
N ASP B 466 -8.96 -3.77 7.02
CA ASP B 466 -10.26 -3.36 7.54
C ASP B 466 -10.76 -4.24 8.70
N PHE B 467 -10.37 -5.54 8.76
CA PHE B 467 -10.74 -6.38 9.93
C PHE B 467 -9.89 -5.98 11.14
N ASN B 468 -8.61 -5.66 10.87
CA ASN B 468 -7.62 -5.31 11.89
C ASN B 468 -7.87 -3.95 12.54
N ASN B 469 -7.90 -2.88 11.74
CA ASN B 469 -8.07 -1.52 12.25
C ASN B 469 -9.50 -1.26 12.59
N GLY B 470 -9.73 -0.69 13.78
CA GLY B 470 -11.08 -0.33 14.22
C GLY B 470 -11.98 -1.49 14.56
N GLU B 471 -12.19 -2.45 13.63
CA GLU B 471 -13.01 -3.63 13.90
C GLU B 471 -12.34 -4.55 14.93
N GLN B 472 -10.98 -4.62 14.93
CA GLN B 472 -10.15 -5.42 15.84
C GLN B 472 -10.64 -6.86 15.93
N LEU B 473 -10.98 -7.41 14.79
CA LEU B 473 -11.51 -8.77 14.73
C LEU B 473 -10.43 -9.83 14.53
N PRO B 474 -10.62 -11.06 15.04
CA PRO B 474 -9.74 -12.15 14.63
C PRO B 474 -10.09 -12.49 13.16
N MET B 475 -9.31 -13.34 12.52
CA MET B 475 -9.62 -13.64 11.11
C MET B 475 -9.37 -15.08 10.74
N MET B 476 -10.20 -15.61 9.81
CA MET B 476 -9.94 -16.89 9.19
C MET B 476 -9.82 -16.73 7.70
N ILE B 477 -8.75 -17.28 7.14
CA ILE B 477 -8.58 -17.26 5.69
C ILE B 477 -8.69 -18.72 5.25
N LEU B 478 -9.67 -19.01 4.38
CA LEU B 478 -9.88 -20.33 3.79
C LEU B 478 -9.01 -20.35 2.53
N ALA B 479 -7.70 -20.50 2.75
CA ALA B 479 -6.64 -20.43 1.74
C ALA B 479 -6.80 -21.45 0.64
N ASN B 480 -7.04 -20.95 -0.57
CA ASN B 480 -7.26 -21.83 -1.72
C ASN B 480 -6.82 -21.17 -3.02
N TRP B 481 -5.52 -20.87 -3.11
CA TRP B 481 -4.96 -20.23 -4.28
C TRP B 481 -3.84 -21.06 -4.85
N ARG B 482 -3.87 -21.25 -6.17
CA ARG B 482 -2.84 -21.97 -6.91
C ARG B 482 -1.56 -21.09 -6.97
N GLY B 483 -1.76 -19.79 -6.90
CA GLY B 483 -0.69 -18.80 -6.94
C GLY B 483 -1.20 -17.46 -7.39
N PHE B 484 -0.30 -16.63 -7.89
CA PHE B 484 -0.59 -15.31 -8.42
C PHE B 484 -0.63 -15.41 -9.95
N SER B 485 -1.35 -14.50 -10.62
CA SER B 485 -1.35 -14.50 -12.09
C SER B 485 0.01 -13.97 -12.59
N GLY B 486 0.78 -14.85 -13.19
CA GLY B 486 2.15 -14.53 -13.60
C GLY B 486 2.33 -14.16 -15.06
N GLY B 487 1.21 -14.06 -15.79
CA GLY B 487 1.16 -13.69 -17.20
C GLY B 487 1.53 -12.24 -17.41
N GLN B 488 1.87 -11.88 -18.66
CA GLN B 488 2.32 -10.52 -19.01
C GLN B 488 1.43 -9.37 -18.53
N ARG B 489 0.11 -9.42 -18.85
CA ARG B 489 -0.84 -8.37 -18.50
C ARG B 489 -0.90 -8.06 -17.01
N ASP B 490 -1.00 -9.12 -16.20
CA ASP B 490 -1.11 -9.02 -14.75
C ASP B 490 0.19 -8.62 -14.10
N MET B 491 1.33 -9.03 -14.69
CA MET B 491 2.66 -8.65 -14.21
C MET B 491 2.87 -7.17 -14.52
N PHE B 492 2.45 -6.74 -15.73
CA PHE B 492 2.51 -5.33 -16.12
C PHE B 492 1.58 -4.51 -15.20
N ASN B 493 0.42 -5.09 -14.83
CA ASN B 493 -0.56 -4.44 -13.95
C ASN B 493 -0.21 -4.56 -12.45
N GLU B 494 1.06 -4.86 -12.17
CA GLU B 494 1.70 -4.80 -10.86
C GLU B 494 1.13 -5.77 -9.81
N VAL B 495 0.82 -7.02 -10.21
CA VAL B 495 0.36 -8.07 -9.27
C VAL B 495 1.32 -8.24 -8.03
N LEU B 496 2.62 -8.05 -8.23
CA LEU B 496 3.67 -8.17 -7.21
C LEU B 496 3.49 -7.13 -6.11
N LYS B 497 3.04 -5.93 -6.47
CA LYS B 497 2.80 -4.83 -5.52
C LYS B 497 1.63 -5.17 -4.62
N TYR B 498 0.53 -5.65 -5.22
CA TYR B 498 -0.70 -6.00 -4.50
C TYR B 498 -0.54 -7.23 -3.65
N GLY B 499 0.26 -8.20 -4.13
CA GLY B 499 0.57 -9.37 -3.35
C GLY B 499 1.41 -9.00 -2.15
N SER B 500 2.36 -8.02 -2.30
CA SER B 500 3.21 -7.57 -1.18
C SER B 500 2.39 -6.85 -0.11
N PHE B 501 1.28 -6.18 -0.49
CA PHE B 501 0.36 -5.52 0.47
C PHE B 501 -0.17 -6.55 1.46
N ILE B 502 -0.43 -7.78 0.99
CA ILE B 502 -0.93 -8.89 1.83
C ILE B 502 0.04 -9.18 2.96
N VAL B 503 1.34 -9.28 2.65
CA VAL B 503 2.38 -9.53 3.65
C VAL B 503 2.35 -8.42 4.72
N ASP B 504 2.38 -7.15 4.25
CA ASP B 504 2.34 -5.97 5.11
C ASP B 504 1.12 -5.95 6.01
N ALA B 505 -0.05 -6.25 5.45
CA ALA B 505 -1.31 -6.27 6.18
C ALA B 505 -1.24 -7.35 7.29
N LEU B 506 -0.60 -8.50 7.01
CA LEU B 506 -0.45 -9.60 7.99
C LEU B 506 0.54 -9.26 9.10
N VAL B 507 1.67 -8.62 8.76
CA VAL B 507 2.68 -8.17 9.74
C VAL B 507 2.00 -7.24 10.79
N ASP B 508 1.10 -6.36 10.31
CA ASP B 508 0.41 -5.39 11.15
C ASP B 508 -0.74 -5.94 11.99
N TYR B 509 -1.20 -7.17 11.72
CA TYR B 509 -2.38 -7.76 12.36
C TYR B 509 -2.20 -8.00 13.85
N LYS B 510 -3.21 -7.61 14.66
CA LYS B 510 -3.10 -7.64 16.12
C LYS B 510 -4.04 -8.60 16.84
N GLN B 511 -4.82 -9.40 16.09
CA GLN B 511 -5.75 -10.38 16.65
C GLN B 511 -5.43 -11.76 16.08
N PRO B 512 -5.93 -12.85 16.72
CA PRO B 512 -5.64 -14.19 16.20
C PRO B 512 -6.02 -14.41 14.74
N ILE B 513 -5.14 -15.13 14.02
CA ILE B 513 -5.38 -15.46 12.61
C ILE B 513 -5.33 -16.96 12.46
N ILE B 514 -6.27 -17.51 11.70
CA ILE B 514 -6.29 -18.90 11.33
C ILE B 514 -6.19 -18.98 9.82
N ILE B 515 -5.17 -19.65 9.31
CA ILE B 515 -5.02 -19.95 7.88
C ILE B 515 -5.44 -21.42 7.77
N TYR B 516 -6.47 -21.71 6.98
CA TYR B 516 -6.93 -23.09 6.85
C TYR B 516 -7.07 -23.45 5.41
N ILE B 517 -6.28 -24.41 4.93
CA ILE B 517 -6.41 -24.91 3.56
C ILE B 517 -7.56 -25.92 3.63
N PRO B 518 -8.73 -25.58 3.05
CA PRO B 518 -9.90 -26.45 3.22
C PRO B 518 -9.89 -27.68 2.31
N PRO B 519 -10.90 -28.59 2.43
CA PRO B 519 -10.94 -29.75 1.51
C PRO B 519 -11.05 -29.23 0.07
N THR B 520 -10.34 -29.90 -0.88
CA THR B 520 -10.20 -29.51 -2.29
C THR B 520 -9.27 -28.30 -2.42
N GLY B 521 -8.88 -27.69 -1.31
CA GLY B 521 -8.03 -26.51 -1.37
C GLY B 521 -6.56 -26.79 -1.59
N GLU B 522 -5.81 -25.72 -1.93
CA GLU B 522 -4.39 -25.82 -2.10
C GLU B 522 -3.68 -24.49 -1.84
N LEU B 523 -2.37 -24.56 -1.74
CA LEU B 523 -1.46 -23.43 -1.65
C LEU B 523 -0.22 -23.91 -2.38
N ARG B 524 0.40 -23.04 -3.20
CA ARG B 524 1.62 -23.42 -3.91
C ARG B 524 2.70 -22.41 -3.60
N GLY B 525 3.87 -22.53 -4.22
CA GLY B 525 5.01 -21.66 -4.02
C GLY B 525 4.73 -20.17 -3.96
N GLY B 526 3.92 -19.67 -4.90
CA GLY B 526 3.59 -18.25 -4.98
C GLY B 526 2.54 -17.79 -4.00
N SER B 527 1.56 -18.64 -3.68
CA SER B 527 0.50 -18.27 -2.76
C SER B 527 0.86 -18.52 -1.30
N TRP B 528 1.60 -19.60 -1.00
CA TRP B 528 2.02 -19.90 0.37
C TRP B 528 2.90 -18.77 0.95
N VAL B 529 3.79 -18.17 0.11
CA VAL B 529 4.71 -17.08 0.51
C VAL B 529 3.97 -15.92 1.25
N VAL B 530 2.74 -15.57 0.86
CA VAL B 530 2.09 -14.42 1.48
C VAL B 530 1.14 -14.78 2.66
N VAL B 531 0.94 -16.07 3.00
CA VAL B 531 0.08 -16.46 4.12
C VAL B 531 0.80 -17.35 5.17
N ASP B 532 2.10 -17.64 5.00
CA ASP B 532 2.78 -18.48 5.99
C ASP B 532 2.72 -17.89 7.41
N PRO B 533 2.42 -18.67 8.47
CA PRO B 533 2.37 -18.10 9.84
C PRO B 533 3.66 -17.45 10.37
N THR B 534 4.83 -17.68 9.73
CA THR B 534 6.08 -17.01 10.19
C THR B 534 6.11 -15.51 9.80
N ILE B 535 5.13 -15.08 8.95
CA ILE B 535 4.97 -13.65 8.61
C ILE B 535 4.62 -12.90 9.91
N ASN B 536 3.77 -13.51 10.74
CA ASN B 536 3.36 -12.92 12.03
C ASN B 536 3.11 -14.03 13.05
N ALA B 537 4.20 -14.57 13.60
CA ALA B 537 4.20 -15.68 14.56
C ALA B 537 3.42 -15.40 15.84
N ASP B 538 3.26 -14.13 16.21
CA ASP B 538 2.49 -13.76 17.41
C ASP B 538 1.00 -14.00 17.23
N GLN B 539 0.49 -13.95 15.98
CA GLN B 539 -0.96 -14.07 15.75
C GLN B 539 -1.41 -15.22 14.86
N MET B 540 -0.53 -15.66 13.97
CA MET B 540 -0.88 -16.62 12.94
C MET B 540 -0.62 -18.05 13.29
N GLU B 541 -1.47 -18.92 12.77
CA GLU B 541 -1.33 -20.37 12.80
C GLU B 541 -2.01 -20.96 11.58
N MET B 542 -1.42 -22.02 11.05
CA MET B 542 -1.95 -22.64 9.85
C MET B 542 -2.39 -24.10 10.11
N TYR B 543 -3.44 -24.51 9.40
CA TYR B 543 -4.03 -25.83 9.43
C TYR B 543 -4.31 -26.21 7.98
N ALA B 544 -4.27 -27.51 7.69
CA ALA B 544 -4.59 -28.03 6.36
C ALA B 544 -5.57 -29.16 6.50
N ASP B 545 -6.54 -29.21 5.60
CA ASP B 545 -7.48 -30.30 5.63
C ASP B 545 -6.80 -31.58 5.15
N VAL B 546 -7.28 -32.72 5.59
CA VAL B 546 -6.85 -34.06 5.19
C VAL B 546 -6.90 -34.20 3.64
N ASN B 547 -7.81 -33.47 3.00
CA ASN B 547 -7.96 -33.45 1.56
C ASN B 547 -7.45 -32.14 0.87
N ALA B 548 -6.52 -31.45 1.52
CA ALA B 548 -5.88 -30.27 0.94
C ALA B 548 -4.58 -30.76 0.20
N ARG B 549 -3.95 -29.86 -0.55
CA ARG B 549 -2.65 -30.10 -1.22
C ARG B 549 -1.77 -28.86 -1.07
N ALA B 550 -0.44 -29.07 -0.99
CA ALA B 550 0.53 -27.99 -1.00
C ALA B 550 1.90 -28.52 -1.34
N GLY B 551 2.59 -27.75 -2.15
CA GLY B 551 3.97 -27.99 -2.58
C GLY B 551 4.40 -26.79 -3.37
N VAL B 552 5.69 -26.71 -3.73
CA VAL B 552 6.21 -25.56 -4.48
C VAL B 552 5.46 -25.45 -5.81
N LEU B 553 5.48 -26.51 -6.61
CA LEU B 553 4.78 -26.49 -7.90
C LEU B 553 3.62 -27.48 -7.90
N GLU B 554 2.70 -27.39 -8.89
CA GLU B 554 1.66 -28.40 -9.10
C GLU B 554 2.41 -29.67 -9.60
N PRO B 555 1.90 -30.92 -9.43
CA PRO B 555 2.66 -32.11 -9.89
C PRO B 555 3.22 -32.04 -11.32
N GLU B 556 2.51 -31.38 -12.28
CA GLU B 556 2.99 -31.25 -13.66
C GLU B 556 4.33 -30.50 -13.69
N GLY B 557 4.47 -29.48 -12.83
CA GLY B 557 5.71 -28.72 -12.72
C GLY B 557 6.81 -29.48 -12.04
N THR B 558 6.48 -30.19 -10.94
CA THR B 558 7.47 -30.96 -10.16
C THR B 558 8.15 -32.06 -11.00
N VAL B 559 7.38 -32.83 -11.76
CA VAL B 559 7.95 -33.92 -12.55
C VAL B 559 8.82 -33.36 -13.68
N GLU B 560 8.47 -32.18 -14.19
CA GLU B 560 9.22 -31.48 -15.25
C GLU B 560 10.64 -31.08 -14.74
N ILE B 561 10.77 -30.81 -13.42
CA ILE B 561 12.04 -30.42 -12.78
C ILE B 561 12.78 -31.65 -12.22
N LYS B 562 12.03 -32.54 -11.56
CA LYS B 562 12.57 -33.60 -10.73
C LYS B 562 12.19 -35.04 -11.12
N PHE B 563 11.37 -35.29 -12.14
CA PHE B 563 11.14 -36.68 -12.55
C PHE B 563 11.24 -36.69 -14.05
N ARG B 564 12.44 -36.36 -14.51
CA ARG B 564 12.82 -36.21 -15.91
C ARG B 564 13.03 -37.56 -16.61
N ARG B 565 13.31 -37.53 -17.94
CA ARG B 565 13.42 -38.73 -18.76
C ARG B 565 14.34 -39.78 -18.16
N GLU B 566 15.50 -39.40 -17.63
CA GLU B 566 16.39 -40.40 -17.03
C GLU B 566 15.73 -41.18 -15.87
N LYS B 567 14.86 -40.52 -15.05
CA LYS B 567 14.18 -41.20 -13.94
C LYS B 567 13.05 -42.06 -14.48
N LEU B 568 12.34 -41.56 -15.48
CA LEU B 568 11.27 -42.25 -16.19
C LEU B 568 11.83 -43.58 -16.79
N LEU B 569 13.01 -43.54 -17.49
CA LEU B 569 13.66 -44.74 -18.10
C LEU B 569 14.14 -45.74 -17.04
N ASP B 570 14.70 -45.21 -15.92
CA ASP B 570 15.14 -46.01 -14.76
C ASP B 570 13.96 -46.76 -14.13
N THR B 571 12.77 -46.15 -14.11
CA THR B 571 11.57 -46.77 -13.57
C THR B 571 11.08 -47.86 -14.53
N MET B 572 11.08 -47.57 -15.83
CA MET B 572 10.69 -48.52 -16.88
C MET B 572 11.55 -49.76 -16.79
N ASN B 573 12.87 -49.59 -16.53
CA ASN B 573 13.80 -50.71 -16.39
C ASN B 573 13.52 -51.55 -15.13
N ARG B 574 12.94 -50.94 -14.10
CA ARG B 574 12.63 -51.66 -12.88
C ARG B 574 11.30 -52.38 -12.95
N LEU B 575 10.30 -51.74 -13.58
CA LEU B 575 8.88 -52.14 -13.58
C LEU B 575 8.32 -52.75 -14.86
N ASP B 576 9.02 -52.60 -15.99
CA ASP B 576 8.52 -53.16 -17.25
C ASP B 576 9.38 -54.32 -17.68
N ASP B 577 8.76 -55.52 -17.77
CA ASP B 577 9.41 -56.75 -18.21
C ASP B 577 10.07 -56.57 -19.58
N LYS B 578 9.32 -56.06 -20.57
CA LYS B 578 9.78 -55.84 -21.94
C LYS B 578 10.99 -54.89 -22.03
N TYR B 579 10.90 -53.70 -21.40
CA TYR B 579 11.99 -52.71 -21.41
C TYR B 579 13.23 -53.29 -20.74
N ARG B 580 13.07 -53.96 -19.56
CA ARG B 580 14.19 -54.52 -18.79
C ARG B 580 14.90 -55.62 -19.60
N GLU B 581 14.12 -56.44 -20.29
CA GLU B 581 14.60 -57.52 -21.14
C GLU B 581 15.41 -56.96 -22.33
N LEU B 582 14.83 -55.98 -23.05
CA LEU B 582 15.46 -55.32 -24.19
C LEU B 582 16.79 -54.68 -23.77
N ARG B 583 16.79 -53.96 -22.63
CA ARG B 583 17.96 -53.28 -22.06
C ARG B 583 19.08 -54.25 -21.67
N SER B 584 18.73 -55.42 -21.10
CA SER B 584 19.72 -56.43 -20.71
C SER B 584 20.40 -57.12 -21.91
N GLN B 585 19.68 -57.26 -23.05
CA GLN B 585 20.21 -57.84 -24.29
C GLN B 585 21.38 -57.00 -24.80
N LEU B 586 21.38 -55.68 -24.47
CA LEU B 586 22.44 -54.72 -24.82
C LEU B 586 23.72 -54.90 -23.99
N SER B 587 23.72 -55.80 -23.02
CA SER B 587 24.95 -56.12 -22.28
C SER B 587 25.87 -57.10 -23.07
N ASN B 588 25.33 -57.75 -24.13
CA ASN B 588 26.06 -58.69 -25.00
C ASN B 588 27.13 -57.96 -25.85
N LYS B 589 28.41 -58.28 -25.61
CA LYS B 589 29.56 -57.66 -26.31
C LYS B 589 29.93 -58.36 -27.63
N SER B 590 29.22 -59.45 -27.97
CA SER B 590 29.48 -60.19 -29.19
C SER B 590 28.36 -60.00 -30.24
N LEU B 591 27.50 -58.96 -30.06
CA LEU B 591 26.41 -58.63 -30.99
C LEU B 591 26.88 -58.02 -32.31
N ALA B 592 26.21 -58.40 -33.42
CA ALA B 592 26.47 -57.79 -34.73
C ALA B 592 25.90 -56.37 -34.62
N PRO B 593 26.55 -55.35 -35.23
CA PRO B 593 26.04 -53.97 -35.08
C PRO B 593 24.59 -53.72 -35.51
N GLU B 594 24.08 -54.49 -36.50
CA GLU B 594 22.69 -54.33 -36.98
C GLU B 594 21.71 -55.01 -36.04
N VAL B 595 22.15 -56.04 -35.29
CA VAL B 595 21.32 -56.69 -34.27
C VAL B 595 21.26 -55.69 -33.07
N HIS B 596 22.41 -55.11 -32.66
CA HIS B 596 22.49 -54.06 -31.62
C HIS B 596 21.52 -52.91 -31.97
N GLN B 597 21.55 -52.45 -33.24
CA GLN B 597 20.68 -51.36 -33.69
C GLN B 597 19.21 -51.72 -33.59
N GLN B 598 18.86 -52.97 -33.86
CA GLN B 598 17.47 -53.34 -33.78
C GLN B 598 16.94 -53.45 -32.34
N ILE B 599 17.75 -53.95 -31.43
CA ILE B 599 17.29 -54.13 -30.07
C ILE B 599 17.33 -52.75 -29.35
N SER B 600 18.24 -51.86 -29.77
CA SER B 600 18.27 -50.50 -29.25
C SER B 600 17.09 -49.66 -29.81
N LYS B 601 16.61 -49.98 -31.03
CA LYS B 601 15.42 -49.37 -31.64
C LYS B 601 14.16 -49.90 -30.93
N GLN B 602 14.17 -51.18 -30.55
CA GLN B 602 13.06 -51.83 -29.83
C GLN B 602 12.91 -51.20 -28.42
N LEU B 603 14.04 -50.89 -27.78
CA LEU B 603 14.13 -50.25 -26.48
C LEU B 603 13.52 -48.85 -26.55
N ALA B 604 13.96 -48.03 -27.50
CA ALA B 604 13.44 -46.69 -27.74
C ALA B 604 11.95 -46.71 -28.11
N ASP B 605 11.49 -47.74 -28.86
CA ASP B 605 10.06 -47.87 -29.20
C ASP B 605 9.24 -48.20 -27.93
N ARG B 606 9.83 -49.01 -27.02
CA ARG B 606 9.14 -49.36 -25.78
C ARG B 606 9.04 -48.10 -24.86
N GLU B 607 10.04 -47.19 -24.92
CA GLU B 607 10.04 -45.93 -24.15
C GLU B 607 8.87 -45.08 -24.60
N ARG B 608 8.74 -44.85 -25.90
CA ARG B 608 7.68 -44.07 -26.52
C ARG B 608 6.29 -44.62 -26.12
N GLU B 609 6.14 -45.96 -26.08
CA GLU B 609 4.90 -46.65 -25.69
C GLU B 609 4.52 -46.44 -24.24
N LEU B 610 5.55 -46.41 -23.36
CA LEU B 610 5.40 -46.32 -21.91
C LEU B 610 5.45 -44.90 -21.34
N LEU B 611 6.00 -43.93 -22.09
CA LEU B 611 6.12 -42.52 -21.68
C LEU B 611 4.81 -41.93 -21.13
N PRO B 612 3.63 -42.11 -21.78
CA PRO B 612 2.39 -41.56 -21.20
C PRO B 612 1.98 -42.13 -19.83
N ILE B 613 1.96 -43.47 -19.66
CA ILE B 613 1.50 -44.03 -18.38
C ILE B 613 2.55 -43.83 -17.26
N TYR B 614 3.85 -43.87 -17.59
CA TYR B 614 4.95 -43.66 -16.64
C TYR B 614 4.96 -42.17 -16.21
N GLY B 615 4.50 -41.29 -17.11
CA GLY B 615 4.29 -39.87 -16.85
C GLY B 615 3.21 -39.70 -15.79
N GLN B 616 2.11 -40.48 -15.87
CA GLN B 616 1.00 -40.48 -14.90
C GLN B 616 1.45 -41.03 -13.55
N ILE B 617 2.31 -42.05 -13.56
CA ILE B 617 2.88 -42.63 -12.34
C ILE B 617 3.72 -41.56 -11.62
N SER B 618 4.49 -40.77 -12.40
CA SER B 618 5.36 -39.72 -11.86
C SER B 618 4.53 -38.61 -11.24
N LEU B 619 3.36 -38.31 -11.82
CA LEU B 619 2.42 -37.34 -11.30
C LEU B 619 1.81 -37.81 -9.97
N GLN B 620 1.49 -39.13 -9.87
CA GLN B 620 0.96 -39.72 -8.62
C GLN B 620 2.05 -39.69 -7.52
N PHE B 621 3.29 -40.02 -7.89
CA PHE B 621 4.44 -40.01 -7.00
C PHE B 621 4.67 -38.59 -6.43
N ALA B 622 4.58 -37.55 -7.30
CA ALA B 622 4.71 -36.14 -6.92
C ALA B 622 3.56 -35.72 -5.99
N ASP B 623 2.30 -36.01 -6.38
CA ASP B 623 1.09 -35.71 -5.60
C ASP B 623 1.11 -36.26 -4.17
N LEU B 624 1.77 -37.42 -4.00
CA LEU B 624 1.89 -38.09 -2.69
C LEU B 624 2.78 -37.33 -1.69
N HIS B 625 3.59 -36.36 -2.18
CA HIS B 625 4.44 -35.50 -1.34
C HIS B 625 3.63 -34.30 -0.86
N ASP B 626 2.61 -33.92 -1.62
CA ASP B 626 1.81 -32.71 -1.42
C ASP B 626 0.69 -32.80 -0.38
N ARG B 627 0.76 -33.78 0.51
CA ARG B 627 -0.31 -34.05 1.45
C ARG B 627 -0.17 -33.38 2.80
N SER B 628 -1.32 -33.16 3.51
CA SER B 628 -1.35 -32.58 4.87
C SER B 628 -0.46 -33.35 5.87
N SER B 629 -0.29 -34.67 5.65
CA SER B 629 0.56 -35.53 6.51
C SER B 629 2.02 -35.14 6.38
N ARG B 630 2.49 -34.75 5.16
CA ARG B 630 3.87 -34.27 4.98
C ARG B 630 3.99 -32.90 5.68
N MET B 631 2.95 -32.04 5.56
CA MET B 631 2.93 -30.71 6.20
C MET B 631 3.09 -30.83 7.71
N VAL B 632 2.37 -31.79 8.33
CA VAL B 632 2.44 -32.07 9.77
C VAL B 632 3.85 -32.58 10.11
N ALA B 633 4.34 -33.59 9.36
CA ALA B 633 5.68 -34.17 9.59
C ALA B 633 6.79 -33.11 9.52
N LYS B 634 6.65 -32.12 8.60
CA LYS B 634 7.63 -31.05 8.42
C LYS B 634 7.52 -29.90 9.45
N GLY B 635 6.40 -29.83 10.18
CA GLY B 635 6.19 -28.80 11.19
C GLY B 635 5.79 -27.44 10.66
N VAL B 636 5.15 -27.42 9.48
CA VAL B 636 4.72 -26.19 8.80
C VAL B 636 3.22 -25.83 9.09
N ILE B 637 2.42 -26.80 9.59
CA ILE B 637 1.02 -26.58 10.00
C ILE B 637 0.91 -27.06 11.47
N SER B 638 -0.04 -26.52 12.24
CA SER B 638 -0.25 -26.90 13.64
C SER B 638 -0.91 -28.30 13.70
N LYS B 639 -1.92 -28.55 12.84
CA LYS B 639 -2.65 -29.81 12.77
C LYS B 639 -3.24 -30.01 11.39
N GLU B 640 -3.51 -31.29 11.03
CA GLU B 640 -4.28 -31.61 9.83
C GLU B 640 -5.70 -31.82 10.34
N LEU B 641 -6.70 -31.38 9.59
CA LEU B 641 -8.06 -31.46 10.11
C LEU B 641 -9.02 -32.09 9.17
N GLU B 642 -10.14 -32.56 9.70
CA GLU B 642 -11.26 -33.08 8.92
C GLU B 642 -12.30 -31.98 8.91
N TRP B 643 -12.69 -31.57 7.69
CA TRP B 643 -13.67 -30.53 7.40
C TRP B 643 -14.94 -30.60 8.25
N THR B 644 -15.60 -31.77 8.30
CA THR B 644 -16.87 -31.94 9.04
C THR B 644 -16.71 -31.62 10.52
N GLU B 645 -15.51 -31.84 11.08
CA GLU B 645 -15.22 -31.54 12.49
C GLU B 645 -14.57 -30.15 12.73
N ALA B 646 -14.34 -29.35 11.66
CA ALA B 646 -13.64 -28.05 11.70
C ALA B 646 -14.34 -26.98 12.54
N ARG B 647 -15.70 -26.95 12.53
CA ARG B 647 -16.46 -25.98 13.32
C ARG B 647 -16.22 -26.19 14.81
N ARG B 648 -16.28 -27.47 15.27
CA ARG B 648 -16.06 -27.82 16.65
C ARG B 648 -14.65 -27.49 17.07
N PHE B 649 -13.67 -27.88 16.24
CA PHE B 649 -12.26 -27.60 16.50
C PHE B 649 -11.98 -26.07 16.58
N PHE B 650 -12.34 -25.33 15.53
CA PHE B 650 -12.09 -23.89 15.43
C PHE B 650 -12.80 -23.05 16.48
N PHE B 651 -14.03 -23.45 16.89
CA PHE B 651 -14.74 -22.72 17.94
C PHE B 651 -13.93 -22.69 19.24
N TRP B 652 -13.46 -23.87 19.67
CA TRP B 652 -12.72 -23.94 20.93
C TRP B 652 -11.32 -23.39 20.80
N ARG B 653 -10.67 -23.57 19.63
CA ARG B 653 -9.35 -22.99 19.37
C ARG B 653 -9.44 -21.46 19.43
N LEU B 654 -10.43 -20.86 18.75
CA LEU B 654 -10.59 -19.41 18.76
C LEU B 654 -11.02 -18.88 20.15
N ARG B 655 -11.92 -19.61 20.83
CA ARG B 655 -12.33 -19.24 22.18
C ARG B 655 -11.12 -19.23 23.15
N ARG B 656 -10.26 -20.25 23.05
CA ARG B 656 -9.07 -20.42 23.87
C ARG B 656 -8.06 -19.30 23.58
N ARG B 657 -7.78 -19.02 22.29
CA ARG B 657 -6.86 -17.97 21.86
C ARG B 657 -7.31 -16.60 22.34
N LEU B 658 -8.62 -16.29 22.21
CA LEU B 658 -9.16 -15.02 22.70
C LEU B 658 -8.97 -14.85 24.20
N ASN B 659 -9.15 -15.94 24.95
CA ASN B 659 -8.93 -15.92 26.41
C ASN B 659 -7.49 -15.70 26.75
N GLU B 660 -6.59 -16.42 26.07
CA GLU B 660 -5.16 -16.29 26.25
C GLU B 660 -4.62 -14.89 25.85
N GLU B 661 -5.15 -14.33 24.75
CA GLU B 661 -4.79 -12.99 24.26
C GLU B 661 -5.19 -11.94 25.28
N TYR B 662 -6.35 -12.13 25.94
CA TYR B 662 -6.82 -11.24 27.02
C TYR B 662 -5.79 -11.26 28.17
N LEU B 663 -5.36 -12.48 28.57
CA LEU B 663 -4.41 -12.59 29.67
C LEU B 663 -3.07 -11.98 29.33
N ILE B 664 -2.59 -12.18 28.06
CA ILE B 664 -1.33 -11.58 27.57
C ILE B 664 -1.39 -10.06 27.73
N LYS B 665 -2.49 -9.45 27.29
CA LYS B 665 -2.69 -7.99 27.39
C LYS B 665 -2.75 -7.50 28.82
N ARG B 666 -3.29 -8.32 29.74
CA ARG B 666 -3.38 -7.97 31.16
C ARG B 666 -1.99 -7.98 31.79
N LEU B 667 -1.17 -8.95 31.40
CA LEU B 667 0.19 -9.10 31.85
C LEU B 667 1.09 -7.97 31.27
N SER B 668 0.69 -7.42 30.10
CA SER B 668 1.39 -6.34 29.41
C SER B 668 1.25 -5.04 30.20
N HIS B 669 0.05 -4.77 30.76
CA HIS B 669 -0.24 -3.58 31.56
C HIS B 669 0.45 -3.60 32.94
N GLN B 670 0.94 -4.77 33.35
CA GLN B 670 1.70 -5.01 34.58
C GLN B 670 3.17 -5.28 34.13
N VAL B 671 4.03 -5.64 35.09
CA VAL B 671 5.48 -6.00 35.06
C VAL B 671 6.27 -5.52 33.80
N GLY B 672 6.03 -4.28 33.37
CA GLY B 672 6.70 -3.62 32.24
C GLY B 672 6.77 -4.42 30.95
N GLU B 673 7.97 -4.42 30.32
CA GLU B 673 8.24 -5.08 29.03
C GLU B 673 8.85 -6.48 29.16
N ALA B 674 8.36 -7.41 28.31
CA ALA B 674 8.77 -8.81 28.17
C ALA B 674 8.31 -9.31 26.80
N SER B 675 8.98 -10.31 26.23
CA SER B 675 8.59 -10.84 24.92
C SER B 675 7.26 -11.62 24.96
N ARG B 676 6.60 -11.73 23.80
CA ARG B 676 5.33 -12.45 23.65
C ARG B 676 5.49 -13.89 24.14
N LEU B 677 6.59 -14.58 23.75
CA LEU B 677 6.89 -15.94 24.17
C LEU B 677 6.99 -16.07 25.68
N GLU B 678 7.66 -15.08 26.33
CA GLU B 678 7.81 -15.03 27.78
C GLU B 678 6.45 -14.83 28.47
N LYS B 679 5.62 -13.91 27.94
CA LYS B 679 4.29 -13.61 28.48
C LYS B 679 3.35 -14.82 28.51
N ILE B 680 3.14 -15.55 27.37
CA ILE B 680 2.29 -16.77 27.35
C ILE B 680 2.87 -17.88 28.18
N ALA B 681 4.21 -18.03 28.22
CA ALA B 681 4.86 -19.07 29.04
C ALA B 681 4.57 -18.85 30.52
N ARG B 682 4.52 -17.58 30.97
CA ARG B 682 4.19 -17.19 32.34
C ARG B 682 2.71 -17.52 32.64
N ILE B 683 1.79 -17.12 31.74
CA ILE B 683 0.37 -17.39 31.85
C ILE B 683 0.08 -18.90 31.90
N ARG B 684 0.68 -19.66 30.98
CA ARG B 684 0.50 -21.10 30.90
C ARG B 684 1.12 -21.86 32.09
N SER B 685 2.03 -21.20 32.85
CA SER B 685 2.63 -21.75 34.06
C SER B 685 1.60 -21.68 35.21
N TRP B 686 0.56 -20.79 35.08
CA TRP B 686 -0.51 -20.62 36.07
C TRP B 686 -1.61 -21.68 35.95
N TYR B 687 -1.65 -22.43 34.83
CA TYR B 687 -2.63 -23.48 34.62
C TYR B 687 -2.34 -24.66 35.57
N PRO B 688 -3.40 -25.32 36.10
CA PRO B 688 -3.17 -26.53 36.90
C PRO B 688 -2.26 -27.47 36.12
N ALA B 689 -1.34 -28.16 36.78
CA ALA B 689 -0.41 -29.08 36.13
C ALA B 689 -1.11 -30.19 35.32
N SER B 690 -2.33 -30.56 35.72
CA SER B 690 -3.08 -31.61 35.03
C SER B 690 -3.78 -31.08 33.78
N VAL B 691 -3.83 -29.76 33.60
CA VAL B 691 -4.40 -29.18 32.39
C VAL B 691 -3.47 -29.44 31.17
N ASP B 692 -4.04 -29.96 30.12
CA ASP B 692 -3.29 -30.20 28.90
C ASP B 692 -3.39 -28.90 28.06
N HIS B 693 -2.26 -28.21 27.91
CA HIS B 693 -2.07 -26.97 27.15
C HIS B 693 -2.53 -27.08 25.70
N GLU B 694 -2.53 -28.30 25.15
CA GLU B 694 -2.98 -28.57 23.78
C GLU B 694 -4.49 -28.78 23.69
N ASP B 695 -5.19 -28.93 24.83
CA ASP B 695 -6.65 -29.11 24.87
C ASP B 695 -7.31 -27.73 24.98
N ASP B 696 -7.85 -27.22 23.86
CA ASP B 696 -8.45 -25.89 23.76
C ASP B 696 -9.67 -25.67 24.63
N ARG B 697 -10.60 -26.64 24.64
CA ARG B 697 -11.81 -26.55 25.45
C ARG B 697 -11.44 -26.52 26.94
N GLN B 698 -10.52 -27.37 27.36
CA GLN B 698 -10.10 -27.41 28.76
C GLN B 698 -9.48 -26.08 29.19
N VAL B 699 -8.59 -25.51 28.36
CA VAL B 699 -7.91 -24.25 28.65
C VAL B 699 -8.91 -23.11 28.74
N ALA B 700 -9.76 -22.94 27.69
CA ALA B 700 -10.78 -21.90 27.67
C ALA B 700 -11.69 -22.01 28.91
N THR B 701 -12.20 -23.24 29.23
CA THR B 701 -13.06 -23.52 30.41
C THR B 701 -12.37 -23.13 31.73
N TRP B 702 -11.10 -23.54 31.93
CA TRP B 702 -10.39 -23.21 33.17
C TRP B 702 -10.18 -21.70 33.31
N ILE B 703 -9.80 -20.99 32.21
CA ILE B 703 -9.58 -19.53 32.26
C ILE B 703 -10.87 -18.83 32.68
N GLU B 704 -11.97 -19.19 32.03
CA GLU B 704 -13.28 -18.60 32.27
C GLU B 704 -13.80 -18.86 33.69
N GLU B 705 -13.53 -20.06 34.26
CA GLU B 705 -13.89 -20.37 35.64
C GLU B 705 -12.98 -19.59 36.62
N ASN B 706 -11.79 -19.16 36.17
CA ASN B 706 -10.81 -18.49 37.03
C ASN B 706 -10.38 -17.07 36.64
N TYR B 707 -11.15 -16.32 35.84
CA TYR B 707 -10.76 -14.94 35.45
C TYR B 707 -10.41 -14.06 36.69
N LYS B 708 -11.26 -14.11 37.72
CA LYS B 708 -11.08 -13.31 38.93
C LYS B 708 -9.88 -13.80 39.77
N THR B 709 -9.63 -15.12 39.83
CA THR B 709 -8.46 -15.70 40.51
C THR B 709 -7.17 -15.26 39.78
N LEU B 710 -7.23 -15.31 38.42
CA LEU B 710 -6.14 -14.92 37.52
C LEU B 710 -5.88 -13.41 37.67
N ASP B 711 -6.94 -12.62 37.82
CA ASP B 711 -6.84 -11.17 38.08
C ASP B 711 -6.13 -10.88 39.42
N ASP B 712 -6.35 -11.72 40.46
CA ASP B 712 -5.66 -11.59 41.75
C ASP B 712 -4.20 -11.94 41.56
N LYS B 713 -3.92 -12.98 40.76
CA LYS B 713 -2.54 -13.40 40.47
C LYS B 713 -1.81 -12.26 39.75
N LEU B 714 -2.44 -11.63 38.75
CA LEU B 714 -1.86 -10.49 37.99
C LEU B 714 -1.51 -9.30 38.91
N LYS B 715 -2.45 -8.91 39.78
CA LYS B 715 -2.30 -7.82 40.75
C LYS B 715 -1.33 -8.18 41.88
N GLY B 716 -1.28 -9.45 42.24
CA GLY B 716 -0.42 -9.95 43.32
C GLY B 716 1.01 -10.17 42.89
N LEU B 717 1.21 -11.02 41.87
CA LEU B 717 2.51 -11.34 41.27
C LEU B 717 2.88 -10.17 40.35
N LYS B 718 3.17 -9.05 41.03
CA LYS B 718 3.56 -7.71 40.60
C LYS B 718 3.80 -6.97 41.93
N LEU B 719 4.70 -7.53 42.79
CA LEU B 719 5.00 -7.01 44.12
C LEU B 719 6.28 -6.19 44.18
C1 3W7 C . -13.33 23.90 -11.92
C2 3W7 C . -14.46 24.34 -12.56
C3 3W7 C . -11.86 24.62 -13.73
C4 3W7 C . -13.27 25.69 -15.62
C5 3W7 C . -7.33 19.07 -15.94
C6 3W7 C . -13.00 25.06 -14.37
C7 3W7 C . -12.08 24.03 -12.49
C8 3W7 C . -7.97 19.00 -14.68
C9 3W7 C . -14.25 24.91 -13.79
C10 3W7 C . -8.67 17.82 -14.69
C11 3W7 C . -9.49 17.37 -13.60
C12 3W7 C . -10.94 23.52 -11.71
C13 3W7 C . -7.95 19.93 -13.54
C14 3W7 C . -9.46 18.28 -12.40
C15 3W7 C . -9.07 20.48 -11.38
C16 3W7 C . -10.49 20.30 -13.40
C17 3W7 C . -9.02 22.00 -11.51
C18 3W7 C . -10.53 21.81 -13.49
C19 3W7 C . -9.23 19.76 -12.71
C20 3W7 C . -7.90 15.03 -16.88
C21 3W7 C . -9.94 16.28 -17.59
C22 3W7 C . -8.98 16.02 -16.46
N23 3W7 C . -14.57 25.93 -15.80
N24 3W7 C . -7.61 18.02 -16.70
N25 3W7 C . -15.13 25.45 -14.68
N26 3W7 C . -8.44 17.27 -15.94
N27 3W7 C . -10.18 22.48 -12.24
O28 3W7 C . -10.17 16.35 -13.62
O29 3W7 C . -10.73 24.08 -10.64
C1 3W7 D . 4.17 -24.87 -12.36
C2 3W7 D . 4.89 -25.45 -13.38
C3 3W7 D . 2.02 -25.72 -13.12
C4 3W7 D . 2.34 -27.08 -15.28
C5 3W7 D . -3.52 -20.80 -13.30
C6 3W7 D . 2.72 -26.30 -14.16
C7 3W7 D . 2.80 -24.99 -12.25
C8 3W7 D . -2.31 -20.47 -12.63
C9 3W7 D . 4.10 -26.16 -14.25
C10 3W7 D . -1.85 -19.33 -13.23
C11 3W7 D . -0.61 -18.67 -12.84
C12 3W7 D . 2.16 -24.37 -11.08
C13 3W7 D . -1.62 -21.17 -11.54
C14 3W7 D . 0.12 -19.34 -11.69
C15 3W7 D . 0.49 -21.31 -10.27
C16 3W7 D . 0.59 -21.55 -12.76
C17 3W7 D . 0.57 -22.84 -10.10
C18 3W7 D . 0.66 -23.06 -12.59
C19 3W7 D . -0.12 -20.86 -11.58
C20 3W7 D . -3.98 -17.09 -15.09
C21 3W7 D . -2.52 -18.44 -16.56
C22 3W7 D . -2.72 -17.91 -15.15
N23 3W7 D . 3.40 -27.42 -16.00
N24 3W7 D . -3.78 -19.90 -14.26
N25 3W7 D . 4.45 -26.87 -15.37
N26 3W7 D . -2.77 -19.02 -14.21
N27 3W7 D . 1.13 -23.48 -11.28
O28 3W7 D . -0.17 -17.66 -13.37
O29 3W7 D . 2.60 -24.69 -9.98
#